data_2VE6
#
_entry.id   2VE6
#
_cell.length_a   52.240
_cell.length_b   103.870
_cell.length_c   168.810
_cell.angle_alpha   90.00
_cell.angle_beta   90.83
_cell.angle_gamma   90.00
#
_symmetry.space_group_name_H-M   'P 1 21 1'
#
loop_
_entity.id
_entity.type
_entity.pdbx_description
1 polymer 'H-2 CLASS I HISTOCOMPATIBILITY ANTIGEN D-B ALPHA CHAIN'
2 polymer BETA-2-MICROGLOBULIN
3 polymer 'SENDAI VIRUS EPITOPE RESIDUES 324-332 MODIFIED AT P7'
4 water water
#
loop_
_entity_poly.entity_id
_entity_poly.type
_entity_poly.pdbx_seq_one_letter_code
_entity_poly.pdbx_strand_id
1 'polypeptide(L)'
;GPHSMRYFETAVSRPGLEEPRYISVGYVDNKEFVRFDSDAENPRYEPRAPWMEQEGPEYWERETQKAKGQEQWFRVSLRN
LLGYYNQSAGGSHTLQQMSGCDLGSDWRLLRGYLQFAYEGRDYIALNEDLKTWTAADMAAQITRRKWEQSGAAEHYKAYL
EGECVEWLHRYLKNGNATLLRTDSPKAHVTHHPRSKGEVTLRCWALGFYPADITLTWQLNGEELTQDMELVETRPAGDGT
FQKWASVVVPLGKEQNYTCRVYHEGLPEPLTLRWEPP
;
A,D,G,J
2 'polypeptide(L)'
;MQKTPQIQVYSRHPPENGKPNILNCYVTQFHPPHIEIQMLKNGKKIPKVEMSDMSFSKDWSFYILAHTEFTPTETDTYAC
RVKHASMAEPKTVYWDRDM
;
B,E,H,K
3 'polypeptide(L)' FAPGNY(PRQ)AL C,F,I,L
#
# COMPACT_ATOMS: atom_id res chain seq x y z
N GLY A 1 -18.61 6.79 26.32
CA GLY A 1 -19.08 6.64 27.73
C GLY A 1 -19.65 5.25 27.99
N PRO A 2 -20.89 5.01 27.52
CA PRO A 2 -21.53 3.70 27.71
C PRO A 2 -20.93 2.64 26.79
N HIS A 3 -20.66 1.44 27.32
CA HIS A 3 -20.18 0.32 26.51
C HIS A 3 -21.27 -0.09 25.53
N SER A 4 -20.86 -0.63 24.37
CA SER A 4 -21.83 -0.98 23.33
C SER A 4 -21.39 -2.13 22.43
N MET A 5 -22.37 -2.80 21.81
CA MET A 5 -22.14 -3.76 20.74
C MET A 5 -23.01 -3.36 19.55
N ARG A 6 -22.53 -3.62 18.34
CA ARG A 6 -23.30 -3.38 17.11
C ARG A 6 -23.01 -4.42 16.06
N TYR A 7 -24.04 -4.85 15.33
CA TYR A 7 -23.86 -5.61 14.10
C TYR A 7 -24.38 -4.78 12.92
N PHE A 8 -23.46 -4.44 12.01
CA PHE A 8 -23.77 -3.66 10.81
C PHE A 8 -23.82 -4.63 9.64
N GLU A 9 -25.00 -4.84 9.07
CA GLU A 9 -25.18 -5.82 7.99
C GLU A 9 -25.58 -5.13 6.69
N THR A 10 -25.04 -5.61 5.58
CA THR A 10 -25.32 -5.04 4.26
C THR A 10 -25.59 -6.16 3.26
N ALA A 11 -26.61 -5.98 2.42
CA ALA A 11 -26.84 -6.84 1.28
C ALA A 11 -26.88 -6.01 0.02
N VAL A 12 -26.06 -6.38 -0.97
CA VAL A 12 -26.03 -5.69 -2.27
C VAL A 12 -26.37 -6.68 -3.38
N SER A 13 -27.41 -6.36 -4.15
CA SER A 13 -27.75 -7.15 -5.33
C SER A 13 -27.01 -6.60 -6.55
N ARG A 14 -27.03 -7.36 -7.64
CA ARG A 14 -26.22 -7.03 -8.81
C ARG A 14 -26.70 -7.80 -10.06
N PRO A 15 -26.58 -7.18 -11.24
CA PRO A 15 -27.05 -7.81 -12.48
C PRO A 15 -26.29 -9.10 -12.81
N GLY A 16 -27.02 -10.14 -13.21
CA GLY A 16 -26.43 -11.43 -13.57
C GLY A 16 -26.46 -12.44 -12.43
N LEU A 17 -25.79 -12.10 -11.33
CA LEU A 17 -25.69 -13.01 -10.16
C LEU A 17 -27.04 -13.13 -9.46
N GLU A 18 -27.46 -14.36 -9.19
CA GLU A 18 -28.71 -14.60 -8.46
C GLU A 18 -28.51 -14.33 -6.98
N GLU A 19 -27.38 -14.79 -6.45
CA GLU A 19 -27.00 -14.53 -5.06
C GLU A 19 -26.46 -13.11 -4.93
N PRO A 20 -27.01 -12.32 -4.00
CA PRO A 20 -26.43 -11.00 -3.69
C PRO A 20 -25.25 -11.08 -2.71
N ARG A 21 -24.43 -10.03 -2.70
CA ARG A 21 -23.28 -9.91 -1.80
C ARG A 21 -23.75 -9.56 -0.38
N TYR A 22 -23.44 -10.42 0.59
CA TYR A 22 -23.78 -10.16 1.99
C TYR A 22 -22.54 -9.98 2.86
N ILE A 23 -22.51 -8.90 3.64
CA ILE A 23 -21.43 -8.65 4.59
C ILE A 23 -21.98 -8.25 5.96
N SER A 24 -21.49 -8.90 7.00
CA SER A 24 -21.83 -8.54 8.38
C SER A 24 -20.56 -8.21 9.15
N VAL A 25 -20.58 -7.07 9.84
CA VAL A 25 -19.46 -6.64 10.67
C VAL A 25 -19.96 -6.41 12.09
N GLY A 26 -19.24 -6.95 13.07
CA GLY A 26 -19.59 -6.81 14.47
C GLY A 26 -18.64 -5.87 15.18
N TYR A 27 -19.19 -4.99 16.01
CA TYR A 27 -18.39 -4.01 16.76
C TYR A 27 -18.59 -4.17 18.25
N VAL A 28 -17.51 -3.99 19.01
CA VAL A 28 -17.58 -3.86 20.47
C VAL A 28 -16.87 -2.56 20.85
N ASP A 29 -17.60 -1.66 21.50
CA ASP A 29 -17.12 -0.31 21.81
C ASP A 29 -16.50 0.35 20.57
N ASN A 30 -17.26 0.34 19.48
CA ASN A 30 -16.85 0.94 18.20
C ASN A 30 -15.62 0.32 17.53
N LYS A 31 -15.13 -0.80 18.07
CA LYS A 31 -13.98 -1.48 17.53
C LYS A 31 -14.45 -2.78 16.89
N GLU A 32 -14.11 -2.94 15.60
CA GLU A 32 -14.46 -4.12 14.84
C GLU A 32 -13.82 -5.38 15.44
N PHE A 33 -14.63 -6.39 15.73
CA PHE A 33 -14.14 -7.64 16.35
C PHE A 33 -14.46 -8.92 15.58
N VAL A 34 -15.54 -8.91 14.79
CA VAL A 34 -15.86 -10.04 13.91
C VAL A 34 -16.37 -9.57 12.56
N ARG A 35 -16.22 -10.42 11.54
CA ARG A 35 -16.71 -10.11 10.20
C ARG A 35 -17.13 -11.35 9.43
N PHE A 36 -18.16 -11.20 8.60
CA PHE A 36 -18.60 -12.23 7.67
C PHE A 36 -18.75 -11.59 6.30
N ASP A 37 -18.34 -12.32 5.26
CA ASP A 37 -18.44 -11.86 3.87
C ASP A 37 -18.75 -13.04 2.96
N SER A 38 -19.78 -12.89 2.14
CA SER A 38 -20.26 -13.98 1.29
C SER A 38 -19.30 -14.36 0.16
N ASP A 39 -18.45 -13.41 -0.25
CA ASP A 39 -17.52 -13.64 -1.37
C ASP A 39 -16.13 -14.12 -0.91
N ALA A 40 -16.01 -14.48 0.36
CA ALA A 40 -14.77 -15.04 0.88
C ALA A 40 -14.59 -16.47 0.39
N GLU A 41 -13.34 -16.91 0.32
CA GLU A 41 -12.99 -18.25 -0.16
C GLU A 41 -13.87 -19.32 0.52
N ASN A 42 -13.88 -19.30 1.84
CA ASN A 42 -14.72 -20.18 2.65
C ASN A 42 -15.54 -19.33 3.63
N PRO A 43 -16.73 -18.87 3.20
CA PRO A 43 -17.49 -17.89 3.99
C PRO A 43 -17.84 -18.34 5.41
N ARG A 44 -17.27 -17.65 6.40
CA ARG A 44 -17.66 -17.82 7.80
C ARG A 44 -17.34 -16.55 8.59
N TYR A 45 -17.87 -16.47 9.81
CA TYR A 45 -17.54 -15.37 10.72
C TYR A 45 -16.10 -15.52 11.20
N GLU A 46 -15.27 -14.55 10.84
CA GLU A 46 -13.85 -14.56 11.20
C GLU A 46 -13.61 -13.63 12.39
N PRO A 47 -12.63 -13.95 13.24
CA PRO A 47 -12.24 -13.02 14.30
C PRO A 47 -11.40 -11.90 13.73
N ARG A 48 -11.70 -10.66 14.14
CA ARG A 48 -10.94 -9.49 13.70
C ARG A 48 -10.33 -8.72 14.87
N ALA A 49 -10.34 -9.35 16.05
CA ALA A 49 -9.63 -8.83 17.21
C ALA A 49 -8.89 -10.01 17.83
N PRO A 50 -7.68 -9.76 18.37
CA PRO A 50 -6.88 -10.86 18.91
C PRO A 50 -7.54 -11.55 20.11
N TRP A 51 -8.37 -10.82 20.84
CA TRP A 51 -9.06 -11.37 22.02
C TRP A 51 -10.25 -12.29 21.70
N MET A 52 -10.65 -12.35 20.42
CA MET A 52 -11.73 -13.27 20.00
C MET A 52 -11.21 -14.66 19.63
N GLU A 53 -9.89 -14.81 19.50
CA GLU A 53 -9.27 -16.09 19.15
C GLU A 53 -9.63 -17.21 20.13
N GLN A 54 -9.87 -16.84 21.39
CA GLN A 54 -10.15 -17.83 22.44
C GLN A 54 -11.56 -18.45 22.41
N GLU A 55 -12.41 -18.00 21.49
CA GLU A 55 -13.72 -18.64 21.29
C GLU A 55 -13.56 -19.98 20.59
N GLY A 56 -14.34 -20.97 21.01
CA GLY A 56 -14.23 -22.34 20.49
C GLY A 56 -14.83 -22.50 19.10
N PRO A 57 -14.52 -23.62 18.42
CA PRO A 57 -15.07 -23.88 17.09
C PRO A 57 -16.60 -23.90 17.05
N GLU A 58 -17.23 -24.31 18.15
CA GLU A 58 -18.68 -24.37 18.23
C GLU A 58 -19.32 -22.98 18.17
N TYR A 59 -18.65 -21.99 18.78
CA TYR A 59 -19.11 -20.59 18.72
C TYR A 59 -19.21 -20.12 17.27
N TRP A 60 -18.18 -20.42 16.49
CA TRP A 60 -18.09 -19.93 15.10
C TRP A 60 -19.08 -20.58 14.14
N GLU A 61 -19.44 -21.84 14.39
CA GLU A 61 -20.42 -22.53 13.54
C GLU A 61 -21.84 -22.01 13.79
N ARG A 62 -22.15 -21.65 15.04
CA ARG A 62 -23.42 -21.01 15.37
C ARG A 62 -23.55 -19.66 14.66
N GLU A 63 -22.49 -18.86 14.72
CA GLU A 63 -22.49 -17.53 14.11
C GLU A 63 -22.60 -17.60 12.60
N THR A 64 -21.84 -18.51 12.00
CA THR A 64 -21.87 -18.72 10.55
C THR A 64 -23.26 -19.19 10.10
N GLN A 65 -23.87 -20.07 10.89
CA GLN A 65 -25.24 -20.54 10.62
C GLN A 65 -26.22 -19.36 10.56
N LYS A 66 -26.12 -18.44 11.52
CA LYS A 66 -26.98 -17.25 11.54
C LYS A 66 -26.73 -16.36 10.32
N ALA A 67 -25.48 -16.27 9.89
CA ALA A 67 -25.12 -15.52 8.68
C ALA A 67 -25.84 -16.08 7.46
N LYS A 68 -25.93 -17.40 7.39
CA LYS A 68 -26.59 -18.08 6.26
C LYS A 68 -28.09 -17.78 6.26
N GLY A 69 -28.69 -17.76 7.45
CA GLY A 69 -30.08 -17.37 7.62
C GLY A 69 -30.32 -15.95 7.17
N GLN A 70 -29.42 -15.04 7.58
CA GLN A 70 -29.54 -13.62 7.24
C GLN A 70 -29.41 -13.39 5.73
N GLU A 71 -28.50 -14.11 5.08
CA GLU A 71 -28.37 -14.06 3.62
C GLU A 71 -29.71 -14.34 2.94
N GLN A 72 -30.38 -15.39 3.39
CA GLN A 72 -31.68 -15.78 2.84
C GLN A 72 -32.75 -14.72 3.14
N TRP A 73 -32.70 -14.17 4.34
CA TRP A 73 -33.62 -13.11 4.76
C TRP A 73 -33.42 -11.82 3.95
N PHE A 74 -32.16 -11.43 3.78
CA PHE A 74 -31.84 -10.23 3.00
C PHE A 74 -32.22 -10.42 1.53
N ARG A 75 -31.98 -11.61 1.00
CA ARG A 75 -32.32 -11.90 -0.40
C ARG A 75 -33.82 -11.70 -0.64
N VAL A 76 -34.63 -12.31 0.21
CA VAL A 76 -36.08 -12.22 0.07
C VAL A 76 -36.56 -10.76 0.21
N SER A 77 -35.99 -10.04 1.19
CA SER A 77 -36.36 -8.65 1.43
C SER A 77 -35.98 -7.73 0.26
N LEU A 78 -34.79 -7.93 -0.31
CA LEU A 78 -34.39 -7.18 -1.51
C LEU A 78 -35.38 -7.37 -2.64
N ARG A 79 -35.94 -8.56 -2.76
CA ARG A 79 -36.90 -8.85 -3.82
C ARG A 79 -38.24 -8.17 -3.54
N ASN A 80 -38.73 -8.26 -2.31
CA ASN A 80 -39.96 -7.58 -1.90
C ASN A 80 -39.83 -6.06 -2.08
N LEU A 81 -38.73 -5.51 -1.56
CA LEU A 81 -38.43 -4.09 -1.71
C LEU A 81 -38.47 -3.61 -3.16
N LEU A 82 -37.89 -4.40 -4.06
CA LEU A 82 -37.91 -4.09 -5.50
C LEU A 82 -39.35 -3.94 -6.00
N GLY A 83 -40.23 -4.81 -5.53
CA GLY A 83 -41.65 -4.73 -5.86
C GLY A 83 -42.36 -3.55 -5.21
N TYR A 84 -42.03 -3.29 -3.94
CA TYR A 84 -42.67 -2.17 -3.22
C TYR A 84 -42.42 -0.81 -3.87
N TYR A 85 -41.21 -0.64 -4.41
CA TYR A 85 -40.82 0.63 -5.03
C TYR A 85 -40.92 0.60 -6.56
N ASN A 86 -41.60 -0.42 -7.09
CA ASN A 86 -41.94 -0.48 -8.50
C ASN A 86 -40.71 -0.34 -9.40
N GLN A 87 -39.64 -1.05 -9.03
CA GLN A 87 -38.36 -0.94 -9.71
C GLN A 87 -38.18 -2.08 -10.71
N SER A 88 -37.43 -1.80 -11.78
CA SER A 88 -37.21 -2.77 -12.84
C SER A 88 -36.13 -3.78 -12.46
N ALA A 89 -36.20 -4.96 -13.08
CA ALA A 89 -35.24 -6.03 -12.83
C ALA A 89 -33.86 -5.69 -13.37
N GLY A 90 -32.87 -6.48 -12.96
CA GLY A 90 -31.51 -6.36 -13.48
C GLY A 90 -30.70 -5.15 -13.02
N GLY A 91 -31.15 -4.50 -11.94
CA GLY A 91 -30.44 -3.35 -11.39
C GLY A 91 -29.54 -3.74 -10.22
N SER A 92 -29.06 -2.73 -9.50
CA SER A 92 -28.23 -2.95 -8.32
C SER A 92 -28.78 -2.13 -7.15
N HIS A 93 -28.97 -2.78 -6.01
CA HIS A 93 -29.62 -2.15 -4.85
C HIS A 93 -29.01 -2.57 -3.52
N THR A 94 -29.19 -1.73 -2.51
CA THR A 94 -28.61 -1.95 -1.18
C THR A 94 -29.69 -2.11 -0.12
N LEU A 95 -29.48 -3.07 0.80
CA LEU A 95 -30.29 -3.19 2.01
C LEU A 95 -29.37 -3.24 3.21
N GLN A 96 -29.54 -2.29 4.14
CA GLN A 96 -28.65 -2.15 5.29
C GLN A 96 -29.40 -2.37 6.60
N GLN A 97 -28.70 -2.91 7.60
CA GLN A 97 -29.28 -3.14 8.91
C GLN A 97 -28.28 -2.77 10.00
N MET A 98 -28.77 -2.07 11.02
CA MET A 98 -27.99 -1.79 12.22
C MET A 98 -28.72 -2.34 13.42
N SER A 99 -28.08 -3.28 14.10
CA SER A 99 -28.61 -3.86 15.33
C SER A 99 -27.57 -3.68 16.42
N GLY A 100 -28.03 -3.51 17.66
CA GLY A 100 -27.14 -3.43 18.81
C GLY A 100 -27.75 -2.96 20.12
N CYS A 101 -26.92 -2.87 21.15
CA CYS A 101 -27.37 -2.46 22.47
C CYS A 101 -26.32 -1.58 23.19
N ASP A 102 -26.82 -0.61 23.96
CA ASP A 102 -25.97 0.22 24.83
C ASP A 102 -26.10 -0.26 26.27
N LEU A 103 -24.99 -0.19 27.01
CA LEU A 103 -25.00 -0.49 28.45
C LEU A 103 -24.64 0.75 29.26
N GLY A 104 -25.30 0.91 30.42
CA GLY A 104 -24.94 1.96 31.36
C GLY A 104 -23.67 1.60 32.10
N SER A 105 -23.02 2.59 32.73
CA SER A 105 -21.84 2.34 33.56
C SER A 105 -22.11 1.27 34.63
N ASP A 106 -23.38 1.10 35.00
CA ASP A 106 -23.80 0.03 35.91
C ASP A 106 -23.87 -1.37 35.28
N TRP A 107 -23.51 -1.49 34.01
CA TRP A 107 -23.49 -2.78 33.29
C TRP A 107 -24.87 -3.44 33.18
N ARG A 108 -25.75 -2.78 32.42
CA ARG A 108 -27.08 -3.34 32.10
C ARG A 108 -27.67 -2.54 30.93
N LEU A 109 -28.76 -3.03 30.34
CA LEU A 109 -29.32 -2.44 29.10
C LEU A 109 -29.77 -0.99 29.27
N LEU A 110 -29.19 -0.11 28.45
CA LEU A 110 -29.54 1.31 28.46
C LEU A 110 -30.48 1.64 27.30
N ARG A 111 -30.02 1.38 26.07
N ARG A 111 -30.05 1.29 26.08
CA ARG A 111 -30.84 1.58 24.86
CA ARG A 111 -30.78 1.60 24.86
C ARG A 111 -30.60 0.44 23.88
C ARG A 111 -30.57 0.49 23.84
N GLY A 112 -31.65 0.04 23.20
CA GLY A 112 -31.59 -0.99 22.16
C GLY A 112 -31.81 -0.40 20.78
N TYR A 113 -31.16 -1.00 19.78
CA TYR A 113 -31.23 -0.50 18.40
C TYR A 113 -31.60 -1.60 17.42
N LEU A 114 -32.48 -1.27 16.48
CA LEU A 114 -32.83 -2.16 15.38
C LEU A 114 -33.47 -1.34 14.29
N GLN A 115 -32.74 -1.11 13.20
CA GLN A 115 -33.21 -0.25 12.12
C GLN A 115 -32.66 -0.67 10.77
N PHE A 116 -33.46 -0.41 9.73
CA PHE A 116 -33.17 -0.84 8.37
C PHE A 116 -33.20 0.35 7.42
N ALA A 117 -32.42 0.26 6.35
CA ALA A 117 -32.39 1.29 5.32
C ALA A 117 -32.37 0.64 3.94
N TYR A 118 -32.93 1.33 2.96
CA TYR A 118 -32.94 0.85 1.57
C TYR A 118 -32.40 1.95 0.65
N GLU A 119 -31.41 1.60 -0.18
CA GLU A 119 -30.68 2.56 -1.01
C GLU A 119 -30.03 3.67 -0.17
N GLY A 120 -29.63 3.33 1.06
CA GLY A 120 -29.03 4.29 1.97
C GLY A 120 -29.99 5.25 2.64
N ARG A 121 -31.29 5.08 2.41
CA ARG A 121 -32.33 5.90 3.03
C ARG A 121 -33.09 5.08 4.07
N ASP A 122 -33.52 5.73 5.15
CA ASP A 122 -34.30 5.05 6.21
C ASP A 122 -35.51 4.32 5.63
N TYR A 123 -35.70 3.08 6.05
CA TYR A 123 -36.90 2.33 5.70
C TYR A 123 -37.78 2.12 6.92
N ILE A 124 -37.30 1.34 7.88
CA ILE A 124 -38.05 1.09 9.12
C ILE A 124 -37.10 0.92 10.31
N ALA A 125 -37.55 1.37 11.48
CA ALA A 125 -36.73 1.30 12.68
C ALA A 125 -37.57 0.89 13.88
N LEU A 126 -37.03 -0.01 14.71
CA LEU A 126 -37.64 -0.33 15.98
C LEU A 126 -37.47 0.87 16.88
N ASN A 127 -38.56 1.29 17.53
CA ASN A 127 -38.52 2.43 18.43
C ASN A 127 -37.80 2.12 19.74
N GLU A 128 -37.50 3.18 20.48
CA GLU A 128 -36.77 3.09 21.75
C GLU A 128 -37.53 2.33 22.83
N ASP A 129 -38.85 2.25 22.71
CA ASP A 129 -39.67 1.42 23.60
C ASP A 129 -39.53 -0.09 23.31
N LEU A 130 -38.88 -0.43 22.19
CA LEU A 130 -38.72 -1.81 21.75
C LEU A 130 -40.06 -2.54 21.58
N LYS A 131 -41.10 -1.76 21.27
CA LYS A 131 -42.48 -2.26 21.16
C LYS A 131 -43.14 -1.85 19.85
N THR A 132 -42.84 -0.65 19.36
CA THR A 132 -43.47 -0.08 18.17
C THR A 132 -42.43 0.28 17.10
N TRP A 133 -42.92 0.53 15.88
CA TRP A 133 -42.06 0.76 14.71
C TRP A 133 -42.30 2.13 14.07
N THR A 134 -41.23 2.71 13.52
CA THR A 134 -41.32 3.96 12.76
C THR A 134 -40.98 3.70 11.28
N ALA A 135 -41.99 3.80 10.42
CA ALA A 135 -41.83 3.61 8.98
C ALA A 135 -41.60 4.96 8.27
N ALA A 136 -40.58 5.01 7.42
CA ALA A 136 -40.16 6.26 6.78
C ALA A 136 -41.10 6.72 5.67
N ASP A 137 -41.77 5.78 5.00
CA ASP A 137 -42.69 6.11 3.91
C ASP A 137 -43.79 5.04 3.79
N MET A 138 -44.53 5.05 2.68
CA MET A 138 -45.65 4.12 2.49
C MET A 138 -45.20 2.65 2.36
N ALA A 139 -44.13 2.41 1.61
CA ALA A 139 -43.57 1.06 1.50
C ALA A 139 -43.37 0.45 2.89
N ALA A 140 -42.70 1.20 3.76
CA ALA A 140 -42.40 0.75 5.12
C ALA A 140 -43.63 0.56 6.01
N GLN A 141 -44.76 1.17 5.64
CA GLN A 141 -46.01 1.00 6.36
C GLN A 141 -46.55 -0.41 6.13
N ILE A 142 -46.33 -0.93 4.92
CA ILE A 142 -46.76 -2.29 4.59
C ILE A 142 -45.96 -3.29 5.41
N THR A 143 -44.66 -3.05 5.56
CA THR A 143 -43.81 -3.88 6.41
C THR A 143 -44.26 -3.77 7.88
N ARG A 144 -44.66 -2.57 8.27
CA ARG A 144 -45.07 -2.31 9.66
C ARG A 144 -46.25 -3.19 10.04
N ARG A 145 -47.32 -3.15 9.24
CA ARG A 145 -48.53 -3.92 9.53
C ARG A 145 -48.23 -5.40 9.66
N LYS A 146 -47.49 -5.94 8.69
CA LYS A 146 -47.10 -7.34 8.66
C LYS A 146 -46.33 -7.72 9.94
N TRP A 147 -45.39 -6.85 10.32
CA TRP A 147 -44.57 -7.06 11.51
C TRP A 147 -45.33 -6.85 12.82
N GLU A 148 -46.29 -5.93 12.82
CA GLU A 148 -47.16 -5.72 13.98
C GLU A 148 -47.98 -6.96 14.29
N GLN A 149 -48.54 -7.55 13.23
N GLN A 149 -48.53 -7.59 13.25
CA GLN A 149 -49.33 -8.78 13.31
CA GLN A 149 -49.36 -8.78 13.41
C GLN A 149 -48.53 -9.96 13.87
C GLN A 149 -48.55 -10.01 13.86
N SER A 150 -47.34 -10.17 13.32
CA SER A 150 -46.51 -11.33 13.65
C SER A 150 -45.80 -11.23 15.00
N GLY A 151 -45.74 -10.03 15.57
CA GLY A 151 -45.04 -9.82 16.83
C GLY A 151 -43.53 -9.86 16.64
N ALA A 152 -43.06 -9.19 15.60
CA ALA A 152 -41.63 -9.14 15.30
C ALA A 152 -40.86 -8.31 16.35
N ALA A 153 -41.51 -7.29 16.89
CA ALA A 153 -40.90 -6.42 17.89
C ALA A 153 -40.45 -7.20 19.12
N GLU A 154 -41.31 -8.08 19.61
CA GLU A 154 -41.02 -8.92 20.78
C GLU A 154 -39.76 -9.75 20.57
N HIS A 155 -39.61 -10.29 19.36
CA HIS A 155 -38.45 -11.12 19.02
C HIS A 155 -37.14 -10.36 19.17
N TYR A 156 -37.07 -9.18 18.58
CA TYR A 156 -35.87 -8.34 18.65
C TYR A 156 -35.66 -7.75 20.05
N LYS A 157 -36.77 -7.55 20.77
CA LYS A 157 -36.69 -7.05 22.15
C LYS A 157 -35.99 -8.07 23.05
N ALA A 158 -36.37 -9.34 22.89
CA ALA A 158 -35.73 -10.44 23.63
C ALA A 158 -34.24 -10.56 23.30
N TYR A 159 -33.86 -10.21 22.08
CA TYR A 159 -32.45 -10.23 21.67
C TYR A 159 -31.65 -9.08 22.28
N LEU A 160 -32.17 -7.86 22.16
CA LEU A 160 -31.44 -6.67 22.61
C LEU A 160 -31.33 -6.62 24.14
N GLU A 161 -32.33 -7.15 24.84
CA GLU A 161 -32.33 -7.24 26.29
C GLU A 161 -31.64 -8.50 26.80
N GLY A 162 -31.74 -9.59 26.03
CA GLY A 162 -31.19 -10.88 26.42
C GLY A 162 -29.75 -11.07 26.01
N GLU A 163 -29.55 -11.65 24.82
CA GLU A 163 -28.22 -12.10 24.39
C GLU A 163 -27.26 -10.96 24.08
N CYS A 164 -27.77 -9.89 23.47
CA CYS A 164 -26.95 -8.72 23.14
C CYS A 164 -26.17 -8.24 24.36
N VAL A 165 -26.86 -8.09 25.49
CA VAL A 165 -26.26 -7.60 26.73
C VAL A 165 -25.41 -8.68 27.40
N GLU A 166 -25.93 -9.90 27.48
CA GLU A 166 -25.21 -11.02 28.09
C GLU A 166 -23.86 -11.29 27.43
N TRP A 167 -23.84 -11.31 26.10
CA TRP A 167 -22.61 -11.60 25.35
C TRP A 167 -21.64 -10.42 25.32
N LEU A 168 -22.17 -9.20 25.46
CA LEU A 168 -21.31 -8.01 25.55
C LEU A 168 -20.42 -8.09 26.79
N HIS A 169 -20.97 -8.59 27.90
CA HIS A 169 -20.17 -8.81 29.11
C HIS A 169 -18.96 -9.70 28.83
N ARG A 170 -19.18 -10.80 28.12
CA ARG A 170 -18.13 -11.77 27.81
C ARG A 170 -17.05 -11.14 26.95
N TYR A 171 -17.47 -10.36 25.94
CA TYR A 171 -16.53 -9.70 25.04
C TYR A 171 -15.76 -8.59 25.75
N LEU A 172 -16.44 -7.86 26.64
CA LEU A 172 -15.80 -6.82 27.43
C LEU A 172 -14.78 -7.41 28.41
N LYS A 173 -15.15 -8.52 29.05
CA LYS A 173 -14.26 -9.20 29.98
C LYS A 173 -13.04 -9.80 29.29
N ASN A 174 -13.27 -10.46 28.16
CA ASN A 174 -12.18 -11.11 27.42
C ASN A 174 -11.17 -10.13 26.83
N GLY A 175 -11.63 -8.96 26.38
CA GLY A 175 -10.77 -8.00 25.70
C GLY A 175 -10.65 -6.64 26.36
N ASN A 176 -10.74 -6.58 27.69
CA ASN A 176 -10.59 -5.28 28.39
C ASN A 176 -9.15 -4.75 28.38
N ALA A 177 -8.18 -5.62 28.11
CA ALA A 177 -6.78 -5.22 27.98
C ALA A 177 -6.58 -4.22 26.84
N THR A 178 -7.29 -4.42 25.73
CA THR A 178 -7.16 -3.57 24.54
C THR A 178 -8.25 -2.50 24.46
N LEU A 179 -9.45 -2.83 24.93
CA LEU A 179 -10.60 -1.94 24.79
C LEU A 179 -10.53 -0.74 25.72
N LEU A 180 -10.20 -0.97 26.98
CA LEU A 180 -10.12 0.10 27.98
C LEU A 180 -8.82 0.93 27.92
N ARG A 181 -7.98 0.69 26.91
CA ARG A 181 -6.78 1.50 26.71
C ARG A 181 -7.16 2.91 26.25
N THR A 182 -6.31 3.88 26.57
CA THR A 182 -6.51 5.26 26.11
C THR A 182 -5.17 5.92 25.78
N ASP A 183 -4.97 6.19 24.49
CA ASP A 183 -3.80 6.91 24.01
C ASP A 183 -4.12 8.39 23.91
N SER A 184 -3.32 9.22 24.56
CA SER A 184 -3.56 10.65 24.62
C SER A 184 -3.18 11.34 23.30
N PRO A 185 -3.93 12.40 22.93
CA PRO A 185 -3.60 13.17 21.73
C PRO A 185 -2.36 14.04 21.90
N LYS A 186 -1.41 13.93 20.98
CA LYS A 186 -0.27 14.83 20.93
C LYS A 186 -0.66 16.00 20.01
N ALA A 187 -0.79 17.18 20.59
CA ALA A 187 -1.37 18.33 19.89
C ALA A 187 -0.39 19.46 19.61
N HIS A 188 -0.66 20.21 18.54
CA HIS A 188 0.13 21.40 18.20
C HIS A 188 -0.67 22.32 17.26
N VAL A 189 -0.14 23.51 17.02
CA VAL A 189 -0.83 24.52 16.19
C VAL A 189 0.04 24.99 15.03
N THR A 190 -0.56 25.10 13.85
CA THR A 190 0.15 25.62 12.67
C THR A 190 -0.47 26.91 12.18
N HIS A 191 0.34 27.72 11.50
CA HIS A 191 -0.02 29.07 11.07
C HIS A 191 0.17 29.16 9.55
N HIS A 192 -0.87 29.60 8.85
CA HIS A 192 -0.85 29.66 7.38
C HIS A 192 -1.54 30.91 6.83
N PRO A 193 -1.02 31.45 5.72
CA PRO A 193 -1.67 32.62 5.11
C PRO A 193 -2.99 32.23 4.46
N ARG A 194 -3.96 33.16 4.48
CA ARG A 194 -5.30 32.90 3.94
C ARG A 194 -5.69 33.97 2.92
N SER A 195 -5.67 35.23 3.34
CA SER A 195 -5.92 36.36 2.44
C SER A 195 -5.21 37.61 2.96
N LYS A 196 -5.52 38.76 2.36
CA LYS A 196 -4.93 40.03 2.78
C LYS A 196 -5.33 40.39 4.22
N GLY A 197 -4.36 40.32 5.13
CA GLY A 197 -4.59 40.69 6.53
C GLY A 197 -5.41 39.69 7.32
N GLU A 198 -5.42 38.44 6.87
CA GLU A 198 -6.13 37.37 7.56
C GLU A 198 -5.33 36.06 7.50
N VAL A 199 -5.40 35.30 8.59
CA VAL A 199 -4.57 34.12 8.76
C VAL A 199 -5.40 32.95 9.28
N THR A 200 -5.07 31.75 8.79
CA THR A 200 -5.71 30.52 9.25
C THR A 200 -4.83 29.87 10.31
N LEU A 201 -5.37 29.72 11.51
CA LEU A 201 -4.73 28.96 12.57
C LEU A 201 -5.41 27.60 12.64
N ARG A 202 -4.61 26.54 12.64
CA ARG A 202 -5.13 25.17 12.62
C ARG A 202 -4.62 24.41 13.84
N CYS A 203 -5.53 23.78 14.58
CA CYS A 203 -5.20 23.04 15.79
C CYS A 203 -5.21 21.54 15.54
N TRP A 204 -4.07 20.89 15.80
CA TRP A 204 -3.89 19.47 15.47
C TRP A 204 -4.02 18.56 16.69
N ALA A 205 -4.72 17.44 16.52
CA ALA A 205 -4.76 16.37 17.52
C ALA A 205 -4.41 15.08 16.78
N LEU A 206 -3.35 14.41 17.23
CA LEU A 206 -2.84 13.23 16.52
C LEU A 206 -2.52 12.08 17.49
N GLY A 207 -2.72 10.85 17.01
CA GLY A 207 -2.37 9.65 17.76
C GLY A 207 -3.22 9.38 19.00
N PHE A 208 -4.53 9.66 18.90
CA PHE A 208 -5.42 9.48 20.04
C PHE A 208 -6.39 8.31 19.87
N TYR A 209 -6.76 7.71 21.00
CA TYR A 209 -7.73 6.62 21.06
C TYR A 209 -8.48 6.65 22.39
N PRO A 210 -9.81 6.49 22.38
CA PRO A 210 -10.71 6.24 21.26
C PRO A 210 -11.02 7.49 20.43
N ALA A 211 -11.87 7.33 19.42
CA ALA A 211 -12.17 8.41 18.46
C ALA A 211 -12.81 9.64 19.10
N ASP A 212 -13.52 9.43 20.21
CA ASP A 212 -14.22 10.51 20.92
C ASP A 212 -13.23 11.60 21.30
N ILE A 213 -13.54 12.84 20.92
CA ILE A 213 -12.64 13.98 21.13
C ILE A 213 -13.37 15.28 20.78
N THR A 214 -13.03 16.36 21.48
CA THR A 214 -13.56 17.68 21.15
C THR A 214 -12.43 18.70 21.02
N LEU A 215 -12.40 19.40 19.89
CA LEU A 215 -11.45 20.48 19.67
C LEU A 215 -12.23 21.78 19.47
N THR A 216 -11.84 22.82 20.19
CA THR A 216 -12.47 24.14 20.03
C THR A 216 -11.43 25.24 20.16
N TRP A 217 -11.63 26.30 19.39
CA TRP A 217 -10.86 27.53 19.53
C TRP A 217 -11.59 28.45 20.50
N GLN A 218 -10.86 29.44 21.00
CA GLN A 218 -11.41 30.40 21.93
C GLN A 218 -10.71 31.76 21.78
N LEU A 219 -11.46 32.83 22.04
CA LEU A 219 -10.97 34.20 21.93
C LEU A 219 -10.97 34.84 23.32
N ASN A 220 -9.77 35.16 23.81
CA ASN A 220 -9.60 35.76 25.13
C ASN A 220 -10.20 34.90 26.25
N GLY A 221 -10.05 33.58 26.11
CA GLY A 221 -10.58 32.64 27.10
C GLY A 221 -12.04 32.24 26.94
N GLU A 222 -12.73 32.82 25.94
CA GLU A 222 -14.13 32.52 25.67
C GLU A 222 -14.27 31.60 24.46
N GLU A 223 -15.07 30.53 24.62
CA GLU A 223 -15.28 29.55 23.56
C GLU A 223 -15.69 30.21 22.24
N LEU A 224 -15.10 29.73 21.14
CA LEU A 224 -15.32 30.32 19.83
C LEU A 224 -15.49 29.25 18.75
N THR A 225 -16.70 29.14 18.21
CA THR A 225 -17.01 28.19 17.15
C THR A 225 -17.54 28.84 15.86
N GLN A 226 -17.79 30.14 15.89
CA GLN A 226 -18.18 30.88 14.67
C GLN A 226 -17.23 30.60 13.51
N ASP A 227 -17.76 30.00 12.46
CA ASP A 227 -17.00 29.74 11.22
C ASP A 227 -15.75 28.91 11.46
N MET A 228 -15.83 27.93 12.35
CA MET A 228 -14.72 27.04 12.64
C MET A 228 -14.79 25.81 11.73
N GLU A 229 -13.81 25.67 10.85
CA GLU A 229 -13.72 24.49 9.99
C GLU A 229 -13.28 23.33 10.88
N LEU A 230 -14.15 22.32 11.00
CA LEU A 230 -13.89 21.15 11.83
C LEU A 230 -13.97 19.90 10.97
N VAL A 231 -12.81 19.29 10.74
CA VAL A 231 -12.73 18.14 9.84
C VAL A 231 -13.26 16.88 10.51
N GLU A 232 -13.65 15.91 9.68
CA GLU A 232 -14.15 14.62 10.12
C GLU A 232 -13.00 13.81 10.72
N THR A 233 -13.19 13.28 11.93
CA THR A 233 -12.16 12.48 12.60
C THR A 233 -11.79 11.27 11.74
N ARG A 234 -10.50 11.08 11.53
CA ARG A 234 -9.99 10.13 10.53
C ARG A 234 -8.95 9.18 11.13
N PRO A 235 -8.91 7.93 10.66
CA PRO A 235 -8.02 6.92 11.22
C PRO A 235 -6.57 7.09 10.76
N ALA A 236 -5.63 6.97 11.69
CA ALA A 236 -4.22 6.97 11.34
C ALA A 236 -3.84 5.67 10.62
N GLY A 237 -4.57 4.59 10.90
CA GLY A 237 -4.31 3.28 10.29
C GLY A 237 -3.43 2.39 11.15
N ASP A 238 -3.08 2.86 12.34
CA ASP A 238 -2.29 2.11 13.31
C ASP A 238 -3.06 1.87 14.61
N GLY A 239 -4.38 2.10 14.58
CA GLY A 239 -5.23 1.97 15.75
C GLY A 239 -5.76 3.31 16.26
N THR A 240 -4.92 4.33 16.21
CA THR A 240 -5.26 5.67 16.70
C THR A 240 -5.95 6.51 15.63
N PHE A 241 -6.43 7.68 16.03
CA PHE A 241 -7.13 8.59 15.12
C PHE A 241 -6.50 9.99 15.09
N GLN A 242 -6.97 10.82 14.16
CA GLN A 242 -6.50 12.19 14.00
C GLN A 242 -7.66 13.15 13.76
N LYS A 243 -7.45 14.43 14.05
CA LYS A 243 -8.46 15.45 13.80
C LYS A 243 -7.83 16.85 13.82
N TRP A 244 -8.48 17.81 13.17
CA TRP A 244 -8.15 19.22 13.40
C TRP A 244 -9.36 20.16 13.35
N ALA A 245 -9.23 21.26 14.08
CA ALA A 245 -10.12 22.40 13.95
C ALA A 245 -9.28 23.58 13.47
N SER A 246 -9.90 24.48 12.71
CA SER A 246 -9.21 25.70 12.28
C SER A 246 -10.13 26.91 12.34
N VAL A 247 -9.52 28.10 12.43
CA VAL A 247 -10.27 29.36 12.48
C VAL A 247 -9.47 30.45 11.75
N VAL A 248 -10.18 31.39 11.13
CA VAL A 248 -9.57 32.48 10.38
C VAL A 248 -9.52 33.75 11.23
N VAL A 249 -8.31 34.19 11.57
CA VAL A 249 -8.10 35.35 12.43
C VAL A 249 -7.43 36.49 11.67
N PRO A 250 -7.49 37.73 12.22
CA PRO A 250 -6.75 38.85 11.61
C PRO A 250 -5.24 38.74 11.84
N LEU A 251 -4.45 39.26 10.90
CA LEU A 251 -3.00 39.26 11.03
C LEU A 251 -2.57 40.17 12.20
N GLY A 252 -1.59 39.70 12.97
CA GLY A 252 -1.13 40.43 14.15
C GLY A 252 -1.84 40.07 15.45
N LYS A 253 -3.12 39.69 15.34
CA LYS A 253 -3.93 39.39 16.52
C LYS A 253 -4.14 37.88 16.70
N GLU A 254 -3.09 37.09 16.45
CA GLU A 254 -3.17 35.63 16.58
C GLU A 254 -2.93 35.18 18.01
N GLN A 255 -2.13 35.94 18.76
CA GLN A 255 -1.85 35.64 20.16
C GLN A 255 -3.11 35.66 21.03
N ASN A 256 -4.10 36.47 20.64
CA ASN A 256 -5.40 36.53 21.32
C ASN A 256 -6.13 35.19 21.37
N TYR A 257 -5.84 34.32 20.40
CA TYR A 257 -6.55 33.05 20.24
C TYR A 257 -5.76 31.89 20.84
N THR A 258 -6.49 30.89 21.34
CA THR A 258 -5.90 29.64 21.82
C THR A 258 -6.81 28.47 21.47
N CYS A 259 -6.21 27.30 21.29
CA CYS A 259 -6.96 26.09 21.00
C CYS A 259 -7.15 25.27 22.25
N ARG A 260 -8.27 24.56 22.32
CA ARG A 260 -8.62 23.74 23.47
C ARG A 260 -8.88 22.31 22.99
N VAL A 261 -8.24 21.33 23.65
CA VAL A 261 -8.35 19.92 23.28
C VAL A 261 -8.81 19.10 24.48
N TYR A 262 -9.96 18.44 24.34
CA TYR A 262 -10.53 17.59 25.37
C TYR A 262 -10.47 16.12 24.93
N HIS A 263 -9.90 15.28 25.77
CA HIS A 263 -9.84 13.85 25.49
C HIS A 263 -9.72 13.07 26.80
N GLU A 264 -10.41 11.94 26.89
CA GLU A 264 -10.49 11.16 28.12
C GLU A 264 -9.15 10.56 28.58
N GLY A 265 -8.21 10.43 27.65
CA GLY A 265 -6.86 9.96 27.98
C GLY A 265 -5.98 10.98 28.71
N LEU A 266 -6.36 12.26 28.66
CA LEU A 266 -5.56 13.31 29.31
C LEU A 266 -5.94 13.48 30.78
N PRO A 267 -4.95 13.79 31.65
CA PRO A 267 -5.25 14.10 33.04
C PRO A 267 -5.96 15.46 33.17
N GLU A 268 -5.74 16.34 32.20
CA GLU A 268 -6.44 17.62 32.10
C GLU A 268 -6.32 18.14 30.67
N PRO A 269 -7.26 19.00 30.24
CA PRO A 269 -7.28 19.41 28.83
C PRO A 269 -6.06 20.22 28.41
N LEU A 270 -5.73 20.15 27.12
CA LEU A 270 -4.59 20.88 26.57
C LEU A 270 -5.06 22.24 26.07
N THR A 271 -4.32 23.28 26.44
CA THR A 271 -4.55 24.62 25.92
C THR A 271 -3.28 25.06 25.19
N LEU A 272 -3.43 25.41 23.92
CA LEU A 272 -2.29 25.70 23.05
C LEU A 272 -2.48 26.98 22.26
N ARG A 273 -1.37 27.63 21.92
CA ARG A 273 -1.35 28.85 21.13
C ARG A 273 -0.19 28.79 20.15
N TRP A 274 -0.39 29.31 18.94
CA TRP A 274 0.69 29.31 17.93
C TRP A 274 1.80 30.28 18.30
N GLU A 275 3.04 29.78 18.39
CA GLU A 275 4.19 30.63 18.68
C GLU A 275 5.18 30.67 17.50
N PRO A 276 6.01 31.73 17.39
N PRO A 276 5.91 31.80 17.41
CA PRO A 276 6.97 31.87 16.25
CA PRO A 276 7.10 31.97 16.61
C PRO A 276 7.86 30.63 15.98
C PRO A 276 8.37 31.62 17.40
N MET B 1 -30.56 6.83 -4.51
CA MET B 1 -29.64 7.91 -4.05
C MET B 1 -28.31 7.91 -4.81
N GLN B 2 -27.58 9.00 -4.66
CA GLN B 2 -26.15 9.05 -4.98
C GLN B 2 -25.48 10.15 -4.16
N LYS B 3 -24.69 9.73 -3.17
CA LYS B 3 -23.95 10.67 -2.32
C LYS B 3 -22.49 10.76 -2.77
N THR B 4 -22.00 11.98 -2.97
CA THR B 4 -20.65 12.21 -3.45
C THR B 4 -19.64 11.90 -2.35
N PRO B 5 -18.55 11.19 -2.68
CA PRO B 5 -17.59 10.82 -1.64
C PRO B 5 -16.75 11.99 -1.14
N GLN B 6 -16.47 12.00 0.16
CA GLN B 6 -15.54 12.96 0.74
C GLN B 6 -14.19 12.31 0.94
N ILE B 7 -13.15 12.98 0.43
CA ILE B 7 -11.82 12.39 0.33
C ILE B 7 -10.84 13.18 1.18
N GLN B 8 -10.18 12.49 2.12
CA GLN B 8 -9.07 13.06 2.88
C GLN B 8 -7.78 12.32 2.55
N VAL B 9 -6.71 13.06 2.26
CA VAL B 9 -5.40 12.48 1.97
C VAL B 9 -4.37 13.02 2.96
N TYR B 10 -3.74 12.12 3.72
CA TYR B 10 -2.86 12.50 4.81
C TYR B 10 -1.88 11.38 5.17
N SER B 11 -0.75 11.77 5.74
CA SER B 11 0.27 10.83 6.18
C SER B 11 -0.04 10.35 7.60
N ARG B 12 0.40 9.14 7.93
CA ARG B 12 0.16 8.54 9.25
C ARG B 12 0.88 9.34 10.33
N HIS B 13 2.17 9.56 10.15
CA HIS B 13 2.99 10.30 11.11
C HIS B 13 3.31 11.68 10.55
N PRO B 14 3.71 12.62 11.42
CA PRO B 14 4.12 13.93 10.93
C PRO B 14 5.14 13.81 9.80
N PRO B 15 4.95 14.55 8.69
CA PRO B 15 5.77 14.33 7.51
C PRO B 15 7.17 14.94 7.62
N GLU B 16 8.18 14.18 7.20
CA GLU B 16 9.56 14.66 7.13
C GLU B 16 10.22 14.10 5.88
N ASN B 17 11.06 14.91 5.24
CA ASN B 17 11.70 14.52 3.98
C ASN B 17 12.77 13.46 4.19
N GLY B 18 12.69 12.38 3.42
CA GLY B 18 13.60 11.26 3.54
C GLY B 18 13.27 10.27 4.66
N LYS B 19 12.15 10.48 5.34
CA LYS B 19 11.75 9.64 6.46
C LYS B 19 10.55 8.76 6.07
N PRO B 20 10.75 7.44 6.00
CA PRO B 20 9.66 6.52 5.64
C PRO B 20 8.39 6.74 6.47
N ASN B 21 7.25 6.66 5.81
CA ASN B 21 5.96 6.97 6.40
C ASN B 21 4.89 6.16 5.68
N ILE B 22 3.62 6.44 5.97
CA ILE B 22 2.50 5.83 5.26
C ILE B 22 1.48 6.90 4.88
N LEU B 23 1.07 6.88 3.61
CA LEU B 23 0.11 7.84 3.08
C LEU B 23 -1.27 7.20 3.08
N ASN B 24 -2.23 7.83 3.76
CA ASN B 24 -3.60 7.36 3.80
C ASN B 24 -4.47 8.09 2.78
N CYS B 25 -5.48 7.39 2.27
CA CYS B 25 -6.55 8.01 1.49
C CYS B 25 -7.89 7.55 2.05
N TYR B 26 -8.55 8.43 2.79
CA TYR B 26 -9.76 8.09 3.54
C TYR B 26 -11.00 8.63 2.83
N VAL B 27 -11.69 7.75 2.11
CA VAL B 27 -12.90 8.14 1.38
C VAL B 27 -14.12 7.79 2.23
N THR B 28 -15.05 8.73 2.37
CA THR B 28 -16.20 8.55 3.25
C THR B 28 -17.48 9.16 2.67
N GLN B 29 -18.60 8.91 3.34
CA GLN B 29 -19.88 9.56 3.04
C GLN B 29 -20.38 9.36 1.60
N PHE B 30 -20.21 8.14 1.08
CA PHE B 30 -20.63 7.83 -0.28
C PHE B 30 -21.61 6.67 -0.37
N HIS B 31 -22.39 6.66 -1.44
CA HIS B 31 -23.36 5.61 -1.72
C HIS B 31 -23.74 5.74 -3.19
N PRO B 32 -23.79 4.63 -3.94
CA PRO B 32 -23.69 3.22 -3.59
C PRO B 32 -22.26 2.76 -3.25
N PRO B 33 -22.13 1.56 -2.65
CA PRO B 33 -20.84 1.08 -2.11
C PRO B 33 -19.78 0.65 -3.13
N HIS B 34 -20.13 0.54 -4.42
CA HIS B 34 -19.10 0.30 -5.43
C HIS B 34 -18.28 1.57 -5.64
N ILE B 35 -16.96 1.42 -5.66
CA ILE B 35 -16.07 2.57 -5.82
C ILE B 35 -14.70 2.11 -6.33
N GLU B 36 -14.04 3.00 -7.07
CA GLU B 36 -12.69 2.75 -7.57
C GLU B 36 -11.76 3.80 -7.01
N ILE B 37 -10.79 3.37 -6.21
CA ILE B 37 -9.79 4.24 -5.61
C ILE B 37 -8.41 3.79 -6.04
N GLN B 38 -7.56 4.73 -6.42
CA GLN B 38 -6.17 4.43 -6.73
C GLN B 38 -5.26 5.60 -6.34
N MET B 39 -4.11 5.25 -5.78
CA MET B 39 -3.16 6.25 -5.28
C MET B 39 -2.02 6.44 -6.27
N LEU B 40 -1.48 7.65 -6.31
CA LEU B 40 -0.52 8.04 -7.35
C LEU B 40 0.71 8.71 -6.76
N LYS B 41 1.85 8.51 -7.42
CA LYS B 41 3.10 9.21 -7.12
C LYS B 41 3.62 9.86 -8.40
N ASN B 42 3.66 11.19 -8.41
CA ASN B 42 4.01 11.96 -9.62
C ASN B 42 3.17 11.55 -10.83
N GLY B 43 1.88 11.34 -10.59
CA GLY B 43 0.93 11.00 -11.66
C GLY B 43 1.01 9.58 -12.18
N LYS B 44 1.80 8.74 -11.51
CA LYS B 44 1.96 7.34 -11.90
C LYS B 44 1.38 6.48 -10.77
N LYS B 45 0.62 5.45 -11.15
CA LYS B 45 -0.07 4.61 -10.17
C LYS B 45 0.92 3.83 -9.31
N ILE B 46 0.72 3.85 -7.99
CA ILE B 46 1.58 3.13 -7.08
C ILE B 46 1.15 1.66 -7.03
N PRO B 47 2.07 0.71 -7.28
CA PRO B 47 1.69 -0.70 -7.35
C PRO B 47 1.13 -1.28 -6.05
N LYS B 48 1.91 -1.25 -4.97
CA LYS B 48 1.43 -1.84 -3.70
C LYS B 48 0.60 -0.85 -2.89
N VAL B 49 -0.73 -0.93 -3.04
CA VAL B 49 -1.66 -0.13 -2.26
C VAL B 49 -2.61 -1.04 -1.50
N GLU B 50 -2.55 -0.99 -0.17
CA GLU B 50 -3.42 -1.77 0.70
C GLU B 50 -4.79 -1.11 0.81
N MET B 51 -5.84 -1.94 0.80
CA MET B 51 -7.20 -1.44 0.93
C MET B 51 -7.86 -2.13 2.13
N SER B 52 -8.42 -1.34 3.03
CA SER B 52 -9.20 -1.88 4.14
C SER B 52 -10.52 -2.41 3.63
N ASP B 53 -11.17 -3.27 4.40
CA ASP B 53 -12.49 -3.78 4.07
C ASP B 53 -13.51 -2.65 4.25
N MET B 54 -14.59 -2.69 3.48
CA MET B 54 -15.55 -1.58 3.46
C MET B 54 -16.54 -1.66 4.62
N SER B 55 -16.73 -0.53 5.31
CA SER B 55 -17.69 -0.43 6.40
C SER B 55 -18.74 0.62 6.06
N PHE B 56 -19.68 0.85 6.97
CA PHE B 56 -20.60 1.99 6.84
C PHE B 56 -20.89 2.64 8.19
N SER B 57 -21.27 3.91 8.16
CA SER B 57 -21.44 4.72 9.35
C SER B 57 -22.88 4.74 9.86
N LYS B 58 -23.08 5.37 11.01
CA LYS B 58 -24.41 5.49 11.61
C LYS B 58 -25.41 6.30 10.78
N ASP B 59 -24.93 7.02 9.76
CA ASP B 59 -25.80 7.65 8.78
C ASP B 59 -25.94 6.83 7.49
N TRP B 60 -25.63 5.53 7.58
CA TRP B 60 -25.73 4.57 6.46
C TRP B 60 -24.63 4.66 5.40
N SER B 61 -23.92 5.78 5.35
CA SER B 61 -22.93 6.03 4.30
C SER B 61 -21.70 5.14 4.43
N PHE B 62 -21.14 4.75 3.29
CA PHE B 62 -19.99 3.86 3.26
C PHE B 62 -18.67 4.62 3.35
N TYR B 63 -17.65 3.97 3.92
CA TYR B 63 -16.29 4.52 3.96
C TYR B 63 -15.24 3.43 3.84
N ILE B 64 -14.06 3.83 3.35
CA ILE B 64 -12.96 2.91 3.14
C ILE B 64 -11.63 3.64 3.30
N LEU B 65 -10.61 2.90 3.73
CA LEU B 65 -9.26 3.44 3.87
C LEU B 65 -8.31 2.75 2.90
N ALA B 66 -7.66 3.54 2.03
CA ALA B 66 -6.60 3.07 1.18
C ALA B 66 -5.28 3.65 1.69
N HIS B 67 -4.22 2.86 1.67
CA HIS B 67 -2.92 3.32 2.17
C HIS B 67 -1.72 2.60 1.54
N THR B 68 -0.59 3.29 1.50
CA THR B 68 0.64 2.75 0.93
C THR B 68 1.87 3.31 1.62
N GLU B 69 2.95 2.53 1.65
CA GLU B 69 4.24 2.99 2.18
C GLU B 69 4.81 4.06 1.27
N PHE B 70 5.29 5.15 1.86
CA PHE B 70 5.91 6.21 1.07
C PHE B 70 6.95 6.99 1.89
N THR B 71 7.90 7.58 1.18
CA THR B 71 8.94 8.43 1.77
C THR B 71 8.84 9.82 1.14
N PRO B 72 8.34 10.81 1.90
CA PRO B 72 8.20 12.16 1.36
C PRO B 72 9.51 12.77 0.88
N THR B 73 9.42 13.59 -0.17
CA THR B 73 10.50 14.49 -0.56
C THR B 73 9.88 15.86 -0.78
N GLU B 74 10.72 16.87 -0.99
CA GLU B 74 10.23 18.21 -1.26
C GLU B 74 9.42 18.27 -2.56
N THR B 75 9.98 17.69 -3.61
CA THR B 75 9.44 17.87 -4.97
C THR B 75 8.33 16.89 -5.37
N ASP B 76 8.34 15.68 -4.83
CA ASP B 76 7.38 14.66 -5.23
C ASP B 76 5.94 15.00 -4.85
N THR B 77 5.01 14.72 -5.76
CA THR B 77 3.58 14.91 -5.52
C THR B 77 2.94 13.57 -5.28
N TYR B 78 1.97 13.54 -4.37
CA TYR B 78 1.23 12.34 -4.05
C TYR B 78 -0.25 12.66 -4.11
N ALA B 79 -1.04 11.69 -4.56
CA ALA B 79 -2.45 11.95 -4.82
C ALA B 79 -3.32 10.70 -4.75
N CYS B 80 -4.62 10.92 -4.56
CA CYS B 80 -5.63 9.88 -4.57
C CYS B 80 -6.67 10.22 -5.62
N ARG B 81 -6.94 9.28 -6.52
CA ARG B 81 -7.96 9.46 -7.55
C ARG B 81 -9.12 8.51 -7.29
N VAL B 82 -10.34 9.04 -7.28
CA VAL B 82 -11.52 8.25 -7.00
C VAL B 82 -12.54 8.37 -8.13
N LYS B 83 -13.07 7.23 -8.58
CA LYS B 83 -14.24 7.21 -9.46
C LYS B 83 -15.42 6.64 -8.69
N HIS B 84 -16.56 7.33 -8.77
CA HIS B 84 -17.79 6.90 -8.13
C HIS B 84 -18.96 7.36 -8.97
N ALA B 85 -20.01 6.54 -9.06
CA ALA B 85 -21.13 6.78 -9.99
C ALA B 85 -21.88 8.10 -9.77
N SER B 86 -21.66 8.72 -8.60
CA SER B 86 -22.25 10.03 -8.29
C SER B 86 -21.51 11.21 -8.90
N MET B 87 -20.32 10.96 -9.46
CA MET B 87 -19.49 12.03 -10.03
C MET B 87 -19.34 11.87 -11.54
N ALA B 88 -19.35 13.00 -12.25
CA ALA B 88 -19.33 13.01 -13.72
C ALA B 88 -17.99 12.50 -14.28
N GLU B 89 -16.92 12.73 -13.54
CA GLU B 89 -15.60 12.19 -13.88
C GLU B 89 -14.74 12.07 -12.61
N PRO B 90 -13.70 11.22 -12.64
CA PRO B 90 -12.98 10.91 -11.40
C PRO B 90 -12.32 12.14 -10.77
N LYS B 91 -12.44 12.26 -9.46
CA LYS B 91 -11.86 13.38 -8.73
C LYS B 91 -10.49 13.01 -8.17
N THR B 92 -9.48 13.82 -8.50
CA THR B 92 -8.15 13.69 -7.91
C THR B 92 -7.98 14.69 -6.76
N VAL B 93 -7.40 14.23 -5.66
CA VAL B 93 -7.04 15.10 -4.54
C VAL B 93 -5.55 14.95 -4.29
N TYR B 94 -4.85 16.06 -4.06
CA TYR B 94 -3.41 16.04 -3.84
C TYR B 94 -3.06 16.20 -2.37
N TRP B 95 -2.06 15.44 -1.93
CA TRP B 95 -1.63 15.45 -0.54
C TRP B 95 -1.02 16.80 -0.19
N ASP B 96 -1.65 17.52 0.75
CA ASP B 96 -1.19 18.82 1.21
C ASP B 96 -0.42 18.65 2.53
N ARG B 97 0.91 18.57 2.44
CA ARG B 97 1.75 18.35 3.61
C ARG B 97 1.72 19.57 4.54
N ASP B 98 1.78 20.77 3.95
CA ASP B 98 1.82 22.03 4.71
C ASP B 98 0.54 22.28 5.50
N MET B 99 -0.57 21.68 5.07
CA MET B 99 -1.84 21.83 5.76
C MET B 99 -1.68 21.53 7.23
N PHE C 1 -22.10 -12.07 19.14
CA PHE C 1 -23.35 -12.85 19.00
C PHE C 1 -24.35 -12.09 18.12
N ALA C 2 -24.38 -12.45 16.84
CA ALA C 2 -25.21 -11.75 15.86
C ALA C 2 -26.69 -12.12 16.00
N PRO C 3 -27.59 -11.21 15.57
CA PRO C 3 -29.03 -11.46 15.64
C PRO C 3 -29.53 -12.37 14.54
N GLY C 4 -30.75 -12.86 14.70
CA GLY C 4 -31.44 -13.65 13.68
C GLY C 4 -32.79 -13.05 13.39
N ASN C 5 -32.95 -12.46 12.21
CA ASN C 5 -34.18 -11.78 11.84
C ASN C 5 -35.35 -12.76 11.74
N TYR C 6 -36.55 -12.28 12.05
CA TYR C 6 -37.75 -13.11 12.11
C TYR C 6 -38.90 -12.41 11.41
O PRQ C 7 -39.34 -10.49 8.33
C PRQ C 7 -39.67 -11.48 7.65
CAJ PRQ C 7 -40.65 -12.53 8.22
CA PRQ C 7 -40.95 -12.31 9.71
N PRQ C 7 -39.75 -12.62 10.50
CAK PRQ C 7 -42.10 -13.23 10.12
CAH PRQ C 7 -41.84 -14.48 10.66
CAF PRQ C 7 -42.89 -15.33 11.03
CAG PRQ C 7 -44.20 -14.91 10.85
CAI PRQ C 7 -44.46 -13.66 10.29
CAL PRQ C 7 -43.42 -12.82 9.93
NAN PRQ C 7 -43.70 -11.63 9.40
OAD PRQ C 7 -43.78 -11.50 8.04
OAC PRQ C 7 -43.88 -10.55 10.18
N ALA C 8 -39.41 -11.42 6.39
CA ALA C 8 -38.82 -10.44 5.42
C ALA C 8 -39.59 -9.14 5.44
N LEU C 9 -38.94 -8.07 4.98
CA LEU C 9 -39.59 -6.76 4.83
C LEU C 9 -40.81 -6.90 3.94
N GLY D 1 -6.32 25.46 35.05
CA GLY D 1 -6.92 26.81 34.79
C GLY D 1 -5.96 27.94 35.15
N PRO D 2 -5.94 29.02 34.34
CA PRO D 2 -5.05 30.15 34.58
C PRO D 2 -5.64 31.14 35.59
N HIS D 3 -4.94 32.24 35.83
CA HIS D 3 -5.44 33.32 36.67
C HIS D 3 -5.07 34.69 36.10
N SER D 4 -5.75 35.72 36.58
CA SER D 4 -5.57 37.06 36.02
C SER D 4 -6.01 38.16 36.98
N MET D 5 -5.29 39.26 36.96
CA MET D 5 -5.74 40.51 37.59
C MET D 5 -5.97 41.53 36.48
N ARG D 6 -7.02 42.33 36.64
CA ARG D 6 -7.38 43.36 35.67
C ARG D 6 -7.88 44.60 36.37
N TYR D 7 -7.48 45.75 35.86
CA TYR D 7 -8.05 47.03 36.29
C TYR D 7 -8.69 47.72 35.09
N PHE D 8 -10.01 47.91 35.18
CA PHE D 8 -10.79 48.60 34.16
C PHE D 8 -11.03 50.03 34.63
N GLU D 9 -10.46 51.00 33.91
CA GLU D 9 -10.55 52.40 34.27
C GLU D 9 -11.23 53.20 33.17
N THR D 10 -12.20 54.02 33.53
CA THR D 10 -12.91 54.87 32.58
C THR D 10 -13.04 56.29 33.12
N ALA D 11 -12.89 57.26 32.22
CA ALA D 11 -13.15 58.66 32.56
C ALA D 11 -14.04 59.26 31.48
N VAL D 12 -15.17 59.82 31.88
CA VAL D 12 -16.15 60.36 30.94
C VAL D 12 -16.31 61.87 31.15
N SER D 13 -15.95 62.65 30.13
CA SER D 13 -16.20 64.09 30.15
C SER D 13 -17.68 64.34 29.91
N ARG D 14 -18.16 65.51 30.31
CA ARG D 14 -19.60 65.79 30.29
C ARG D 14 -19.90 67.29 30.28
N PRO D 15 -20.98 67.68 29.56
CA PRO D 15 -21.37 69.10 29.48
C PRO D 15 -21.98 69.60 30.80
N GLY D 16 -21.60 70.81 31.19
CA GLY D 16 -22.14 71.43 32.40
C GLY D 16 -21.46 71.00 33.69
N LEU D 17 -20.38 70.23 33.59
CA LEU D 17 -19.54 69.89 34.74
C LEU D 17 -18.09 69.88 34.29
N GLU D 18 -17.22 70.55 35.05
CA GLU D 18 -15.80 70.61 34.71
C GLU D 18 -15.13 69.25 34.95
N GLU D 19 -15.27 68.74 36.16
CA GLU D 19 -14.68 67.44 36.52
C GLU D 19 -15.35 66.32 35.71
N PRO D 20 -14.56 65.56 34.94
CA PRO D 20 -15.09 64.32 34.37
C PRO D 20 -15.32 63.25 35.43
N ARG D 21 -16.25 62.34 35.15
CA ARG D 21 -16.53 61.19 36.01
C ARG D 21 -15.45 60.14 35.78
N TYR D 22 -14.61 59.90 36.79
CA TYR D 22 -13.59 58.84 36.73
C TYR D 22 -14.01 57.64 37.58
N ILE D 23 -13.98 56.46 36.99
CA ILE D 23 -14.28 55.21 37.71
C ILE D 23 -13.22 54.16 37.41
N SER D 24 -12.80 53.43 38.44
CA SER D 24 -11.83 52.35 38.31
C SER D 24 -12.34 51.11 39.02
N VAL D 25 -12.43 50.00 38.29
CA VAL D 25 -12.89 48.74 38.86
C VAL D 25 -11.79 47.69 38.73
N GLY D 26 -11.41 47.11 39.86
CA GLY D 26 -10.42 46.05 39.88
C GLY D 26 -11.09 44.70 39.79
N TYR D 27 -10.45 43.77 39.08
CA TYR D 27 -10.93 42.39 38.96
C TYR D 27 -9.80 41.40 39.18
N VAL D 28 -10.06 40.41 40.00
CA VAL D 28 -9.17 39.27 40.13
C VAL D 28 -9.93 38.07 39.60
N ASP D 29 -9.43 37.49 38.51
CA ASP D 29 -9.95 36.22 38.01
C ASP D 29 -11.47 36.30 37.80
N ASN D 30 -11.90 37.28 37.01
CA ASN D 30 -13.35 37.55 36.76
C ASN D 30 -14.20 37.94 37.99
N LYS D 31 -13.58 38.31 39.11
CA LYS D 31 -14.33 38.71 40.29
C LYS D 31 -13.93 40.12 40.74
N GLU D 32 -14.90 41.04 40.75
CA GLU D 32 -14.65 42.40 41.18
C GLU D 32 -14.24 42.42 42.64
N PHE D 33 -13.08 43.01 42.93
CA PHE D 33 -12.53 43.05 44.30
C PHE D 33 -12.31 44.45 44.87
N VAL D 34 -12.06 45.45 44.01
CA VAL D 34 -11.96 46.85 44.45
C VAL D 34 -12.63 47.80 43.46
N ARG D 35 -12.98 49.00 43.92
CA ARG D 35 -13.65 49.98 43.08
C ARG D 35 -13.44 51.41 43.60
N PHE D 36 -13.24 52.34 42.67
CA PHE D 36 -13.07 53.76 42.98
C PHE D 36 -13.96 54.60 42.08
N ASP D 37 -14.62 55.59 42.68
CA ASP D 37 -15.55 56.46 41.98
C ASP D 37 -15.30 57.90 42.39
N SER D 38 -15.07 58.75 41.40
CA SER D 38 -14.80 60.17 41.66
C SER D 38 -16.01 60.90 42.23
N ASP D 39 -17.21 60.38 41.97
CA ASP D 39 -18.46 61.00 42.42
C ASP D 39 -19.03 60.41 43.72
N ALA D 40 -18.38 59.40 44.28
CA ALA D 40 -18.77 58.85 45.58
C ALA D 40 -18.71 59.95 46.64
N GLU D 41 -19.59 59.90 47.62
CA GLU D 41 -19.61 60.91 48.69
C GLU D 41 -18.20 61.10 49.26
N ASN D 42 -17.55 60.00 49.61
CA ASN D 42 -16.14 60.01 50.03
C ASN D 42 -15.29 59.23 49.02
N PRO D 43 -14.75 59.92 48.00
CA PRO D 43 -14.03 59.25 46.90
C PRO D 43 -12.78 58.50 47.35
N ARG D 44 -12.88 57.18 47.46
CA ARG D 44 -11.74 56.33 47.79
C ARG D 44 -11.99 54.89 47.35
N TYR D 45 -10.91 54.12 47.21
CA TYR D 45 -11.00 52.71 46.85
C TYR D 45 -11.68 51.93 47.96
N GLU D 46 -12.86 51.37 47.65
CA GLU D 46 -13.60 50.53 48.58
C GLU D 46 -13.44 49.06 48.18
N PRO D 47 -13.44 48.15 49.17
CA PRO D 47 -13.43 46.73 48.84
C PRO D 47 -14.75 46.29 48.22
N ARG D 48 -14.68 45.24 47.39
CA ARG D 48 -15.87 44.65 46.78
C ARG D 48 -15.92 43.13 46.92
N ALA D 49 -14.99 42.57 47.68
CA ALA D 49 -14.98 41.15 48.01
C ALA D 49 -14.62 40.99 49.49
N PRO D 50 -15.16 39.96 50.15
CA PRO D 50 -14.93 39.79 51.59
C PRO D 50 -13.45 39.62 51.94
N TRP D 51 -12.71 38.90 51.10
CA TRP D 51 -11.28 38.66 51.31
C TRP D 51 -10.37 39.88 51.15
N MET D 52 -10.94 41.03 50.78
CA MET D 52 -10.19 42.29 50.77
C MET D 52 -10.28 43.06 52.10
N GLU D 53 -11.10 42.57 53.04
CA GLU D 53 -11.27 43.23 54.33
C GLU D 53 -10.08 43.03 55.28
N GLN D 54 -9.18 42.10 54.94
CA GLN D 54 -7.99 41.85 55.76
C GLN D 54 -6.77 42.69 55.32
N GLU D 55 -7.00 43.71 54.50
CA GLU D 55 -5.97 44.70 54.18
C GLU D 55 -6.07 45.86 55.17
N GLY D 56 -4.91 46.38 55.57
CA GLY D 56 -4.85 47.46 56.55
C GLY D 56 -5.12 48.85 55.97
N PRO D 57 -5.10 49.88 56.84
CA PRO D 57 -5.35 51.26 56.41
C PRO D 57 -4.35 51.80 55.40
N GLU D 58 -3.07 51.44 55.56
CA GLU D 58 -2.02 51.92 54.65
C GLU D 58 -2.29 51.54 53.20
N TYR D 59 -2.86 50.35 53.00
CA TYR D 59 -3.18 49.85 51.67
C TYR D 59 -4.21 50.75 50.99
N TRP D 60 -5.32 51.00 51.68
CA TRP D 60 -6.44 51.75 51.12
C TRP D 60 -6.09 53.21 50.82
N GLU D 61 -5.21 53.81 51.62
CA GLU D 61 -4.73 55.17 51.34
C GLU D 61 -3.69 55.18 50.22
N ARG D 62 -2.88 54.12 50.13
CA ARG D 62 -1.90 53.99 49.06
C ARG D 62 -2.60 53.89 47.72
N GLU D 63 -3.65 53.07 47.67
CA GLU D 63 -4.43 52.89 46.45
C GLU D 63 -5.28 54.11 46.12
N THR D 64 -5.94 54.69 47.13
CA THR D 64 -6.77 55.88 46.93
C THR D 64 -5.95 57.05 46.40
N GLN D 65 -4.76 57.25 46.95
CA GLN D 65 -3.86 58.31 46.50
C GLN D 65 -3.47 58.10 45.04
N LYS D 66 -3.25 56.84 44.64
CA LYS D 66 -3.00 56.49 43.24
C LYS D 66 -4.19 56.84 42.35
N ALA D 67 -5.41 56.59 42.82
CA ALA D 67 -6.63 56.92 42.08
C ALA D 67 -6.73 58.42 41.79
N LYS D 68 -6.33 59.23 42.77
CA LYS D 68 -6.35 60.69 42.61
C LYS D 68 -5.32 61.14 41.57
N GLY D 69 -4.21 60.41 41.48
CA GLY D 69 -3.20 60.65 40.45
C GLY D 69 -3.68 60.25 39.07
N GLN D 70 -4.49 59.20 39.01
CA GLN D 70 -5.08 58.74 37.75
C GLN D 70 -6.11 59.73 37.23
N GLU D 71 -6.90 60.33 38.13
CA GLU D 71 -7.86 61.37 37.74
C GLU D 71 -7.18 62.45 36.93
N GLN D 72 -6.16 63.09 37.51
CA GLN D 72 -5.45 64.17 36.84
C GLN D 72 -4.85 63.74 35.50
N TRP D 73 -4.37 62.50 35.46
CA TRP D 73 -3.81 61.95 34.22
C TRP D 73 -4.88 61.84 33.13
N PHE D 74 -6.06 61.34 33.50
CA PHE D 74 -7.18 61.20 32.58
C PHE D 74 -7.75 62.55 32.15
N ARG D 75 -7.86 63.48 33.09
CA ARG D 75 -8.36 64.83 32.79
C ARG D 75 -7.48 65.54 31.76
N VAL D 76 -6.16 65.50 31.98
CA VAL D 76 -5.20 66.10 31.06
C VAL D 76 -5.22 65.39 29.70
N SER D 77 -5.35 64.06 29.74
CA SER D 77 -5.40 63.25 28.52
C SER D 77 -6.65 63.57 27.68
N LEU D 78 -7.82 63.63 28.33
CA LEU D 78 -9.06 64.00 27.66
C LEU D 78 -8.98 65.38 27.03
N ARG D 79 -8.21 66.28 27.65
CA ARG D 79 -7.98 67.61 27.11
C ARG D 79 -7.07 67.55 25.88
N ASN D 80 -6.03 66.72 25.94
CA ASN D 80 -5.09 66.54 24.83
C ASN D 80 -5.75 65.90 23.62
N LEU D 81 -6.52 64.84 23.86
CA LEU D 81 -7.25 64.15 22.81
C LEU D 81 -8.24 65.08 22.10
N LEU D 82 -8.80 66.01 22.86
CA LEU D 82 -9.70 67.04 22.32
C LEU D 82 -8.99 67.86 21.26
N GLY D 83 -7.73 68.20 21.53
CA GLY D 83 -6.89 68.95 20.60
C GLY D 83 -6.40 68.13 19.41
N TYR D 84 -6.11 66.85 19.63
CA TYR D 84 -5.59 65.99 18.56
C TYR D 84 -6.61 65.78 17.45
N TYR D 85 -7.85 65.53 17.83
CA TYR D 85 -8.93 65.28 16.88
C TYR D 85 -9.70 66.55 16.49
N ASN D 86 -9.22 67.71 16.93
CA ASN D 86 -9.85 69.01 16.63
C ASN D 86 -11.33 69.05 17.00
N GLN D 87 -11.66 68.44 18.13
CA GLN D 87 -13.05 68.38 18.59
C GLN D 87 -13.46 69.68 19.28
N SER D 88 -14.72 70.04 19.13
CA SER D 88 -15.28 71.20 19.81
C SER D 88 -15.46 70.89 21.31
N ALA D 89 -14.99 71.79 22.16
CA ALA D 89 -15.07 71.59 23.61
C ALA D 89 -16.50 71.76 24.10
N GLY D 90 -16.84 71.05 25.17
CA GLY D 90 -18.21 71.05 25.71
C GLY D 90 -18.95 69.74 25.54
N GLY D 91 -18.46 68.87 24.64
CA GLY D 91 -19.13 67.61 24.33
C GLY D 91 -18.94 66.53 25.39
N SER D 92 -19.38 65.32 25.07
CA SER D 92 -19.30 64.18 25.97
C SER D 92 -18.46 63.08 25.33
N HIS D 93 -17.28 62.84 25.91
CA HIS D 93 -16.32 61.88 25.36
C HIS D 93 -15.87 60.87 26.40
N THR D 94 -15.36 59.73 25.95
CA THR D 94 -14.97 58.64 26.82
C THR D 94 -13.52 58.21 26.60
N LEU D 95 -12.78 58.07 27.69
CA LEU D 95 -11.43 57.54 27.67
C LEU D 95 -11.38 56.32 28.58
N GLN D 96 -10.91 55.20 28.05
CA GLN D 96 -10.85 53.95 28.79
C GLN D 96 -9.42 53.43 28.85
N GLN D 97 -9.11 52.70 29.92
CA GLN D 97 -7.82 52.04 30.07
C GLN D 97 -8.03 50.66 30.67
N MET D 98 -7.27 49.69 30.16
CA MET D 98 -7.32 48.33 30.66
C MET D 98 -5.91 47.82 30.89
N SER D 99 -5.55 47.66 32.17
CA SER D 99 -4.24 47.15 32.58
C SER D 99 -4.46 45.81 33.24
N GLY D 100 -3.46 44.94 33.20
CA GLY D 100 -3.60 43.64 33.82
C GLY D 100 -2.53 42.61 33.52
N CYS D 101 -2.75 41.41 34.04
CA CYS D 101 -1.77 40.33 34.00
C CYS D 101 -2.45 38.97 33.84
N ASP D 102 -1.78 38.07 33.14
CA ASP D 102 -2.22 36.68 33.06
C ASP D 102 -1.13 35.80 33.66
N LEU D 103 -1.54 34.96 34.61
CA LEU D 103 -0.65 33.97 35.19
C LEU D 103 -0.95 32.61 34.56
N GLY D 104 0.10 31.81 34.35
CA GLY D 104 -0.07 30.43 33.93
C GLY D 104 -0.53 29.56 35.09
N SER D 105 -0.24 28.26 35.02
CA SER D 105 -0.54 27.32 36.10
C SER D 105 0.59 27.33 37.13
N ASP D 106 1.80 27.61 36.64
CA ASP D 106 2.97 27.81 37.50
C ASP D 106 2.93 29.13 38.29
N TRP D 107 1.89 29.93 38.06
CA TRP D 107 1.68 31.23 38.75
C TRP D 107 2.84 32.18 38.47
N ARG D 108 3.21 32.26 37.19
CA ARG D 108 4.27 33.13 36.69
C ARG D 108 3.66 33.94 35.55
N LEU D 109 4.28 35.07 35.21
CA LEU D 109 3.72 35.93 34.17
C LEU D 109 3.56 35.17 32.84
N LEU D 110 2.44 35.42 32.18
CA LEU D 110 2.13 34.80 30.89
C LEU D 110 1.93 35.90 29.83
N ARG D 111 1.06 36.85 30.14
CA ARG D 111 0.89 38.06 29.33
C ARG D 111 0.68 39.29 30.19
N GLY D 112 1.34 40.38 29.82
CA GLY D 112 1.07 41.69 30.39
C GLY D 112 0.13 42.45 29.48
N TYR D 113 -0.78 43.23 30.07
CA TYR D 113 -1.73 44.04 29.31
C TYR D 113 -1.66 45.49 29.75
N LEU D 114 -1.59 46.39 28.77
CA LEU D 114 -1.66 47.81 29.02
C LEU D 114 -2.14 48.48 27.72
N GLN D 115 -3.32 49.06 27.75
CA GLN D 115 -3.95 49.56 26.53
C GLN D 115 -5.05 50.58 26.81
N PHE D 116 -5.25 51.47 25.85
CA PHE D 116 -6.20 52.57 25.98
C PHE D 116 -7.14 52.63 24.77
N ALA D 117 -8.29 53.26 24.98
CA ALA D 117 -9.28 53.45 23.93
C ALA D 117 -10.00 54.78 24.10
N TYR D 118 -10.24 55.45 22.97
CA TYR D 118 -10.96 56.72 22.96
C TYR D 118 -12.26 56.54 22.19
N GLU D 119 -13.36 57.02 22.78
CA GLU D 119 -14.69 56.82 22.21
C GLU D 119 -15.00 55.35 21.93
N GLY D 120 -14.46 54.45 22.76
CA GLY D 120 -14.72 53.01 22.61
C GLY D 120 -14.00 52.31 21.46
N ARG D 121 -13.07 53.01 20.82
CA ARG D 121 -12.21 52.42 19.78
C ARG D 121 -10.76 52.48 20.22
N ASP D 122 -9.96 51.53 19.76
CA ASP D 122 -8.51 51.50 20.04
C ASP D 122 -7.87 52.87 19.90
N TYR D 123 -6.95 53.18 20.82
CA TYR D 123 -6.09 54.35 20.70
C TYR D 123 -4.63 53.91 20.66
N ILE D 124 -4.12 53.42 21.79
CA ILE D 124 -2.75 52.94 21.88
C ILE D 124 -2.69 51.73 22.82
N ALA D 125 -1.78 50.80 22.52
CA ALA D 125 -1.69 49.55 23.27
C ALA D 125 -0.24 49.08 23.38
N LEU D 126 0.14 48.63 24.57
CA LEU D 126 1.46 48.07 24.78
C LEU D 126 1.49 46.68 24.17
N ASN D 127 2.48 46.41 23.32
CA ASN D 127 2.61 45.10 22.70
C ASN D 127 3.08 44.06 23.71
N GLU D 128 2.98 42.80 23.32
CA GLU D 128 3.28 41.68 24.21
C GLU D 128 4.74 41.64 24.66
N ASP D 129 5.65 42.19 23.86
CA ASP D 129 7.05 42.33 24.24
C ASP D 129 7.23 43.26 25.44
N LEU D 130 6.24 44.12 25.68
CA LEU D 130 6.27 45.11 26.76
C LEU D 130 7.35 46.16 26.54
N LYS D 131 7.65 46.45 25.27
CA LYS D 131 8.69 47.42 24.91
C LYS D 131 8.21 48.41 23.86
N THR D 132 7.58 47.90 22.79
CA THR D 132 7.05 48.73 21.72
C THR D 132 5.54 48.90 21.82
N TRP D 133 5.02 49.97 21.22
CA TRP D 133 3.60 50.29 21.26
C TRP D 133 2.94 50.18 19.88
N THR D 134 1.72 49.66 19.84
CA THR D 134 0.90 49.69 18.63
C THR D 134 -0.07 50.87 18.71
N ALA D 135 0.08 51.83 17.80
CA ALA D 135 -0.84 52.97 17.71
C ALA D 135 -1.97 52.63 16.74
N ALA D 136 -3.21 52.91 17.17
CA ALA D 136 -4.39 52.55 16.39
C ALA D 136 -4.66 53.51 15.23
N ASP D 137 -4.12 54.73 15.29
CA ASP D 137 -4.39 55.74 14.27
C ASP D 137 -3.37 56.89 14.27
N MET D 138 -3.64 57.94 13.50
CA MET D 138 -2.74 59.08 13.35
C MET D 138 -2.47 59.80 14.68
N ALA D 139 -3.52 60.02 15.47
CA ALA D 139 -3.40 60.72 16.74
C ALA D 139 -2.56 59.94 17.76
N ALA D 140 -2.64 58.61 17.71
CA ALA D 140 -1.91 57.75 18.64
C ALA D 140 -0.41 57.70 18.35
N GLN D 141 -0.03 58.02 17.11
CA GLN D 141 1.38 58.10 16.73
C GLN D 141 2.08 59.28 17.41
N ILE D 142 1.34 60.35 17.67
CA ILE D 142 1.84 61.48 18.44
C ILE D 142 2.15 61.05 19.87
N THR D 143 1.23 60.29 20.47
CA THR D 143 1.40 59.76 21.82
C THR D 143 2.55 58.76 21.87
N ARG D 144 2.60 57.87 20.88
CA ARG D 144 3.65 56.84 20.82
C ARG D 144 5.04 57.48 20.78
N ARG D 145 5.19 58.47 19.90
CA ARG D 145 6.45 59.21 19.77
C ARG D 145 6.87 59.80 21.12
N LYS D 146 5.95 60.50 21.77
CA LYS D 146 6.17 61.09 23.10
C LYS D 146 6.54 60.03 24.13
N TRP D 147 5.85 58.90 24.10
CA TRP D 147 6.04 57.84 25.08
C TRP D 147 7.31 57.02 24.83
N GLU D 148 7.64 56.82 23.56
CA GLU D 148 8.91 56.19 23.18
C GLU D 148 10.11 56.99 23.68
N GLN D 149 9.99 58.32 23.64
N GLN D 149 9.98 58.32 23.66
CA GLN D 149 11.05 59.22 24.11
CA GLN D 149 11.02 59.24 24.10
C GLN D 149 11.25 59.11 25.62
C GLN D 149 11.24 59.10 25.60
N SER D 150 10.15 59.18 26.37
CA SER D 150 10.21 59.12 27.83
C SER D 150 10.54 57.74 28.41
N GLY D 151 10.41 56.69 27.61
CA GLY D 151 10.62 55.32 28.09
C GLY D 151 9.49 54.87 28.99
N ALA D 152 8.26 55.16 28.58
CA ALA D 152 7.06 54.82 29.35
C ALA D 152 6.80 53.32 29.36
N ALA D 153 7.21 52.64 28.28
CA ALA D 153 7.09 51.18 28.20
C ALA D 153 7.84 50.51 29.35
N GLU D 154 9.00 51.04 29.69
CA GLU D 154 9.81 50.52 30.79
C GLU D 154 9.04 50.60 32.11
N HIS D 155 8.40 51.74 32.35
CA HIS D 155 7.61 51.94 33.56
C HIS D 155 6.53 50.87 33.72
N TYR D 156 5.68 50.74 32.72
CA TYR D 156 4.56 49.79 32.76
C TYR D 156 5.01 48.33 32.78
N LYS D 157 6.17 48.05 32.17
CA LYS D 157 6.74 46.70 32.22
C LYS D 157 7.07 46.32 33.66
N ALA D 158 7.74 47.22 34.37
CA ALA D 158 8.07 46.99 35.79
C ALA D 158 6.82 46.63 36.58
N TYR D 159 5.76 47.42 36.43
CA TYR D 159 4.50 47.19 37.13
C TYR D 159 3.91 45.81 36.80
N LEU D 160 3.84 45.50 35.51
CA LEU D 160 3.21 44.26 35.06
C LEU D 160 3.92 43.00 35.56
N GLU D 161 5.25 43.02 35.54
CA GLU D 161 6.03 41.85 35.91
C GLU D 161 6.21 41.71 37.42
N GLY D 162 6.38 42.83 38.11
CA GLY D 162 6.66 42.83 39.54
C GLY D 162 5.43 43.00 40.41
N GLU D 163 4.99 44.24 40.56
CA GLU D 163 3.87 44.57 41.43
C GLU D 163 2.65 43.69 41.14
N CYS D 164 2.19 43.74 39.89
CA CYS D 164 0.95 43.09 39.50
C CYS D 164 0.95 41.58 39.79
N VAL D 165 1.99 40.88 39.34
CA VAL D 165 2.12 39.44 39.56
C VAL D 165 2.15 39.09 41.05
N GLU D 166 2.95 39.82 41.82
CA GLU D 166 3.14 39.52 43.24
C GLU D 166 1.93 39.85 44.10
N TRP D 167 1.23 40.93 43.77
CA TRP D 167 -0.01 41.29 44.49
C TRP D 167 -1.18 40.40 44.07
N LEU D 168 -1.20 39.98 42.82
CA LEU D 168 -2.18 39.00 42.36
C LEU D 168 -2.02 37.68 43.11
N HIS D 169 -0.78 37.32 43.44
CA HIS D 169 -0.53 36.15 44.27
C HIS D 169 -1.16 36.31 45.65
N ARG D 170 -0.95 37.46 46.29
CA ARG D 170 -1.51 37.73 47.62
C ARG D 170 -3.05 37.61 47.61
N TYR D 171 -3.67 38.17 46.59
CA TYR D 171 -5.13 38.18 46.49
C TYR D 171 -5.69 36.78 46.31
N LEU D 172 -5.03 35.99 45.45
CA LEU D 172 -5.44 34.61 45.20
C LEU D 172 -5.41 33.78 46.47
N LYS D 173 -4.38 33.97 47.28
CA LYS D 173 -4.20 33.19 48.50
C LYS D 173 -5.10 33.72 49.63
N ASN D 174 -5.22 35.04 49.75
CA ASN D 174 -6.17 35.66 50.68
C ASN D 174 -7.61 35.23 50.41
N GLY D 175 -7.97 35.17 49.13
CA GLY D 175 -9.32 34.78 48.73
C GLY D 175 -9.44 33.38 48.15
N ASN D 176 -8.56 32.47 48.61
CA ASN D 176 -8.54 31.10 48.09
C ASN D 176 -9.86 30.35 48.29
N ALA D 177 -10.56 30.66 49.37
CA ALA D 177 -11.81 29.98 49.71
C ALA D 177 -12.85 30.10 48.60
N THR D 178 -12.88 31.25 47.92
CA THR D 178 -13.84 31.49 46.83
C THR D 178 -13.20 31.58 45.44
N LEU D 179 -11.98 32.10 45.36
CA LEU D 179 -11.32 32.23 44.04
C LEU D 179 -10.87 30.90 43.47
N LEU D 180 -10.43 29.99 44.33
CA LEU D 180 -9.89 28.69 43.90
C LEU D 180 -10.89 27.54 44.03
N ARG D 181 -12.15 27.84 44.36
CA ARG D 181 -13.19 26.82 44.46
C ARG D 181 -13.60 26.34 43.05
N THR D 182 -14.38 25.26 42.99
CA THR D 182 -15.00 24.82 41.75
C THR D 182 -16.41 24.31 41.99
N ASP D 183 -17.39 24.96 41.37
CA ASP D 183 -18.76 24.48 41.34
C ASP D 183 -19.02 23.89 39.96
N SER D 184 -19.53 22.67 39.91
CA SER D 184 -19.74 21.98 38.64
C SER D 184 -21.05 22.39 37.99
N PRO D 185 -21.13 22.34 36.65
CA PRO D 185 -22.37 22.67 35.95
C PRO D 185 -23.44 21.58 36.06
N LYS D 186 -24.69 21.99 36.22
CA LYS D 186 -25.84 21.09 36.11
C LYS D 186 -26.51 21.40 34.77
N ALA D 187 -26.72 20.37 33.96
CA ALA D 187 -27.18 20.58 32.58
C ALA D 187 -28.53 19.95 32.29
N HIS D 188 -29.20 20.48 31.27
CA HIS D 188 -30.41 19.86 30.72
C HIS D 188 -30.64 20.36 29.30
N VAL D 189 -31.48 19.65 28.55
CA VAL D 189 -31.70 19.96 27.15
C VAL D 189 -33.18 20.25 26.89
N THR D 190 -33.46 21.37 26.22
CA THR D 190 -34.83 21.78 25.94
C THR D 190 -35.15 21.65 24.45
N HIS D 191 -36.41 21.34 24.15
CA HIS D 191 -36.87 21.10 22.79
C HIS D 191 -37.81 22.20 22.34
N HIS D 192 -37.67 22.63 21.08
CA HIS D 192 -38.47 23.72 20.53
C HIS D 192 -38.86 23.47 19.07
N PRO D 193 -40.18 23.43 18.77
CA PRO D 193 -40.63 23.48 17.38
C PRO D 193 -40.10 24.71 16.67
N ARG D 194 -39.70 24.55 15.41
CA ARG D 194 -38.97 25.60 14.69
C ARG D 194 -39.65 25.85 13.34
N SER D 195 -39.17 25.22 12.27
CA SER D 195 -39.79 25.33 10.95
C SER D 195 -40.40 23.98 10.57
N LYS D 196 -41.02 23.92 9.39
CA LYS D 196 -41.61 22.68 8.90
C LYS D 196 -40.62 21.51 9.03
N GLY D 197 -41.00 20.52 9.82
CA GLY D 197 -40.21 19.30 9.98
C GLY D 197 -38.84 19.49 10.59
N GLU D 198 -38.67 20.56 11.39
CA GLU D 198 -37.39 20.84 12.05
C GLU D 198 -37.58 21.33 13.48
N VAL D 199 -36.55 21.15 14.30
CA VAL D 199 -36.61 21.46 15.73
C VAL D 199 -35.30 22.05 16.24
N THR D 200 -35.40 22.99 17.18
CA THR D 200 -34.23 23.50 17.89
C THR D 200 -34.00 22.72 19.18
N LEU D 201 -32.77 22.26 19.38
CA LEU D 201 -32.35 21.66 20.65
C LEU D 201 -31.39 22.63 21.31
N ARG D 202 -31.68 23.00 22.55
CA ARG D 202 -30.83 23.91 23.33
C ARG D 202 -30.30 23.22 24.58
N CYS D 203 -28.98 23.11 24.67
CA CYS D 203 -28.32 22.53 25.82
C CYS D 203 -27.91 23.62 26.79
N TRP D 204 -28.35 23.51 28.04
CA TRP D 204 -28.04 24.51 29.08
C TRP D 204 -27.00 23.98 30.05
N ALA D 205 -26.21 24.89 30.59
CA ALA D 205 -25.26 24.60 31.66
C ALA D 205 -25.44 25.70 32.71
N LEU D 206 -25.75 25.31 33.94
CA LEU D 206 -26.07 26.28 35.00
C LEU D 206 -25.24 26.06 36.26
N GLY D 207 -25.15 27.13 37.07
CA GLY D 207 -24.57 27.06 38.42
C GLY D 207 -23.13 26.62 38.52
N PHE D 208 -22.28 27.06 37.58
CA PHE D 208 -20.87 26.65 37.59
C PHE D 208 -19.92 27.81 37.88
N TYR D 209 -18.71 27.47 38.32
CA TYR D 209 -17.67 28.43 38.62
C TYR D 209 -16.29 27.74 38.59
N PRO D 210 -15.29 28.38 37.94
CA PRO D 210 -15.31 29.66 37.26
C PRO D 210 -15.91 29.59 35.86
N ALA D 211 -15.94 30.72 35.15
CA ALA D 211 -16.66 30.86 33.88
C ALA D 211 -16.16 29.94 32.76
N ASP D 212 -14.88 29.57 32.80
CA ASP D 212 -14.27 28.73 31.75
C ASP D 212 -15.08 27.46 31.56
N ILE D 213 -15.60 27.29 30.35
CA ILE D 213 -16.46 26.15 30.04
C ILE D 213 -16.58 25.97 28.52
N THR D 214 -16.68 24.72 28.09
CA THR D 214 -16.89 24.41 26.68
C THR D 214 -18.12 23.54 26.52
N LEU D 215 -19.09 24.05 25.76
CA LEU D 215 -20.28 23.28 25.37
C LEU D 215 -20.21 23.02 23.88
N THR D 216 -20.52 21.79 23.48
CA THR D 216 -20.54 21.42 22.07
C THR D 216 -21.65 20.42 21.85
N TRP D 217 -22.28 20.49 20.68
CA TRP D 217 -23.21 19.47 20.24
C TRP D 217 -22.46 18.44 19.41
N GLN D 218 -22.95 17.21 19.40
CA GLN D 218 -22.35 16.15 18.59
C GLN D 218 -23.44 15.31 17.92
N LEU D 219 -23.15 14.85 16.70
CA LEU D 219 -24.06 14.03 15.91
C LEU D 219 -23.47 12.63 15.77
N ASN D 220 -24.20 11.64 16.28
CA ASN D 220 -23.78 10.24 16.25
C ASN D 220 -22.39 10.01 16.83
N GLY D 221 -22.09 10.68 17.95
CA GLY D 221 -20.81 10.52 18.63
C GLY D 221 -19.70 11.45 18.21
N GLU D 222 -19.86 12.11 17.06
CA GLU D 222 -18.82 13.03 16.57
C GLU D 222 -19.23 14.48 16.76
N GLU D 223 -18.25 15.31 17.11
CA GLU D 223 -18.44 16.74 17.37
C GLU D 223 -19.20 17.43 16.24
N LEU D 224 -20.05 18.39 16.61
CA LEU D 224 -20.86 19.14 15.65
C LEU D 224 -20.97 20.60 16.06
N THR D 225 -20.39 21.49 15.25
CA THR D 225 -20.43 22.94 15.50
C THR D 225 -21.07 23.75 14.36
N GLN D 226 -21.28 23.13 13.20
CA GLN D 226 -21.98 23.76 12.09
C GLN D 226 -23.35 24.34 12.48
N ASP D 227 -23.50 25.65 12.29
CA ASP D 227 -24.75 26.38 12.58
C ASP D 227 -25.15 26.34 14.05
N MET D 228 -24.18 26.14 14.93
CA MET D 228 -24.43 26.05 16.37
C MET D 228 -24.42 27.44 16.99
N GLU D 229 -25.58 27.93 17.39
CA GLU D 229 -25.67 29.21 18.08
C GLU D 229 -25.15 29.06 19.51
N LEU D 230 -24.50 30.09 20.02
CA LEU D 230 -23.81 30.02 21.31
C LEU D 230 -23.82 31.40 21.97
N VAL D 231 -24.48 31.53 23.13
CA VAL D 231 -24.44 32.79 23.88
C VAL D 231 -23.14 32.93 24.67
N GLU D 232 -22.78 34.18 24.97
CA GLU D 232 -21.61 34.46 25.79
C GLU D 232 -21.87 34.00 27.22
N THR D 233 -20.85 33.47 27.88
CA THR D 233 -20.96 33.08 29.28
C THR D 233 -21.32 34.30 30.13
N ARG D 234 -22.24 34.13 31.05
CA ARG D 234 -22.86 35.27 31.72
C ARG D 234 -23.19 34.97 33.18
N PRO D 235 -23.07 35.98 34.07
CA PRO D 235 -23.30 35.80 35.50
C PRO D 235 -24.77 35.58 35.84
N ALA D 236 -25.03 34.66 36.77
CA ALA D 236 -26.39 34.33 37.20
C ALA D 236 -26.80 35.08 38.47
N GLY D 237 -25.94 35.99 38.93
CA GLY D 237 -26.31 36.94 39.99
C GLY D 237 -25.95 36.54 41.41
N ASP D 238 -25.30 35.39 41.58
CA ASP D 238 -24.88 34.92 42.90
C ASP D 238 -23.45 34.37 42.92
N GLY D 239 -22.62 34.85 41.99
CA GLY D 239 -21.22 34.43 41.91
C GLY D 239 -20.93 33.33 40.90
N THR D 240 -21.93 32.54 40.54
CA THR D 240 -21.75 31.48 39.53
C THR D 240 -22.23 31.93 38.15
N PHE D 241 -21.85 31.17 37.13
CA PHE D 241 -22.08 31.56 35.74
C PHE D 241 -23.05 30.60 35.02
N GLN D 242 -23.40 30.98 33.79
CA GLN D 242 -24.41 30.29 33.01
C GLN D 242 -24.02 30.30 31.53
N LYS D 243 -24.52 29.32 30.77
CA LYS D 243 -24.26 29.26 29.33
C LYS D 243 -25.20 28.28 28.62
N TRP D 244 -25.52 28.56 27.36
CA TRP D 244 -26.17 27.58 26.52
C TRP D 244 -25.63 27.53 25.10
N ALA D 245 -25.91 26.41 24.44
CA ALA D 245 -25.59 26.18 23.04
C ALA D 245 -26.78 25.50 22.39
N SER D 246 -27.14 25.92 21.18
CA SER D 246 -28.30 25.37 20.49
C SER D 246 -27.95 24.94 19.07
N VAL D 247 -28.73 24.01 18.53
CA VAL D 247 -28.54 23.53 17.16
C VAL D 247 -29.88 23.10 16.58
N VAL D 248 -30.06 23.31 15.27
CA VAL D 248 -31.32 22.97 14.59
C VAL D 248 -31.22 21.56 14.01
N VAL D 249 -32.23 20.74 14.30
CA VAL D 249 -32.18 19.30 14.04
C VAL D 249 -33.50 18.82 13.44
N PRO D 250 -33.45 17.87 12.48
CA PRO D 250 -34.68 17.39 11.85
C PRO D 250 -35.65 16.74 12.84
N LEU D 251 -36.95 16.92 12.62
CA LEU D 251 -37.97 16.31 13.46
C LEU D 251 -37.90 14.79 13.34
N GLY D 252 -37.99 14.12 14.48
CA GLY D 252 -37.90 12.66 14.50
C GLY D 252 -36.49 12.11 14.41
N LYS D 253 -35.49 12.97 14.58
CA LYS D 253 -34.08 12.54 14.61
C LYS D 253 -33.31 13.17 15.77
N GLU D 254 -34.02 13.47 16.85
CA GLU D 254 -33.40 14.06 18.04
C GLU D 254 -32.47 13.06 18.73
N GLN D 255 -32.86 11.78 18.69
CA GLN D 255 -32.14 10.67 19.32
C GLN D 255 -30.64 10.71 18.99
N ASN D 256 -30.35 10.96 17.71
CA ASN D 256 -28.98 10.92 17.19
C ASN D 256 -28.06 12.01 17.73
N TYR D 257 -28.62 13.09 18.27
CA TYR D 257 -27.81 14.20 18.78
C TYR D 257 -27.62 14.12 20.30
N THR D 258 -26.45 14.55 20.75
CA THR D 258 -26.12 14.61 22.18
C THR D 258 -25.27 15.84 22.48
N CYS D 259 -25.47 16.40 23.66
CA CYS D 259 -24.75 17.60 24.07
C CYS D 259 -23.56 17.22 24.93
N ARG D 260 -22.50 18.03 24.86
CA ARG D 260 -21.28 17.80 25.62
C ARG D 260 -20.88 19.02 26.44
N VAL D 261 -20.60 18.79 27.72
CA VAL D 261 -20.20 19.86 28.63
C VAL D 261 -18.88 19.50 29.33
N TYR D 262 -17.85 20.30 29.08
CA TYR D 262 -16.56 20.15 29.76
C TYR D 262 -16.38 21.31 30.74
N HIS D 263 -15.87 20.99 31.93
CA HIS D 263 -15.64 21.99 32.98
C HIS D 263 -14.69 21.40 34.01
N GLU D 264 -13.68 22.18 34.43
CA GLU D 264 -12.62 21.69 35.32
C GLU D 264 -13.11 21.15 36.67
N GLY D 265 -14.34 21.49 37.04
CA GLY D 265 -14.95 20.97 38.26
C GLY D 265 -15.55 19.58 38.13
N LEU D 266 -15.75 19.11 36.90
CA LEU D 266 -16.38 17.81 36.66
C LEU D 266 -15.39 16.66 36.80
N PRO D 267 -15.85 15.52 37.35
CA PRO D 267 -15.02 14.32 37.39
C PRO D 267 -14.95 13.62 36.03
N GLU D 268 -16.00 13.77 35.23
CA GLU D 268 -15.97 13.42 33.80
C GLU D 268 -16.87 14.38 33.04
N PRO D 269 -16.65 14.53 31.72
CA PRO D 269 -17.55 15.33 30.91
C PRO D 269 -18.99 14.82 30.95
N LEU D 270 -19.96 15.74 30.89
CA LEU D 270 -21.37 15.37 30.83
C LEU D 270 -21.77 15.11 29.39
N THR D 271 -22.59 14.08 29.18
CA THR D 271 -23.22 13.82 27.87
C THR D 271 -24.72 13.71 28.09
N LEU D 272 -25.49 14.57 27.42
CA LEU D 272 -26.94 14.61 27.63
C LEU D 272 -27.71 14.51 26.32
N ARG D 273 -28.97 14.05 26.44
N ARG D 273 -28.97 14.08 26.42
CA ARG D 273 -29.90 13.95 25.32
CA ARG D 273 -29.87 14.04 25.28
C ARG D 273 -31.21 14.66 25.69
C ARG D 273 -31.24 14.57 25.70
N TRP D 274 -32.10 14.81 24.72
CA TRP D 274 -33.47 15.23 24.98
C TRP D 274 -34.33 13.98 25.10
N GLU D 275 -35.17 13.94 26.13
CA GLU D 275 -36.20 12.89 26.27
C GLU D 275 -37.57 13.53 26.46
N PRO D 276 -38.60 13.02 25.76
CA PRO D 276 -39.95 13.55 25.93
C PRO D 276 -40.61 13.00 27.20
N MET E 1 -19.56 57.90 18.10
CA MET E 1 -19.51 56.43 18.25
C MET E 1 -20.66 55.96 19.16
N GLN E 2 -21.47 55.03 18.66
CA GLN E 2 -22.64 54.52 19.43
C GLN E 2 -22.98 53.07 19.10
N LYS E 3 -22.68 52.17 20.03
CA LYS E 3 -23.02 50.75 19.90
C LYS E 3 -24.30 50.47 20.67
N THR E 4 -25.20 49.67 20.10
CA THR E 4 -26.51 49.40 20.70
C THR E 4 -26.49 48.12 21.54
N PRO E 5 -27.11 48.14 22.73
CA PRO E 5 -27.10 47.03 23.69
C PRO E 5 -27.57 45.66 23.16
N GLN E 6 -27.17 44.61 23.87
CA GLN E 6 -27.74 43.27 23.74
C GLN E 6 -28.34 42.94 25.09
N ILE E 7 -29.65 42.67 25.13
CA ILE E 7 -30.38 42.51 26.38
C ILE E 7 -30.84 41.07 26.55
N GLN E 8 -30.36 40.43 27.62
CA GLN E 8 -30.68 39.04 27.91
C GLN E 8 -31.32 38.91 29.29
N VAL E 9 -32.51 38.30 29.33
CA VAL E 9 -33.20 38.02 30.59
C VAL E 9 -33.25 36.52 30.85
N TYR E 10 -32.75 36.11 32.01
CA TYR E 10 -32.68 34.70 32.39
C TYR E 10 -32.66 34.56 33.91
N SER E 11 -33.02 33.38 34.40
CA SER E 11 -33.05 33.10 35.82
C SER E 11 -31.84 32.26 36.23
N ARG E 12 -31.54 32.24 37.53
CA ARG E 12 -30.45 31.45 38.08
C ARG E 12 -30.75 29.96 37.95
N HIS E 13 -31.84 29.52 38.56
CA HIS E 13 -32.26 28.13 38.55
C HIS E 13 -33.31 27.88 37.48
N PRO E 14 -33.48 26.61 37.07
CA PRO E 14 -34.61 26.27 36.21
C PRO E 14 -35.90 26.75 36.86
N PRO E 15 -36.80 27.38 36.09
CA PRO E 15 -37.94 28.03 36.74
C PRO E 15 -38.97 27.01 37.23
N GLU E 16 -39.27 27.05 38.52
CA GLU E 16 -40.32 26.22 39.11
C GLU E 16 -41.22 27.11 39.97
N ASN E 17 -42.52 27.04 39.74
CA ASN E 17 -43.46 27.86 40.50
C ASN E 17 -43.31 27.65 42.00
N GLY E 18 -43.17 28.74 42.74
CA GLY E 18 -43.18 28.70 44.20
C GLY E 18 -41.82 28.49 44.83
N LYS E 19 -40.77 28.45 44.02
CA LYS E 19 -39.42 28.27 44.54
C LYS E 19 -38.57 29.52 44.30
N PRO E 20 -37.94 30.04 45.37
CA PRO E 20 -37.14 31.27 45.22
C PRO E 20 -35.99 31.12 44.23
N ASN E 21 -35.77 32.17 43.46
CA ASN E 21 -34.86 32.16 42.33
C ASN E 21 -34.27 33.56 42.19
N ILE E 22 -33.41 33.75 41.18
CA ILE E 22 -32.85 35.07 40.88
C ILE E 22 -33.08 35.37 39.40
N LEU E 23 -33.65 36.53 39.10
CA LEU E 23 -33.86 36.95 37.71
C LEU E 23 -32.78 37.95 37.32
N ASN E 24 -32.04 37.64 36.25
CA ASN E 24 -30.94 38.46 35.77
C ASN E 24 -31.30 39.19 34.50
N CYS E 25 -31.02 40.49 34.46
CA CYS E 25 -31.05 41.26 33.22
C CYS E 25 -29.62 41.67 32.91
N TYR E 26 -29.10 41.15 31.81
CA TYR E 26 -27.70 41.33 31.45
C TYR E 26 -27.62 42.12 30.16
N VAL E 27 -27.09 43.35 30.25
CA VAL E 27 -26.97 44.24 29.10
C VAL E 27 -25.50 44.37 28.71
N THR E 28 -25.19 44.11 27.44
CA THR E 28 -23.80 44.16 26.98
C THR E 28 -23.68 44.75 25.56
N GLN E 29 -22.43 45.01 25.14
CA GLN E 29 -22.13 45.53 23.82
C GLN E 29 -22.75 46.92 23.59
N PHE E 30 -22.63 47.81 24.57
CA PHE E 30 -23.10 49.19 24.41
C PHE E 30 -22.04 50.23 24.75
N HIS E 31 -22.26 51.44 24.24
CA HIS E 31 -21.35 52.57 24.41
C HIS E 31 -22.06 53.81 23.89
N PRO E 32 -21.98 54.95 24.62
CA PRO E 32 -21.29 55.25 25.88
C PRO E 32 -21.88 54.52 27.09
N PRO E 33 -21.19 54.56 28.25
CA PRO E 33 -21.58 53.75 29.39
C PRO E 33 -22.89 54.13 30.08
N HIS E 34 -23.37 55.37 29.89
CA HIS E 34 -24.62 55.79 30.51
C HIS E 34 -25.79 54.92 30.02
N ILE E 35 -26.48 54.28 30.96
CA ILE E 35 -27.58 53.39 30.62
C ILE E 35 -28.61 53.38 31.76
N GLU E 36 -29.87 53.15 31.40
CA GLU E 36 -30.98 53.16 32.35
C GLU E 36 -31.70 51.83 32.31
N ILE E 37 -31.63 51.09 33.41
CA ILE E 37 -32.19 49.74 33.48
C ILE E 37 -33.18 49.62 34.63
N GLN E 38 -34.31 48.99 34.37
CA GLN E 38 -35.27 48.66 35.42
C GLN E 38 -36.02 47.36 35.13
N MET E 39 -36.14 46.51 36.15
CA MET E 39 -36.80 45.22 36.02
C MET E 39 -38.26 45.37 36.43
N LEU E 40 -39.14 44.64 35.74
CA LEU E 40 -40.58 44.85 35.86
C LEU E 40 -41.36 43.55 36.06
N LYS E 41 -42.32 43.58 36.98
CA LYS E 41 -43.25 42.46 37.23
C LYS E 41 -44.67 42.90 36.91
N ASN E 42 -45.25 42.35 35.85
CA ASN E 42 -46.56 42.77 35.35
C ASN E 42 -46.67 44.28 35.12
N GLY E 43 -45.63 44.86 34.53
CA GLY E 43 -45.61 46.28 34.20
C GLY E 43 -45.11 47.18 35.32
N LYS E 44 -45.04 46.65 36.54
CA LYS E 44 -44.67 47.44 37.72
C LYS E 44 -43.21 47.22 38.08
N LYS E 45 -42.55 48.28 38.55
CA LYS E 45 -41.12 48.23 38.90
C LYS E 45 -40.85 47.37 40.13
N ILE E 46 -39.83 46.51 40.04
CA ILE E 46 -39.44 45.67 41.16
C ILE E 46 -38.54 46.49 42.09
N PRO E 47 -38.93 46.66 43.37
CA PRO E 47 -38.29 47.64 44.25
C PRO E 47 -36.82 47.37 44.60
N LYS E 48 -36.52 46.14 45.03
CA LYS E 48 -35.16 45.76 45.42
C LYS E 48 -34.43 45.14 44.24
N VAL E 49 -33.63 45.95 43.54
CA VAL E 49 -32.84 45.47 42.41
C VAL E 49 -31.38 45.87 42.57
N GLU E 50 -30.49 44.89 42.54
CA GLU E 50 -29.06 45.12 42.77
C GLU E 50 -28.29 45.15 41.46
N MET E 51 -27.54 46.24 41.25
CA MET E 51 -26.77 46.44 40.02
C MET E 51 -25.30 46.13 40.28
N SER E 52 -24.74 45.19 39.52
CA SER E 52 -23.30 45.02 39.49
C SER E 52 -22.75 46.24 38.76
N ASP E 53 -21.58 46.71 39.21
CA ASP E 53 -21.04 47.97 38.72
C ASP E 53 -20.63 47.86 37.24
N MET E 54 -20.29 49.00 36.64
N MET E 54 -20.30 49.01 36.64
CA MET E 54 -20.03 49.03 35.20
CA MET E 54 -19.95 49.09 35.23
C MET E 54 -18.58 48.61 34.89
C MET E 54 -18.56 48.50 34.95
N SER E 55 -18.42 47.87 33.80
CA SER E 55 -17.11 47.40 33.31
C SER E 55 -17.17 47.21 31.79
N PHE E 56 -16.09 46.70 31.19
CA PHE E 56 -16.06 46.54 29.74
C PHE E 56 -15.14 45.42 29.26
N SER E 57 -15.50 44.81 28.13
CA SER E 57 -14.74 43.71 27.56
C SER E 57 -13.55 44.24 26.73
N LYS E 58 -12.76 43.35 26.17
CA LYS E 58 -11.55 43.74 25.43
C LYS E 58 -11.84 44.46 24.09
N ASP E 59 -13.10 44.46 23.65
CA ASP E 59 -13.51 45.30 22.52
C ASP E 59 -14.00 46.67 22.99
N TRP E 60 -13.86 46.93 24.29
CA TRP E 60 -14.14 48.24 24.92
C TRP E 60 -15.62 48.51 25.26
N SER E 61 -16.54 47.75 24.66
CA SER E 61 -17.96 47.94 24.90
C SER E 61 -18.31 47.59 26.35
N PHE E 62 -19.24 48.35 26.92
CA PHE E 62 -19.56 48.21 28.35
C PHE E 62 -20.58 47.12 28.60
N TYR E 63 -20.60 46.63 29.84
CA TYR E 63 -21.59 45.65 30.26
C TYR E 63 -22.06 45.90 31.70
N ILE E 64 -23.24 45.41 32.01
CA ILE E 64 -23.84 45.60 33.32
C ILE E 64 -24.88 44.52 33.59
N LEU E 65 -24.95 44.07 34.85
CA LEU E 65 -25.91 43.08 35.30
C LEU E 65 -26.84 43.70 36.33
N ALA E 66 -28.13 43.53 36.11
CA ALA E 66 -29.14 43.85 37.11
C ALA E 66 -29.77 42.53 37.56
N HIS E 67 -29.86 42.31 38.86
CA HIS E 67 -30.45 41.08 39.38
C HIS E 67 -31.24 41.30 40.66
N THR E 68 -32.32 40.53 40.80
CA THR E 68 -33.20 40.60 41.96
C THR E 68 -33.70 39.21 42.33
N GLU E 69 -33.96 39.00 43.62
CA GLU E 69 -34.48 37.74 44.12
C GLU E 69 -35.99 37.71 43.91
N PHE E 70 -36.49 36.62 43.34
CA PHE E 70 -37.92 36.52 43.00
C PHE E 70 -38.37 35.06 43.01
N THR E 71 -39.68 34.87 43.12
CA THR E 71 -40.28 33.55 43.06
C THR E 71 -41.30 33.52 41.91
N PRO E 72 -41.04 32.68 40.90
CA PRO E 72 -41.98 32.58 39.78
C PRO E 72 -43.38 32.11 40.18
N THR E 73 -44.37 32.61 39.47
CA THR E 73 -45.71 32.02 39.45
C THR E 73 -46.07 31.79 37.98
N GLU E 74 -47.13 31.02 37.77
CA GLU E 74 -47.55 30.64 36.42
C GLU E 74 -48.03 31.85 35.61
N THR E 75 -48.65 32.82 36.29
CA THR E 75 -49.33 33.93 35.63
C THR E 75 -48.57 35.27 35.62
N ASP E 76 -47.45 35.36 36.32
CA ASP E 76 -46.67 36.60 36.36
C ASP E 76 -45.77 36.74 35.14
N THR E 77 -45.79 37.92 34.51
CA THR E 77 -44.86 38.24 33.42
C THR E 77 -43.71 39.07 33.99
N TYR E 78 -42.48 38.75 33.59
CA TYR E 78 -41.30 39.48 34.04
C TYR E 78 -40.57 40.09 32.84
N ALA E 79 -40.04 41.29 33.03
CA ALA E 79 -39.42 42.01 31.93
C ALA E 79 -38.28 42.91 32.40
N CYS E 80 -37.44 43.29 31.44
CA CYS E 80 -36.37 44.25 31.68
C CYS E 80 -36.51 45.37 30.66
N ARG E 81 -36.64 46.60 31.15
CA ARG E 81 -36.70 47.78 30.28
C ARG E 81 -35.36 48.49 30.34
N VAL E 82 -34.78 48.75 29.17
CA VAL E 82 -33.45 49.32 29.06
C VAL E 82 -33.47 50.51 28.12
N LYS E 83 -33.01 51.67 28.60
CA LYS E 83 -32.92 52.88 27.78
C LYS E 83 -31.45 53.26 27.58
N HIS E 84 -31.11 53.60 26.34
CA HIS E 84 -29.77 54.02 25.96
C HIS E 84 -29.85 55.15 24.94
N ALA E 85 -28.78 55.92 24.82
CA ALA E 85 -28.72 56.99 23.83
C ALA E 85 -28.81 56.47 22.39
N SER E 86 -28.39 55.23 22.19
CA SER E 86 -28.35 54.63 20.84
C SER E 86 -29.74 54.35 20.31
N MET E 87 -30.62 53.85 21.16
CA MET E 87 -31.99 53.52 20.76
C MET E 87 -32.88 54.76 20.85
N ALA E 88 -33.87 54.83 19.95
CA ALA E 88 -34.82 55.94 19.93
C ALA E 88 -35.76 55.91 21.14
N GLU E 89 -36.11 54.71 21.59
CA GLU E 89 -37.03 54.54 22.72
C GLU E 89 -36.67 53.31 23.56
N PRO E 90 -37.24 53.20 24.78
CA PRO E 90 -36.86 52.08 25.65
C PRO E 90 -37.23 50.71 25.08
N LYS E 91 -36.31 49.75 25.20
CA LYS E 91 -36.53 48.40 24.72
C LYS E 91 -36.87 47.49 25.89
N THR E 92 -38.08 46.93 25.88
CA THR E 92 -38.52 46.01 26.93
C THR E 92 -38.30 44.58 26.47
N VAL E 93 -37.42 43.86 27.17
CA VAL E 93 -37.14 42.45 26.89
C VAL E 93 -37.78 41.60 27.99
N TYR E 94 -38.76 40.79 27.60
CA TYR E 94 -39.48 39.94 28.54
C TYR E 94 -38.76 38.62 28.79
N TRP E 95 -38.93 38.10 30.00
CA TRP E 95 -38.34 36.83 30.39
C TRP E 95 -39.04 35.69 29.68
N ASP E 96 -38.26 34.69 29.28
CA ASP E 96 -38.80 33.51 28.59
C ASP E 96 -38.50 32.26 29.43
N ARG E 97 -39.55 31.67 30.00
CA ARG E 97 -39.42 30.50 30.87
C ARG E 97 -38.93 29.27 30.12
N ASP E 98 -39.75 28.77 29.22
CA ASP E 98 -39.53 27.46 28.58
C ASP E 98 -38.32 27.37 27.65
N MET E 99 -37.63 28.49 27.44
CA MET E 99 -36.45 28.51 26.57
C MET E 99 -35.40 27.49 27.00
N PHE F 1 -3.92 45.84 43.42
CA PHE F 1 -2.82 46.86 43.39
C PHE F 1 -2.85 47.59 42.04
N ALA F 2 -3.40 48.80 42.06
CA ALA F 2 -3.61 49.57 40.83
C ALA F 2 -2.33 50.21 40.30
N PRO F 3 -2.25 50.42 38.97
CA PRO F 3 -1.12 51.08 38.35
C PRO F 3 -1.22 52.61 38.39
N GLY F 4 -0.08 53.28 38.36
CA GLY F 4 -0.02 54.72 38.21
C GLY F 4 0.57 55.04 36.85
N ASN F 5 -0.21 55.73 36.02
CA ASN F 5 0.27 56.13 34.69
C ASN F 5 1.36 57.18 34.82
N TYR F 6 2.34 57.14 33.92
CA TYR F 6 3.51 58.00 34.00
C TYR F 6 3.95 58.41 32.60
O PRQ F 7 1.61 60.09 30.10
C PRQ F 7 1.75 61.21 30.62
CAJ PRQ F 7 3.15 61.68 31.12
CA PRQ F 7 4.18 60.55 31.22
N PRQ F 7 3.80 59.64 32.31
CAK PRQ F 7 5.57 61.14 31.46
CAH PRQ F 7 6.03 61.35 32.77
CAF PRQ F 7 7.30 61.89 32.99
CAG PRQ F 7 8.11 62.22 31.91
CAI PRQ F 7 7.66 62.02 30.61
CAL PRQ F 7 6.39 61.49 30.38
NAN PRQ F 7 5.99 61.31 29.12
OAD PRQ F 7 5.58 60.09 28.68
OAC PRQ F 7 6.01 62.37 28.25
N ALA F 8 0.78 62.02 30.39
CA ALA F 8 -0.56 62.07 29.73
C ALA F 8 -0.45 61.63 28.27
N LEU F 9 -1.58 61.24 27.69
CA LEU F 9 -1.66 60.87 26.28
C LEU F 9 -1.27 62.04 25.38
N GLY G 1 11.76 -44.33 -10.36
CA GLY G 1 11.93 -42.89 -10.03
C GLY G 1 10.60 -42.17 -9.94
N PRO G 2 9.80 -42.46 -8.89
CA PRO G 2 8.47 -41.87 -8.76
C PRO G 2 8.53 -40.39 -8.36
N HIS G 3 7.79 -39.55 -9.08
CA HIS G 3 7.80 -38.12 -8.85
C HIS G 3 7.12 -37.77 -7.52
N SER G 4 7.61 -36.72 -6.87
CA SER G 4 7.22 -36.41 -5.49
C SER G 4 7.19 -34.92 -5.18
N MET G 5 6.30 -34.54 -4.26
CA MET G 5 6.29 -33.20 -3.67
C MET G 5 6.27 -33.34 -2.15
N ARG G 6 7.01 -32.49 -1.46
CA ARG G 6 7.17 -32.56 -0.01
C ARG G 6 7.25 -31.18 0.61
N TYR G 7 6.67 -31.04 1.81
CA TYR G 7 6.82 -29.82 2.60
C TYR G 7 7.37 -30.16 3.98
N PHE G 8 8.57 -29.66 4.27
CA PHE G 8 9.23 -29.88 5.55
C PHE G 8 9.06 -28.64 6.41
N GLU G 9 8.27 -28.76 7.48
CA GLU G 9 7.90 -27.64 8.32
C GLU G 9 8.38 -27.86 9.76
N THR G 10 9.05 -26.85 10.33
CA THR G 10 9.57 -26.94 11.69
C THR G 10 9.26 -25.67 12.46
N ALA G 11 8.91 -25.83 13.73
CA ALA G 11 8.70 -24.70 14.64
C ALA G 11 9.52 -24.93 15.90
N VAL G 12 10.33 -23.93 16.28
CA VAL G 12 11.18 -24.03 17.46
C VAL G 12 10.84 -22.93 18.44
N SER G 13 10.34 -23.31 19.62
CA SER G 13 10.10 -22.38 20.71
C SER G 13 11.44 -22.01 21.35
N ARG G 14 11.44 -20.93 22.11
CA ARG G 14 12.68 -20.37 22.64
C ARG G 14 12.41 -19.41 23.79
N PRO G 15 13.36 -19.30 24.73
CA PRO G 15 13.15 -18.48 25.93
C PRO G 15 13.24 -16.98 25.64
N GLY G 16 12.26 -16.23 26.15
CA GLY G 16 12.26 -14.77 26.02
C GLY G 16 11.37 -14.23 24.92
N LEU G 17 11.18 -15.01 23.85
CA LEU G 17 10.36 -14.60 22.71
C LEU G 17 8.98 -15.25 22.76
N GLU G 18 7.94 -14.49 22.40
CA GLU G 18 6.59 -15.03 22.28
C GLU G 18 6.48 -15.92 21.06
N GLU G 19 6.73 -15.35 19.89
CA GLU G 19 6.67 -16.09 18.63
C GLU G 19 7.78 -17.11 18.57
N PRO G 20 7.45 -18.38 18.27
CA PRO G 20 8.48 -19.36 18.02
C PRO G 20 8.97 -19.29 16.57
N ARG G 21 10.24 -19.60 16.36
CA ARG G 21 10.83 -19.62 15.02
C ARG G 21 10.14 -20.70 14.18
N TYR G 22 9.43 -20.28 13.13
CA TYR G 22 8.75 -21.20 12.22
C TYR G 22 9.38 -21.16 10.82
N ILE G 23 9.89 -22.31 10.37
CA ILE G 23 10.50 -22.44 9.06
C ILE G 23 9.79 -23.53 8.27
N SER G 24 9.52 -23.26 6.99
CA SER G 24 8.84 -24.21 6.11
C SER G 24 9.50 -24.23 4.74
N VAL G 25 9.89 -25.42 4.28
CA VAL G 25 10.60 -25.58 3.01
C VAL G 25 9.89 -26.64 2.14
N GLY G 26 9.71 -26.32 0.87
CA GLY G 26 9.03 -27.20 -0.07
C GLY G 26 9.97 -27.77 -1.13
N TYR G 27 9.75 -29.04 -1.49
CA TYR G 27 10.57 -29.72 -2.51
C TYR G 27 9.70 -30.35 -3.59
N VAL G 28 10.21 -30.32 -4.83
CA VAL G 28 9.63 -31.09 -5.94
C VAL G 28 10.70 -32.03 -6.45
N ASP G 29 10.42 -33.33 -6.43
CA ASP G 29 11.39 -34.37 -6.82
C ASP G 29 12.75 -34.15 -6.13
N ASN G 30 12.70 -33.80 -4.85
CA ASN G 30 13.91 -33.49 -4.05
C ASN G 30 14.72 -32.30 -4.60
N LYS G 31 14.00 -31.24 -4.99
CA LYS G 31 14.63 -29.97 -5.39
C LYS G 31 13.83 -28.82 -4.76
N GLU G 32 14.48 -28.05 -3.89
CA GLU G 32 13.85 -26.96 -3.15
C GLU G 32 13.22 -25.94 -4.11
N PHE G 33 11.91 -25.73 -3.99
CA PHE G 33 11.20 -24.80 -4.87
C PHE G 33 10.53 -23.61 -4.16
N VAL G 34 10.06 -23.82 -2.93
CA VAL G 34 9.48 -22.72 -2.13
C VAL G 34 10.06 -22.69 -0.72
N ARG G 35 9.90 -21.57 -0.04
CA ARG G 35 10.54 -21.33 1.26
C ARG G 35 9.84 -20.24 2.06
N PHE G 36 9.65 -20.48 3.35
CA PHE G 36 9.12 -19.50 4.28
C PHE G 36 9.95 -19.45 5.57
N ASP G 37 10.06 -18.26 6.15
CA ASP G 37 10.79 -18.04 7.40
C ASP G 37 10.10 -16.97 8.23
N SER G 38 9.86 -17.27 9.50
CA SER G 38 9.14 -16.36 10.39
C SER G 38 9.99 -15.17 10.87
N ASP G 39 11.30 -15.22 10.63
CA ASP G 39 12.21 -14.13 11.02
C ASP G 39 12.72 -13.31 9.83
N ALA G 40 12.13 -13.53 8.65
CA ALA G 40 12.50 -12.76 7.46
C ALA G 40 11.95 -11.33 7.58
N GLU G 41 12.66 -10.37 7.00
CA GLU G 41 12.30 -8.95 7.10
C GLU G 41 10.83 -8.71 6.71
N ASN G 42 10.41 -9.29 5.60
CA ASN G 42 8.99 -9.32 5.23
C ASN G 42 8.52 -10.77 5.11
N PRO G 43 7.95 -11.33 6.20
CA PRO G 43 7.59 -12.74 6.23
C PRO G 43 6.60 -13.15 5.14
N ARG G 44 7.09 -13.88 4.14
CA ARG G 44 6.26 -14.39 3.06
C ARG G 44 6.93 -15.59 2.40
N TYR G 45 6.14 -16.41 1.71
CA TYR G 45 6.68 -17.51 0.93
C TYR G 45 7.43 -16.96 -0.29
N GLU G 46 8.70 -17.33 -0.43
CA GLU G 46 9.52 -16.86 -1.55
C GLU G 46 9.89 -18.02 -2.49
N PRO G 47 10.13 -17.71 -3.77
CA PRO G 47 10.51 -18.71 -4.75
C PRO G 47 11.98 -19.15 -4.61
N ARG G 48 12.19 -20.46 -4.51
CA ARG G 48 13.53 -21.05 -4.40
C ARG G 48 13.94 -21.78 -5.68
N ALA G 49 13.16 -21.59 -6.75
CA ALA G 49 13.48 -22.15 -8.05
C ALA G 49 13.09 -21.14 -9.14
N PRO G 50 13.89 -21.07 -10.23
CA PRO G 50 13.65 -20.09 -11.31
C PRO G 50 12.29 -20.23 -12.01
N TRP G 51 11.79 -21.46 -12.13
CA TRP G 51 10.53 -21.73 -12.83
C TRP G 51 9.27 -21.33 -12.05
N MET G 52 9.42 -20.95 -10.78
CA MET G 52 8.30 -20.49 -9.96
C MET G 52 7.96 -19.00 -10.17
N GLU G 53 8.70 -18.33 -11.05
CA GLU G 53 8.44 -16.93 -11.39
C GLU G 53 7.09 -16.76 -12.13
N GLN G 54 6.66 -17.80 -12.83
CA GLN G 54 5.44 -17.76 -13.63
C GLN G 54 4.16 -17.68 -12.78
N GLU G 55 4.27 -18.02 -11.49
CA GLU G 55 3.12 -18.00 -10.57
C GLU G 55 2.73 -16.56 -10.27
N GLY G 56 1.43 -16.26 -10.36
CA GLY G 56 0.94 -14.90 -10.13
C GLY G 56 1.05 -14.47 -8.68
N PRO G 57 0.90 -13.15 -8.41
CA PRO G 57 0.93 -12.66 -7.03
C PRO G 57 -0.15 -13.26 -6.14
N GLU G 58 -1.30 -13.56 -6.73
CA GLU G 58 -2.44 -14.14 -6.01
C GLU G 58 -2.11 -15.52 -5.44
N TYR G 59 -1.22 -16.26 -6.11
CA TYR G 59 -0.74 -17.55 -5.62
C TYR G 59 0.09 -17.40 -4.35
N TRP G 60 0.99 -16.41 -4.34
CA TRP G 60 1.88 -16.17 -3.20
C TRP G 60 1.10 -15.66 -1.98
N GLU G 61 -0.02 -14.97 -2.23
CA GLU G 61 -0.92 -14.54 -1.17
C GLU G 61 -1.43 -15.75 -0.40
N ARG G 62 -2.02 -16.70 -1.11
CA ARG G 62 -2.58 -17.92 -0.52
C ARG G 62 -1.57 -18.62 0.39
N GLU G 63 -0.37 -18.83 -0.15
CA GLU G 63 0.67 -19.58 0.57
C GLU G 63 1.07 -18.88 1.86
N THR G 64 1.32 -17.58 1.78
CA THR G 64 1.66 -16.78 2.95
C THR G 64 0.49 -16.74 3.94
N GLN G 65 -0.73 -16.70 3.41
CA GLN G 65 -1.95 -16.80 4.22
C GLN G 65 -1.93 -18.09 5.03
N LYS G 66 -1.57 -19.20 4.36
CA LYS G 66 -1.46 -20.50 5.01
C LYS G 66 -0.30 -20.55 6.00
N ALA G 67 0.82 -19.91 5.63
CA ALA G 67 2.03 -19.91 6.45
C ALA G 67 1.78 -19.32 7.84
N LYS G 68 1.12 -18.15 7.87
CA LYS G 68 0.82 -17.50 9.14
C LYS G 68 -0.24 -18.27 9.93
N GLY G 69 -1.08 -19.02 9.22
CA GLY G 69 -2.01 -19.94 9.86
C GLY G 69 -1.29 -21.11 10.53
N GLN G 70 -0.24 -21.59 9.88
CA GLN G 70 0.58 -22.68 10.42
C GLN G 70 1.34 -22.22 11.67
N GLU G 71 1.85 -20.99 11.65
CA GLU G 71 2.51 -20.41 12.83
C GLU G 71 1.61 -20.49 14.06
N GLN G 72 0.37 -20.03 13.91
CA GLN G 72 -0.63 -20.11 14.96
C GLN G 72 -0.89 -21.57 15.36
N TRP G 73 -1.02 -22.44 14.36
CA TRP G 73 -1.23 -23.86 14.58
C TRP G 73 -0.06 -24.47 15.37
N PHE G 74 1.16 -24.18 14.95
CA PHE G 74 2.37 -24.68 15.62
C PHE G 74 2.55 -24.06 17.02
N ARG G 75 2.30 -22.76 17.14
CA ARG G 75 2.45 -22.05 18.43
C ARG G 75 1.50 -22.61 19.48
N VAL G 76 0.27 -22.91 19.08
CA VAL G 76 -0.72 -23.51 19.98
C VAL G 76 -0.39 -24.98 20.21
N SER G 77 0.03 -25.67 19.15
CA SER G 77 0.43 -27.08 19.26
C SER G 77 1.53 -27.25 20.29
N LEU G 78 2.57 -26.41 20.22
CA LEU G 78 3.68 -26.46 21.17
C LEU G 78 3.24 -26.25 22.62
N ARG G 79 2.32 -25.31 22.84
CA ARG G 79 1.91 -24.94 24.19
C ARG G 79 1.08 -26.03 24.86
N ASN G 80 0.11 -26.60 24.15
CA ASN G 80 -0.67 -27.71 24.70
C ASN G 80 0.04 -29.06 24.58
N LEU G 81 1.10 -29.12 23.78
CA LEU G 81 2.01 -30.27 23.78
C LEU G 81 2.93 -30.16 25.00
N LEU G 82 3.22 -28.93 25.40
CA LEU G 82 3.91 -28.66 26.66
C LEU G 82 3.08 -29.18 27.83
N GLY G 83 1.77 -28.93 27.78
CA GLY G 83 0.86 -29.33 28.85
C GLY G 83 0.75 -30.83 29.10
N TYR G 84 1.01 -31.63 28.07
CA TYR G 84 0.89 -33.10 28.19
C TYR G 84 2.09 -33.70 28.92
N TYR G 85 3.28 -33.40 28.40
CA TYR G 85 4.53 -33.96 28.93
C TYR G 85 4.91 -33.21 30.21
N ASN G 86 4.26 -32.07 30.44
CA ASN G 86 4.45 -31.22 31.62
C ASN G 86 5.72 -31.50 32.43
N GLN G 87 6.91 -31.02 32.03
CA GLN G 87 7.22 -30.12 30.89
C GLN G 87 7.19 -28.64 31.31
N SER G 88 8.38 -28.11 31.58
CA SER G 88 8.55 -26.80 32.20
C SER G 88 8.63 -25.69 31.15
N ALA G 89 8.20 -24.49 31.54
CA ALA G 89 8.25 -23.32 30.66
C ALA G 89 9.66 -22.73 30.62
N GLY G 90 9.86 -21.77 29.71
CA GLY G 90 11.16 -21.11 29.55
C GLY G 90 12.27 -22.02 29.06
N GLY G 91 11.92 -22.93 28.16
CA GLY G 91 12.88 -23.84 27.53
C GLY G 91 12.67 -23.92 26.03
N SER G 92 13.66 -24.47 25.32
CA SER G 92 13.58 -24.60 23.87
C SER G 92 13.06 -25.99 23.50
N HIS G 93 12.05 -26.03 22.63
CA HIS G 93 11.46 -27.29 22.17
C HIS G 93 11.15 -27.21 20.68
N THR G 94 11.19 -28.36 20.01
CA THR G 94 11.06 -28.42 18.55
C THR G 94 9.87 -29.29 18.13
N LEU G 95 9.14 -28.84 17.10
CA LEU G 95 8.04 -29.60 16.52
C LEU G 95 8.17 -29.61 15.00
N GLN G 96 8.30 -30.81 14.42
CA GLN G 96 8.49 -30.96 12.98
C GLN G 96 7.25 -31.54 12.30
N GLN G 97 7.11 -31.27 11.00
CA GLN G 97 6.03 -31.82 10.18
C GLN G 97 6.51 -32.09 8.76
N MET G 98 6.41 -33.34 8.33
CA MET G 98 6.71 -33.73 6.96
C MET G 98 5.40 -34.13 6.30
N SER G 99 5.05 -33.44 5.22
CA SER G 99 3.81 -33.69 4.50
C SER G 99 4.06 -33.66 3.00
N GLY G 100 3.49 -34.62 2.27
CA GLY G 100 3.70 -34.69 0.82
C GLY G 100 2.99 -35.86 0.15
N CYS G 101 3.22 -36.00 -1.15
CA CYS G 101 2.58 -37.04 -1.94
C CYS G 101 3.50 -37.60 -3.02
N ASP G 102 3.37 -38.90 -3.28
CA ASP G 102 4.15 -39.59 -4.31
C ASP G 102 3.26 -39.93 -5.50
N LEU G 103 3.74 -39.60 -6.70
CA LEU G 103 3.08 -39.98 -7.94
C LEU G 103 3.82 -41.15 -8.58
N GLY G 104 3.07 -42.07 -9.18
CA GLY G 104 3.65 -43.23 -9.85
C GLY G 104 4.29 -42.89 -11.17
N SER G 105 4.47 -43.89 -12.01
CA SER G 105 5.04 -43.72 -13.35
C SER G 105 4.11 -42.90 -14.25
N ASP G 106 2.80 -43.13 -14.11
CA ASP G 106 1.79 -42.43 -14.92
C ASP G 106 0.40 -42.56 -14.29
N TRP G 107 -0.12 -41.51 -13.64
CA TRP G 107 0.60 -40.29 -13.27
C TRP G 107 -0.17 -39.63 -12.12
N ARG G 108 -0.53 -40.43 -11.13
CA ARG G 108 -1.39 -40.01 -10.02
C ARG G 108 -0.93 -40.64 -8.70
N LEU G 109 -1.67 -40.38 -7.63
CA LEU G 109 -1.25 -40.76 -6.27
C LEU G 109 -0.89 -42.23 -6.14
N LEU G 110 0.34 -42.49 -5.67
CA LEU G 110 0.78 -43.83 -5.30
C LEU G 110 0.63 -43.97 -3.79
N ARG G 111 1.18 -43.02 -3.05
CA ARG G 111 1.07 -42.99 -1.60
C ARG G 111 1.12 -41.55 -1.07
N GLY G 112 0.31 -41.28 -0.05
CA GLY G 112 0.32 -39.98 0.63
C GLY G 112 1.19 -40.02 1.88
N TYR G 113 1.69 -38.85 2.26
CA TYR G 113 2.54 -38.72 3.46
C TYR G 113 2.10 -37.53 4.31
N LEU G 114 1.92 -37.78 5.60
CA LEU G 114 1.68 -36.72 6.57
C LEU G 114 1.95 -37.23 7.98
N GLN G 115 2.93 -36.64 8.64
CA GLN G 115 3.37 -37.13 9.96
C GLN G 115 4.13 -36.04 10.73
N PHE G 116 4.10 -36.16 12.05
CA PHE G 116 4.68 -35.15 12.94
C PHE G 116 5.70 -35.77 13.88
N ALA G 117 6.52 -34.91 14.47
CA ALA G 117 7.52 -35.34 15.46
C ALA G 117 7.78 -34.25 16.49
N TYR G 118 8.12 -34.66 17.71
CA TYR G 118 8.39 -33.74 18.80
C TYR G 118 9.72 -34.09 19.47
N GLU G 119 10.64 -33.14 19.50
CA GLU G 119 12.00 -33.33 20.02
C GLU G 119 12.77 -34.37 19.19
N GLY G 120 12.55 -34.35 17.88
CA GLY G 120 13.19 -35.31 16.97
C GLY G 120 12.66 -36.73 17.09
N ARG G 121 11.61 -36.93 17.88
CA ARG G 121 11.02 -38.25 18.12
C ARG G 121 9.67 -38.35 17.42
N ASP G 122 9.37 -39.52 16.87
CA ASP G 122 8.04 -39.78 16.30
C ASP G 122 6.94 -39.37 17.29
N TYR G 123 6.00 -38.56 16.82
CA TYR G 123 4.84 -38.20 17.64
C TYR G 123 3.58 -38.88 17.10
N ILE G 124 3.10 -38.44 15.94
CA ILE G 124 1.94 -39.06 15.29
C ILE G 124 2.13 -39.05 13.78
N ALA G 125 1.69 -40.14 13.14
CA ALA G 125 1.83 -40.29 11.69
C ALA G 125 0.57 -40.87 11.07
N LEU G 126 0.18 -40.33 9.91
CA LEU G 126 -0.95 -40.89 9.16
C LEU G 126 -0.48 -42.16 8.45
N ASN G 127 -1.32 -43.18 8.47
CA ASN G 127 -0.99 -44.47 7.83
C ASN G 127 -1.09 -44.39 6.31
N GLU G 128 -0.67 -45.46 5.64
CA GLU G 128 -0.72 -45.53 4.18
C GLU G 128 -2.16 -45.49 3.66
N ASP G 129 -3.10 -46.02 4.44
CA ASP G 129 -4.52 -46.02 4.07
C ASP G 129 -5.18 -44.63 4.18
N LEU G 130 -4.49 -43.68 4.81
CA LEU G 130 -4.97 -42.30 4.95
C LEU G 130 -6.28 -42.21 5.75
N LYS G 131 -6.42 -43.08 6.74
CA LYS G 131 -7.63 -43.14 7.58
C LYS G 131 -7.27 -43.26 9.06
N THR G 132 -6.49 -44.29 9.40
CA THR G 132 -6.07 -44.53 10.77
C THR G 132 -4.72 -43.87 11.06
N TRP G 133 -4.44 -43.64 12.34
CA TRP G 133 -3.22 -42.97 12.78
C TRP G 133 -2.33 -43.91 13.60
N THR G 134 -1.10 -43.49 13.83
CA THR G 134 -0.15 -44.24 14.65
C THR G 134 0.49 -43.32 15.69
N ALA G 135 0.06 -43.44 16.94
CA ALA G 135 0.64 -42.67 18.05
C ALA G 135 1.89 -43.39 18.57
N ALA G 136 3.04 -42.74 18.46
CA ALA G 136 4.32 -43.35 18.78
C ALA G 136 4.51 -43.61 20.28
N ASP G 137 3.92 -42.76 21.10
CA ASP G 137 4.06 -42.85 22.55
C ASP G 137 2.86 -42.18 23.23
N MET G 138 3.04 -41.74 24.47
CA MET G 138 2.02 -40.97 25.18
C MET G 138 1.78 -39.64 24.46
N ALA G 139 0.78 -38.90 24.93
CA ALA G 139 0.44 -37.59 24.37
C ALA G 139 -0.22 -37.71 22.99
N ALA G 140 0.53 -38.18 22.00
CA ALA G 140 0.01 -38.33 20.63
C ALA G 140 -1.26 -39.19 20.58
N GLN G 141 -1.34 -40.16 21.48
CA GLN G 141 -2.55 -40.94 21.68
C GLN G 141 -3.73 -40.09 22.15
N ILE G 142 -3.46 -39.06 22.97
CA ILE G 142 -4.50 -38.06 23.31
C ILE G 142 -4.89 -37.24 22.08
N THR G 143 -3.91 -36.87 21.27
CA THR G 143 -4.16 -36.17 20.01
C THR G 143 -4.91 -37.07 19.02
N ARG G 144 -4.59 -38.36 19.05
CA ARG G 144 -5.20 -39.36 18.16
C ARG G 144 -6.72 -39.41 18.32
N ARG G 145 -7.19 -39.47 19.57
CA ARG G 145 -8.63 -39.56 19.87
C ARG G 145 -9.37 -38.28 19.51
N LYS G 146 -8.77 -37.14 19.85
CA LYS G 146 -9.32 -35.83 19.49
C LYS G 146 -9.50 -35.69 17.98
N TRP G 147 -8.50 -36.17 17.22
CA TRP G 147 -8.53 -36.07 15.76
C TRP G 147 -9.39 -37.14 15.11
N GLU G 148 -9.63 -38.25 15.81
CA GLU G 148 -10.62 -39.24 15.36
C GLU G 148 -12.04 -38.69 15.52
N GLN G 149 -12.25 -37.92 16.60
CA GLN G 149 -13.54 -37.27 16.85
C GLN G 149 -13.86 -36.24 15.77
N SER G 150 -12.89 -35.38 15.46
CA SER G 150 -13.08 -34.30 14.50
C SER G 150 -12.93 -34.75 13.04
N GLY G 151 -12.40 -35.96 12.84
CA GLY G 151 -12.22 -36.51 11.49
C GLY G 151 -11.12 -35.80 10.73
N ALA G 152 -9.97 -35.65 11.37
CA ALA G 152 -8.84 -34.91 10.80
C ALA G 152 -8.23 -35.62 9.60
N ALA G 153 -8.18 -36.95 9.64
CA ALA G 153 -7.61 -37.75 8.57
C ALA G 153 -8.28 -37.51 7.22
N GLU G 154 -9.59 -37.21 7.25
CA GLU G 154 -10.35 -36.93 6.02
C GLU G 154 -9.91 -35.62 5.37
N HIS G 155 -9.60 -34.62 6.20
CA HIS G 155 -9.13 -33.31 5.71
C HIS G 155 -7.78 -33.44 5.01
N TYR G 156 -6.85 -34.16 5.63
CA TYR G 156 -5.53 -34.37 5.06
C TYR G 156 -5.56 -35.31 3.86
N LYS G 157 -6.47 -36.28 3.87
CA LYS G 157 -6.68 -37.17 2.73
C LYS G 157 -7.08 -36.37 1.48
N ALA G 158 -7.96 -35.40 1.66
CA ALA G 158 -8.41 -34.53 0.57
C ALA G 158 -7.26 -33.71 -0.02
N TYR G 159 -6.37 -33.23 0.84
CA TYR G 159 -5.20 -32.48 0.39
C TYR G 159 -4.26 -33.34 -0.45
N LEU G 160 -3.93 -34.53 0.07
CA LEU G 160 -2.95 -35.40 -0.57
C LEU G 160 -3.46 -35.96 -1.91
N GLU G 161 -4.73 -36.37 -1.95
CA GLU G 161 -5.34 -36.86 -3.19
C GLU G 161 -5.70 -35.71 -4.14
N GLY G 162 -6.18 -34.60 -3.57
CA GLY G 162 -6.65 -33.47 -4.37
C GLY G 162 -5.58 -32.44 -4.69
N GLU G 163 -5.31 -31.55 -3.74
CA GLU G 163 -4.40 -30.42 -3.96
C GLU G 163 -2.96 -30.85 -4.28
N CYS G 164 -2.41 -31.75 -3.47
CA CYS G 164 -1.00 -32.15 -3.59
C CYS G 164 -0.65 -32.73 -4.97
N VAL G 165 -1.49 -33.66 -5.45
CA VAL G 165 -1.23 -34.35 -6.71
C VAL G 165 -1.38 -33.41 -7.91
N GLU G 166 -2.44 -32.63 -7.92
CA GLU G 166 -2.78 -31.78 -9.07
C GLU G 166 -1.86 -30.56 -9.19
N TRP G 167 -1.45 -30.00 -8.06
CA TRP G 167 -0.49 -28.89 -8.07
C TRP G 167 0.93 -29.38 -8.42
N LEU G 168 1.24 -30.64 -8.08
CA LEU G 168 2.51 -31.24 -8.46
C LEU G 168 2.62 -31.38 -9.98
N HIS G 169 1.51 -31.76 -10.63
CA HIS G 169 1.46 -31.78 -12.09
C HIS G 169 1.90 -30.42 -12.62
N ARG G 170 1.26 -29.36 -12.14
CA ARG G 170 1.53 -28.00 -12.58
C ARG G 170 3.00 -27.63 -12.46
N TYR G 171 3.62 -27.99 -11.33
CA TYR G 171 5.03 -27.70 -11.09
C TYR G 171 5.95 -28.49 -12.01
N LEU G 172 5.59 -29.74 -12.29
CA LEU G 172 6.36 -30.57 -13.21
C LEU G 172 6.29 -30.05 -14.65
N LYS G 173 5.10 -29.59 -15.06
CA LYS G 173 4.91 -29.08 -16.42
C LYS G 173 5.48 -27.67 -16.60
N ASN G 174 5.49 -26.87 -15.53
CA ASN G 174 6.15 -25.56 -15.55
C ASN G 174 7.67 -25.71 -15.45
N GLY G 175 8.12 -26.56 -14.54
CA GLY G 175 9.55 -26.82 -14.34
C GLY G 175 10.18 -27.63 -15.45
N ASN G 176 9.35 -28.38 -16.17
CA ASN G 176 9.73 -29.14 -17.38
C ASN G 176 11.23 -29.26 -17.67
N ALA G 177 11.85 -28.13 -18.00
CA ALA G 177 13.27 -28.09 -18.41
C ALA G 177 14.22 -28.67 -17.36
N THR G 178 14.11 -28.19 -16.13
CA THR G 178 15.05 -28.53 -15.07
C THR G 178 14.69 -29.83 -14.34
N LEU G 179 13.40 -30.03 -14.09
CA LEU G 179 12.93 -31.15 -13.26
C LEU G 179 13.00 -32.53 -13.93
N LEU G 180 12.95 -32.55 -15.26
CA LEU G 180 12.97 -33.81 -16.02
C LEU G 180 14.36 -34.13 -16.60
N ARG G 181 15.38 -33.37 -16.17
CA ARG G 181 16.76 -33.63 -16.59
C ARG G 181 17.25 -34.98 -16.07
N THR G 182 18.24 -35.54 -16.76
CA THR G 182 18.92 -36.76 -16.31
C THR G 182 20.41 -36.65 -16.62
N ASP G 183 21.16 -36.05 -15.70
CA ASP G 183 22.60 -35.89 -15.85
C ASP G 183 23.30 -37.15 -15.36
N SER G 184 24.17 -37.71 -16.21
CA SER G 184 24.85 -38.96 -15.90
C SER G 184 26.15 -38.71 -15.14
N PRO G 185 26.52 -39.64 -14.24
CA PRO G 185 27.71 -39.47 -13.43
C PRO G 185 29.02 -39.62 -14.21
N LYS G 186 29.97 -38.72 -13.95
CA LYS G 186 31.31 -38.83 -14.49
C LYS G 186 32.18 -39.49 -13.41
N ALA G 187 32.56 -40.75 -13.64
CA ALA G 187 33.16 -41.58 -12.60
C ALA G 187 34.65 -41.82 -12.84
N HIS G 188 35.38 -42.03 -11.75
CA HIS G 188 36.81 -42.32 -11.79
C HIS G 188 37.28 -42.92 -10.46
N VAL G 189 38.45 -43.55 -10.48
CA VAL G 189 38.98 -44.26 -9.31
C VAL G 189 40.29 -43.64 -8.84
N THR G 190 40.49 -43.65 -7.52
CA THR G 190 41.71 -43.12 -6.90
C THR G 190 42.23 -44.09 -5.83
N HIS G 191 43.53 -44.00 -5.53
CA HIS G 191 44.18 -44.94 -4.61
C HIS G 191 45.10 -44.23 -3.61
N HIS G 192 45.05 -44.68 -2.36
CA HIS G 192 45.98 -44.25 -1.31
C HIS G 192 46.35 -45.46 -0.43
N PRO G 193 47.62 -45.52 0.03
CA PRO G 193 48.05 -46.63 0.90
C PRO G 193 47.53 -46.50 2.33
N ARG G 194 47.10 -47.62 2.92
CA ARG G 194 46.51 -47.62 4.26
C ARG G 194 47.51 -48.04 5.33
N SER G 195 48.08 -49.25 5.19
CA SER G 195 49.02 -49.79 6.17
C SER G 195 49.88 -50.90 5.55
N LYS G 196 50.54 -51.70 6.38
CA LYS G 196 51.43 -52.76 5.91
C LYS G 196 50.69 -53.84 5.11
N GLY G 197 50.82 -53.77 3.79
CA GLY G 197 50.19 -54.74 2.90
C GLY G 197 48.69 -54.52 2.72
N GLU G 198 48.25 -53.28 2.92
CA GLU G 198 46.84 -52.90 2.71
C GLU G 198 46.73 -51.65 1.84
N VAL G 199 45.59 -51.52 1.15
CA VAL G 199 45.38 -50.47 0.15
C VAL G 199 43.90 -50.11 0.06
N THR G 200 43.60 -48.81 0.01
CA THR G 200 42.21 -48.33 -0.12
C THR G 200 41.96 -47.80 -1.53
N LEU G 201 41.01 -48.43 -2.24
CA LEU G 201 40.60 -47.98 -3.58
C LEU G 201 39.25 -47.27 -3.49
N ARG G 202 39.22 -45.99 -3.86
CA ARG G 202 38.00 -45.17 -3.77
C ARG G 202 37.39 -44.93 -5.15
N CYS G 203 36.09 -45.18 -5.25
CA CYS G 203 35.33 -44.99 -6.50
C CYS G 203 34.49 -43.73 -6.42
N TRP G 204 34.49 -42.94 -7.50
CA TRP G 204 33.77 -41.65 -7.52
C TRP G 204 32.62 -41.63 -8.52
N ALA G 205 31.68 -40.72 -8.27
CA ALA G 205 30.54 -40.48 -9.16
C ALA G 205 30.08 -39.03 -9.02
N LEU G 206 30.47 -38.18 -9.96
CA LEU G 206 30.29 -36.73 -9.85
C LEU G 206 29.29 -36.17 -10.87
N GLY G 207 28.61 -35.09 -10.47
CA GLY G 207 27.77 -34.30 -11.36
C GLY G 207 26.57 -35.04 -11.95
N PHE G 208 25.83 -35.76 -11.11
CA PHE G 208 24.68 -36.53 -11.58
C PHE G 208 23.36 -36.12 -10.94
N TYR G 209 22.27 -36.52 -11.60
CA TYR G 209 20.91 -36.14 -11.21
C TYR G 209 19.93 -37.09 -11.92
N PRO G 210 18.90 -37.59 -11.21
CA PRO G 210 18.52 -37.36 -9.82
C PRO G 210 19.36 -38.14 -8.80
N ALA G 211 19.06 -37.92 -7.52
CA ALA G 211 19.88 -38.39 -6.39
C ALA G 211 20.05 -39.91 -6.28
N ASP G 212 19.09 -40.68 -6.79
CA ASP G 212 19.14 -42.14 -6.65
C ASP G 212 20.27 -42.75 -7.48
N ILE G 213 21.13 -43.52 -6.83
CA ILE G 213 22.29 -44.14 -7.47
C ILE G 213 22.80 -45.29 -6.60
N THR G 214 23.47 -46.25 -7.22
CA THR G 214 24.09 -47.36 -6.49
C THR G 214 25.52 -47.61 -6.95
N LEU G 215 26.48 -47.31 -6.08
CA LEU G 215 27.88 -47.66 -6.31
C LEU G 215 28.20 -48.96 -5.58
N THR G 216 28.95 -49.84 -6.25
CA THR G 216 29.40 -51.09 -5.62
C THR G 216 30.74 -51.51 -6.19
N TRP G 217 31.62 -51.98 -5.31
CA TRP G 217 32.87 -52.61 -5.72
C TRP G 217 32.63 -54.11 -5.93
N GLN G 218 33.45 -54.72 -6.77
CA GLN G 218 33.34 -56.14 -7.08
C GLN G 218 34.71 -56.76 -7.31
N LEU G 219 34.88 -57.99 -6.85
CA LEU G 219 36.14 -58.72 -7.01
C LEU G 219 35.97 -59.86 -8.01
N ASN G 220 36.66 -59.74 -9.15
CA ASN G 220 36.60 -60.72 -10.23
C ASN G 220 35.18 -60.96 -10.76
N GLY G 221 34.43 -59.86 -10.93
CA GLY G 221 33.05 -59.93 -11.41
C GLY G 221 32.02 -60.06 -10.31
N GLU G 222 32.43 -60.61 -9.16
CA GLU G 222 31.53 -60.91 -8.04
C GLU G 222 31.35 -59.69 -7.16
N GLU G 223 30.11 -59.34 -6.86
CA GLU G 223 29.82 -58.18 -6.02
C GLU G 223 30.55 -58.26 -4.68
N LEU G 224 31.10 -57.12 -4.24
CA LEU G 224 31.83 -57.02 -2.99
C LEU G 224 31.30 -55.87 -2.14
N THR G 225 30.47 -56.20 -1.15
CA THR G 225 29.94 -55.23 -0.19
C THR G 225 30.65 -55.28 1.16
N GLN G 226 31.35 -56.37 1.44
CA GLN G 226 32.03 -56.57 2.72
C GLN G 226 33.13 -55.53 2.95
N ASP G 227 33.10 -54.89 4.12
CA ASP G 227 34.09 -53.88 4.51
C ASP G 227 34.16 -52.68 3.55
N MET G 228 33.05 -52.37 2.89
CA MET G 228 33.00 -51.27 1.94
C MET G 228 32.50 -49.99 2.61
N GLU G 229 33.40 -49.03 2.79
CA GLU G 229 33.05 -47.74 3.37
C GLU G 229 32.31 -46.90 2.33
N LEU G 230 31.09 -46.48 2.67
CA LEU G 230 30.23 -45.77 1.72
C LEU G 230 29.61 -44.53 2.36
N VAL G 231 29.94 -43.36 1.80
CA VAL G 231 29.39 -42.09 2.28
C VAL G 231 28.02 -41.84 1.65
N GLU G 232 27.15 -41.12 2.37
CA GLU G 232 25.81 -40.84 1.88
C GLU G 232 25.82 -39.80 0.76
N THR G 233 24.81 -39.86 -0.11
CA THR G 233 24.72 -38.98 -1.28
C THR G 233 24.60 -37.52 -0.86
N ARG G 234 25.45 -36.68 -1.46
CA ARG G 234 25.58 -35.28 -1.08
C ARG G 234 25.44 -34.36 -2.28
N PRO G 235 24.75 -33.21 -2.12
CA PRO G 235 24.59 -32.26 -3.21
C PRO G 235 25.85 -31.40 -3.47
N ALA G 236 26.19 -31.23 -4.75
CA ALA G 236 27.38 -30.48 -5.15
C ALA G 236 27.15 -28.96 -5.19
N GLY G 237 25.91 -28.53 -4.96
CA GLY G 237 25.59 -27.09 -4.89
C GLY G 237 24.99 -26.53 -6.17
N ASP G 238 25.34 -27.12 -7.31
CA ASP G 238 24.80 -26.71 -8.61
C ASP G 238 23.44 -27.34 -8.94
N GLY G 239 22.97 -28.22 -8.05
CA GLY G 239 21.75 -28.99 -8.30
C GLY G 239 22.02 -30.46 -8.54
N THR G 240 23.27 -30.82 -8.85
CA THR G 240 23.65 -32.21 -9.02
C THR G 240 24.11 -32.83 -7.70
N PHE G 241 24.40 -34.13 -7.72
CA PHE G 241 24.81 -34.85 -6.52
C PHE G 241 26.16 -35.55 -6.69
N GLN G 242 26.77 -35.88 -5.56
CA GLN G 242 28.04 -36.62 -5.52
C GLN G 242 27.90 -37.83 -4.59
N LYS G 243 28.75 -38.83 -4.82
CA LYS G 243 28.84 -39.98 -3.91
C LYS G 243 30.15 -40.72 -4.17
N TRP G 244 30.69 -41.36 -3.13
CA TRP G 244 31.86 -42.23 -3.29
C TRP G 244 31.79 -43.47 -2.40
N ALA G 245 32.41 -44.53 -2.88
CA ALA G 245 32.57 -45.78 -2.14
C ALA G 245 34.04 -46.17 -2.15
N SER G 246 34.48 -46.88 -1.11
CA SER G 246 35.85 -47.38 -1.05
C SER G 246 35.97 -48.68 -0.25
N VAL G 247 36.95 -49.50 -0.62
CA VAL G 247 37.14 -50.83 -0.03
C VAL G 247 38.61 -51.09 0.28
N VAL G 248 38.86 -51.90 1.31
CA VAL G 248 40.23 -52.26 1.70
C VAL G 248 40.74 -53.40 0.82
N VAL G 249 41.90 -53.19 0.20
CA VAL G 249 42.47 -54.11 -0.79
C VAL G 249 43.91 -54.47 -0.39
N PRO G 250 44.35 -55.73 -0.67
CA PRO G 250 45.77 -56.04 -0.48
C PRO G 250 46.66 -55.43 -1.55
N LEU G 251 47.93 -55.20 -1.22
CA LEU G 251 48.89 -54.64 -2.18
C LEU G 251 49.13 -55.60 -3.35
N GLY G 252 49.25 -55.05 -4.56
CA GLY G 252 49.61 -55.84 -5.74
C GLY G 252 48.42 -56.28 -6.58
N LYS G 253 47.37 -56.78 -5.94
CA LYS G 253 46.20 -57.31 -6.64
C LYS G 253 45.09 -56.27 -6.74
N GLU G 254 45.43 -55.09 -7.25
CA GLU G 254 44.46 -54.01 -7.46
C GLU G 254 43.67 -54.22 -8.75
N GLN G 255 44.27 -54.91 -9.72
CA GLN G 255 43.64 -55.14 -11.03
C GLN G 255 42.35 -55.94 -10.92
N ASN G 256 42.30 -56.89 -9.98
CA ASN G 256 41.13 -57.75 -9.80
C ASN G 256 39.89 -57.00 -9.33
N TYR G 257 40.09 -55.86 -8.68
CA TYR G 257 38.99 -55.03 -8.22
C TYR G 257 38.52 -54.09 -9.33
N THR G 258 37.20 -53.92 -9.43
CA THR G 258 36.59 -52.96 -10.33
C THR G 258 35.31 -52.41 -9.73
N CYS G 259 34.90 -51.22 -10.17
CA CYS G 259 33.76 -50.52 -9.59
C CYS G 259 32.66 -50.34 -10.63
N ARG G 260 31.41 -50.53 -10.20
CA ARG G 260 30.25 -50.36 -11.08
C ARG G 260 29.29 -49.30 -10.55
N VAL G 261 28.72 -48.52 -11.46
CA VAL G 261 27.77 -47.46 -11.12
C VAL G 261 26.47 -47.67 -11.89
N TYR G 262 25.35 -47.66 -11.17
CA TYR G 262 24.02 -47.82 -11.76
C TYR G 262 23.25 -46.51 -11.69
N HIS G 263 22.84 -45.99 -12.84
CA HIS G 263 22.02 -44.78 -12.88
C HIS G 263 21.08 -44.78 -14.08
N GLU G 264 19.92 -44.15 -13.91
CA GLU G 264 18.87 -44.16 -14.94
C GLU G 264 19.15 -43.24 -16.13
N GLY G 265 20.05 -42.27 -15.96
CA GLY G 265 20.48 -41.39 -17.05
C GLY G 265 21.45 -42.06 -18.01
N LEU G 266 22.23 -43.02 -17.51
CA LEU G 266 23.20 -43.75 -18.31
C LEU G 266 22.50 -44.64 -19.35
N PRO G 267 23.03 -44.67 -20.59
CA PRO G 267 22.56 -45.66 -21.57
C PRO G 267 22.79 -47.10 -21.09
N GLU G 268 23.94 -47.34 -20.46
CA GLU G 268 24.24 -48.62 -19.83
C GLU G 268 25.13 -48.42 -18.60
N PRO G 269 25.14 -49.39 -17.66
CA PRO G 269 25.98 -49.28 -16.47
C PRO G 269 27.47 -49.11 -16.81
N LEU G 270 28.16 -48.28 -16.03
CA LEU G 270 29.58 -48.02 -16.24
C LEU G 270 30.42 -48.95 -15.36
N THR G 271 31.58 -49.33 -15.87
CA THR G 271 32.55 -50.15 -15.13
C THR G 271 33.93 -49.53 -15.28
N LEU G 272 34.64 -49.34 -14.16
CA LEU G 272 35.86 -48.53 -14.14
C LEU G 272 37.06 -49.21 -13.48
N ARG G 273 38.24 -48.59 -13.64
CA ARG G 273 39.50 -49.19 -13.23
C ARG G 273 40.63 -48.15 -13.08
N TRP G 274 41.79 -48.59 -12.58
CA TRP G 274 42.92 -47.70 -12.28
C TRP G 274 44.15 -48.55 -11.92
N GLU G 275 45.37 -48.29 -12.42
CA GLU G 275 45.76 -47.54 -13.65
C GLU G 275 45.37 -46.06 -13.77
N PRO G 276 45.90 -45.35 -14.79
CA PRO G 276 47.10 -45.59 -15.60
C PRO G 276 48.25 -44.65 -15.21
N MET H 1 16.81 -35.24 23.35
CA MET H 1 17.62 -35.91 22.29
C MET H 1 18.81 -35.06 21.88
N GLN H 2 19.91 -35.73 21.54
CA GLN H 2 21.13 -35.07 21.06
C GLN H 2 21.77 -35.90 19.95
N LYS H 3 22.22 -35.23 18.89
CA LYS H 3 22.88 -35.88 17.76
C LYS H 3 24.01 -35.01 17.23
N THR H 4 25.23 -35.55 17.24
CA THR H 4 26.40 -34.83 16.72
C THR H 4 26.37 -34.83 15.20
N PRO H 5 26.70 -33.68 14.58
CA PRO H 5 26.57 -33.53 13.13
C PRO H 5 27.65 -34.26 12.34
N GLN H 6 27.26 -34.79 11.18
CA GLN H 6 28.20 -35.45 10.27
C GLN H 6 28.60 -34.44 9.20
N ILE H 7 29.85 -33.99 9.27
CA ILE H 7 30.34 -32.93 8.38
C ILE H 7 31.08 -33.51 7.18
N GLN H 8 30.87 -32.92 6.02
CA GLN H 8 31.59 -33.30 4.79
C GLN H 8 31.97 -32.07 3.99
N VAL H 9 33.27 -31.93 3.73
CA VAL H 9 33.79 -30.81 2.96
C VAL H 9 34.23 -31.31 1.60
N TYR H 10 33.73 -30.70 0.53
CA TYR H 10 34.01 -31.14 -0.83
C TYR H 10 33.72 -30.06 -1.87
N SER H 11 34.42 -30.14 -2.99
CA SER H 11 34.23 -29.21 -4.10
C SER H 11 33.10 -29.68 -5.00
N ARG H 12 32.56 -28.75 -5.79
CA ARG H 12 31.49 -29.05 -6.75
C ARG H 12 32.07 -29.85 -7.92
N HIS H 13 33.02 -29.24 -8.62
CA HIS H 13 33.71 -29.89 -9.73
C HIS H 13 34.99 -30.52 -9.19
N PRO H 14 35.62 -31.41 -9.98
CA PRO H 14 36.96 -31.88 -9.62
C PRO H 14 37.93 -30.69 -9.52
N PRO H 15 38.67 -30.58 -8.41
CA PRO H 15 39.48 -29.40 -8.16
C PRO H 15 40.72 -29.31 -9.04
N GLU H 16 40.86 -28.20 -9.75
CA GLU H 16 42.06 -27.90 -10.55
C GLU H 16 42.59 -26.53 -10.15
N ASN H 17 43.90 -26.43 -9.96
CA ASN H 17 44.52 -25.20 -9.47
C ASN H 17 44.38 -24.04 -10.45
N GLY H 18 43.78 -22.94 -9.98
CA GLY H 18 43.57 -21.75 -10.79
C GLY H 18 42.15 -21.57 -11.29
N LYS H 19 41.45 -22.68 -11.52
CA LYS H 19 40.10 -22.64 -12.08
C LYS H 19 39.05 -22.36 -10.99
N PRO H 20 38.14 -21.40 -11.24
CA PRO H 20 37.04 -21.14 -10.30
C PRO H 20 36.15 -22.35 -10.02
N ASN H 21 35.59 -22.39 -8.81
CA ASN H 21 34.79 -23.52 -8.34
C ASN H 21 33.88 -23.05 -7.20
N ILE H 22 33.24 -23.97 -6.50
CA ILE H 22 32.47 -23.65 -5.30
C ILE H 22 32.64 -24.73 -4.23
N LEU H 23 33.10 -24.32 -3.04
CA LEU H 23 33.30 -25.24 -1.92
C LEU H 23 31.95 -25.53 -1.27
N ASN H 24 31.80 -26.74 -0.75
CA ASN H 24 30.57 -27.13 -0.04
C ASN H 24 30.89 -27.72 1.32
N CYS H 25 30.20 -27.24 2.35
CA CYS H 25 30.20 -27.86 3.66
C CYS H 25 28.81 -28.40 3.94
N TYR H 26 28.70 -29.72 4.04
CA TYR H 26 27.41 -30.40 4.13
C TYR H 26 27.23 -31.04 5.50
N VAL H 27 26.64 -30.29 6.43
CA VAL H 27 26.37 -30.77 7.78
C VAL H 27 25.04 -31.49 7.80
N THR H 28 25.02 -32.70 8.36
CA THR H 28 23.82 -33.54 8.39
C THR H 28 23.71 -34.34 9.68
N GLN H 29 22.55 -34.96 9.88
CA GLN H 29 22.30 -35.85 11.02
C GLN H 29 22.55 -35.18 12.37
N PHE H 30 21.85 -34.07 12.62
CA PHE H 30 21.97 -33.35 13.89
C PHE H 30 20.62 -32.88 14.44
N HIS H 31 20.60 -32.64 15.75
CA HIS H 31 19.42 -32.17 16.46
C HIS H 31 19.84 -31.69 17.85
N PRO H 32 19.36 -30.51 18.30
CA PRO H 32 18.39 -29.57 17.72
C PRO H 32 18.87 -28.85 16.45
N PRO H 33 17.96 -28.13 15.76
CA PRO H 33 18.31 -27.51 14.48
C PRO H 33 19.22 -26.27 14.54
N HIS H 34 19.37 -25.64 15.70
CA HIS H 34 20.26 -24.48 15.81
C HIS H 34 21.72 -24.91 15.67
N ILE H 35 22.43 -24.26 14.76
CA ILE H 35 23.83 -24.61 14.49
C ILE H 35 24.55 -23.46 13.79
N GLU H 36 25.77 -23.18 14.24
CA GLU H 36 26.61 -22.15 13.63
C GLU H 36 27.60 -22.83 12.70
N ILE H 37 27.58 -22.44 11.43
CA ILE H 37 28.50 -22.97 10.42
C ILE H 37 29.31 -21.84 9.82
N GLN H 38 30.61 -22.07 9.67
CA GLN H 38 31.52 -21.09 9.08
C GLN H 38 32.62 -21.81 8.29
N MET H 39 33.00 -21.23 7.16
CA MET H 39 34.03 -21.79 6.30
C MET H 39 35.30 -20.94 6.41
N LEU H 40 36.46 -21.58 6.33
CA LEU H 40 37.73 -20.92 6.62
C LEU H 40 38.76 -21.08 5.49
N LYS H 41 39.43 -19.98 5.16
CA LYS H 41 40.55 -19.98 4.22
C LYS H 41 41.82 -19.63 5.00
N ASN H 42 42.68 -20.63 5.20
CA ASN H 42 43.93 -20.46 5.97
C ASN H 42 43.71 -19.91 7.39
N GLY H 43 42.58 -20.27 7.98
CA GLY H 43 42.21 -19.76 9.31
C GLY H 43 41.23 -18.60 9.25
N LYS H 44 41.35 -17.76 8.22
CA LYS H 44 40.47 -16.60 8.07
C LYS H 44 39.11 -17.02 7.54
N LYS H 45 38.06 -16.44 8.11
CA LYS H 45 36.69 -16.74 7.70
C LYS H 45 36.36 -16.06 6.37
N ILE H 46 35.35 -16.59 5.68
CA ILE H 46 34.75 -15.92 4.51
C ILE H 46 34.11 -14.64 5.11
N PRO H 47 33.77 -13.61 4.29
CA PRO H 47 33.07 -13.13 3.13
C PRO H 47 31.75 -13.85 2.76
N LYS H 48 31.45 -13.97 1.46
CA LYS H 48 30.14 -14.44 1.02
C LYS H 48 29.96 -15.95 1.21
N VAL H 49 29.20 -16.34 2.24
CA VAL H 49 28.82 -17.73 2.46
C VAL H 49 27.30 -17.88 2.33
N GLU H 50 26.85 -18.33 1.16
CA GLU H 50 25.44 -18.62 0.94
C GLU H 50 25.11 -19.97 1.59
N MET H 51 23.89 -20.10 2.11
CA MET H 51 23.46 -21.34 2.77
C MET H 51 22.07 -21.77 2.34
N SER H 52 21.98 -22.98 1.78
CA SER H 52 20.70 -23.62 1.50
C SER H 52 20.05 -23.93 2.84
N ASP H 53 18.94 -23.26 3.15
CA ASP H 53 18.38 -23.22 4.50
C ASP H 53 17.90 -24.59 5.01
N MET H 54 17.73 -24.66 6.33
CA MET H 54 17.63 -25.94 7.04
C MET H 54 16.41 -26.80 6.66
N SER H 55 16.68 -28.06 6.34
CA SER H 55 15.65 -29.08 6.08
C SER H 55 16.01 -30.33 6.89
N PHE H 56 15.14 -31.35 6.84
CA PHE H 56 15.39 -32.59 7.57
C PHE H 56 14.93 -33.83 6.79
N SER H 57 15.63 -34.94 6.99
CA SER H 57 15.34 -36.19 6.28
C SER H 57 14.29 -37.02 7.04
N LYS H 58 13.99 -38.21 6.55
CA LYS H 58 12.92 -39.05 7.10
C LYS H 58 13.15 -39.52 8.54
N ASP H 59 14.40 -39.46 9.01
CA ASP H 59 14.73 -39.84 10.39
C ASP H 59 14.63 -38.67 11.38
N TRP H 60 13.99 -37.58 10.96
CA TRP H 60 13.79 -36.38 11.79
C TRP H 60 15.06 -35.59 12.11
N SER H 61 16.19 -35.95 11.48
CA SER H 61 17.45 -35.27 11.71
C SER H 61 17.63 -34.16 10.67
N PHE H 62 18.10 -32.99 11.13
CA PHE H 62 18.22 -31.83 10.27
C PHE H 62 19.49 -31.89 9.41
N TYR H 63 19.43 -31.26 8.24
CA TYR H 63 20.59 -31.11 7.36
C TYR H 63 20.63 -29.73 6.73
N ILE H 64 21.83 -29.30 6.36
CA ILE H 64 22.04 -27.97 5.80
C ILE H 64 23.30 -27.97 4.94
N LEU H 65 23.32 -27.11 3.91
CA LEU H 65 24.48 -27.00 3.02
C LEU H 65 24.99 -25.57 2.97
N ALA H 66 26.24 -25.39 3.39
CA ALA H 66 26.93 -24.09 3.31
C ALA H 66 27.89 -24.13 2.14
N HIS H 67 27.95 -23.03 1.37
CA HIS H 67 28.82 -22.97 0.20
C HIS H 67 29.34 -21.57 -0.11
N THR H 68 30.46 -21.51 -0.84
CA THR H 68 31.10 -20.24 -1.21
C THR H 68 32.00 -20.44 -2.43
N GLU H 69 32.37 -19.32 -3.06
CA GLU H 69 33.14 -19.34 -4.31
C GLU H 69 34.65 -19.30 -4.08
N PHE H 70 35.36 -20.23 -4.73
CA PHE H 70 36.84 -20.26 -4.74
C PHE H 70 37.26 -21.07 -5.99
N THR H 71 38.40 -20.83 -6.64
CA THR H 71 39.64 -20.19 -6.17
C THR H 71 40.48 -21.10 -5.26
N PRO H 72 40.82 -22.31 -5.75
CA PRO H 72 41.80 -23.17 -5.07
C PRO H 72 43.21 -22.98 -5.60
N THR H 73 44.20 -23.26 -4.75
CA THR H 73 45.61 -23.27 -5.15
C THR H 73 46.34 -24.43 -4.47
N GLU H 74 47.59 -24.65 -4.85
CA GLU H 74 48.40 -25.73 -4.29
C GLU H 74 48.61 -25.59 -2.78
N THR H 75 48.84 -24.36 -2.33
CA THR H 75 49.28 -24.10 -0.96
C THR H 75 48.14 -23.76 0.01
N ASP H 76 47.07 -23.14 -0.49
CA ASP H 76 45.95 -22.70 0.36
C ASP H 76 45.18 -23.88 0.97
N THR H 77 44.96 -23.82 2.27
CA THR H 77 44.17 -24.83 2.99
C THR H 77 42.79 -24.26 3.32
N TYR H 78 41.75 -25.05 3.04
CA TYR H 78 40.38 -24.66 3.31
C TYR H 78 39.74 -25.60 4.33
N ALA H 79 38.81 -25.07 5.11
CA ALA H 79 38.17 -25.84 6.17
C ALA H 79 36.76 -25.34 6.49
N CYS H 80 36.05 -26.10 7.31
CA CYS H 80 34.70 -25.75 7.73
C CYS H 80 34.51 -26.09 9.20
N ARG H 81 34.35 -25.05 10.02
CA ARG H 81 34.13 -25.22 11.45
C ARG H 81 32.63 -25.16 11.76
N VAL H 82 32.19 -26.03 12.66
CA VAL H 82 30.78 -26.16 13.00
C VAL H 82 30.59 -26.20 14.51
N LYS H 83 29.88 -25.22 15.06
CA LYS H 83 29.56 -25.17 16.48
C LYS H 83 28.13 -25.65 16.69
N HIS H 84 27.95 -26.59 17.61
CA HIS H 84 26.63 -27.16 17.92
C HIS H 84 26.57 -27.53 19.40
N ALA H 85 25.38 -27.46 19.98
CA ALA H 85 25.18 -27.72 21.40
C ALA H 85 25.40 -29.18 21.81
N SER H 86 25.53 -30.08 20.83
CA SER H 86 25.78 -31.50 21.09
C SER H 86 27.25 -31.81 21.43
N MET H 87 28.15 -30.86 21.16
CA MET H 87 29.59 -31.07 21.36
C MET H 87 30.21 -29.98 22.24
N ALA H 88 31.32 -30.32 22.88
CA ALA H 88 31.99 -29.44 23.84
C ALA H 88 32.59 -28.20 23.18
N GLU H 89 33.24 -28.40 22.03
CA GLU H 89 33.84 -27.30 21.27
C GLU H 89 33.69 -27.52 19.76
N PRO H 90 33.80 -26.44 18.96
CA PRO H 90 33.59 -26.55 17.52
C PRO H 90 34.54 -27.53 16.84
N LYS H 91 34.00 -28.39 15.97
CA LYS H 91 34.79 -29.35 15.22
C LYS H 91 35.15 -28.77 13.84
N THR H 92 36.46 -28.64 13.60
CA THR H 92 36.95 -28.15 12.31
C THR H 92 37.23 -29.35 11.41
N VAL H 93 36.71 -29.30 10.19
CA VAL H 93 36.98 -30.32 9.19
C VAL H 93 37.62 -29.67 7.97
N TYR H 94 38.82 -30.13 7.61
CA TYR H 94 39.59 -29.56 6.51
C TYR H 94 39.26 -30.25 5.18
N TRP H 95 39.39 -29.49 4.10
CA TRP H 95 39.09 -29.98 2.76
C TRP H 95 40.20 -30.89 2.26
N ASP H 96 39.82 -32.08 1.77
CA ASP H 96 40.76 -33.04 1.21
C ASP H 96 40.55 -33.14 -0.30
N ARG H 97 41.37 -32.43 -1.06
CA ARG H 97 41.26 -32.40 -2.52
C ARG H 97 41.69 -33.73 -3.17
N ASP H 98 42.79 -34.31 -2.69
CA ASP H 98 43.29 -35.58 -3.24
C ASP H 98 42.36 -36.75 -2.93
N MET H 99 41.58 -36.66 -1.86
CA MET H 99 40.56 -37.65 -1.56
C MET H 99 39.49 -37.60 -2.65
N PHE I 1 2.34 -26.07 -3.52
CA PHE I 1 1.10 -25.76 -2.75
C PHE I 1 1.19 -26.37 -1.35
N ALA I 2 1.38 -25.52 -0.35
CA ALA I 2 1.57 -25.98 1.03
C ALA I 2 0.26 -26.43 1.64
N PRO I 3 0.33 -27.31 2.67
CA PRO I 3 -0.86 -27.76 3.37
C PRO I 3 -1.25 -26.81 4.49
N GLY I 4 -2.55 -26.56 4.61
CA GLY I 4 -3.09 -25.74 5.70
C GLY I 4 -3.75 -26.63 6.74
N ASN I 5 -3.14 -26.70 7.92
CA ASN I 5 -3.65 -27.54 9.00
C ASN I 5 -4.97 -26.99 9.55
N TYR I 6 -5.82 -27.90 10.03
CA TYR I 6 -7.16 -27.54 10.50
C TYR I 6 -7.46 -28.26 11.82
O PRQ I 7 -5.53 -28.93 14.91
C PRQ I 7 -5.90 -27.88 15.45
CAJ PRQ I 7 -7.38 -27.41 15.28
CA PRQ I 7 -8.18 -28.36 14.39
N PRQ I 7 -7.55 -28.44 13.06
CAK PRQ I 7 -9.62 -27.85 14.23
CAH PRQ I 7 -9.86 -26.62 13.63
CAF PRQ I 7 -11.15 -26.14 13.48
CAG PRQ I 7 -12.23 -26.89 13.95
CAI PRQ I 7 -12.00 -28.13 14.54
CAL PRQ I 7 -10.70 -28.61 14.70
NAN PRQ I 7 -10.51 -29.79 15.28
OAD PRQ I 7 -10.72 -29.94 16.61
OAC PRQ I 7 -10.10 -30.85 14.52
N ALA I 8 -5.14 -27.59 16.44
CA ALA I 8 -3.95 -27.87 17.32
C ALA I 8 -3.80 -29.37 17.61
N LEU I 9 -2.59 -29.77 18.00
CA LEU I 9 -2.33 -31.15 18.39
C LEU I 9 -3.00 -31.48 19.71
N GLY J 1 28.14 -15.03 -56.60
CA GLY J 1 29.04 -14.87 -57.78
C GLY J 1 28.95 -13.48 -58.38
N PRO J 2 27.85 -13.18 -59.10
CA PRO J 2 27.67 -11.88 -59.74
C PRO J 2 27.29 -10.79 -58.76
N HIS J 3 27.42 -9.53 -59.17
CA HIS J 3 27.06 -8.38 -58.35
C HIS J 3 25.57 -8.10 -58.47
N SER J 4 24.95 -7.67 -57.38
CA SER J 4 23.50 -7.43 -57.37
C SER J 4 23.07 -6.48 -56.26
N MET J 5 22.05 -5.69 -56.56
CA MET J 5 21.41 -4.78 -55.59
C MET J 5 19.95 -5.17 -55.45
N ARG J 6 19.43 -5.12 -54.22
CA ARG J 6 18.03 -5.46 -53.96
C ARG J 6 17.39 -4.56 -52.90
N TYR J 7 16.11 -4.25 -53.09
CA TYR J 7 15.32 -3.51 -52.11
C TYR J 7 14.13 -4.35 -51.67
N PHE J 8 14.14 -4.76 -50.40
CA PHE J 8 13.11 -5.62 -49.84
C PHE J 8 12.17 -4.78 -48.98
N GLU J 9 10.94 -4.58 -49.49
CA GLU J 9 9.98 -3.69 -48.86
C GLU J 9 8.78 -4.44 -48.30
N THR J 10 8.36 -4.07 -47.09
CA THR J 10 7.23 -4.71 -46.41
C THR J 10 6.29 -3.65 -45.83
N ALA J 11 4.98 -3.90 -45.93
CA ALA J 11 3.96 -3.02 -45.36
C ALA J 11 2.90 -3.85 -44.64
N VAL J 12 2.62 -3.51 -43.38
CA VAL J 12 1.71 -4.29 -42.55
C VAL J 12 0.60 -3.44 -41.94
N SER J 13 -0.65 -3.73 -42.31
CA SER J 13 -1.81 -3.07 -41.72
C SER J 13 -2.05 -3.59 -40.31
N ARG J 14 -2.84 -2.86 -39.53
CA ARG J 14 -3.04 -3.17 -38.13
C ARG J 14 -4.28 -2.47 -37.56
N PRO J 15 -5.01 -3.14 -36.64
CA PRO J 15 -6.25 -2.58 -36.11
C PRO J 15 -6.03 -1.39 -35.20
N GLY J 16 -6.87 -0.36 -35.34
CA GLY J 16 -6.80 0.84 -34.52
C GLY J 16 -6.04 1.97 -35.18
N LEU J 17 -4.83 1.68 -35.64
CA LEU J 17 -3.95 2.70 -36.22
C LEU J 17 -4.22 2.90 -37.70
N GLU J 18 -4.17 4.16 -38.14
CA GLU J 18 -4.42 4.53 -39.53
C GLU J 18 -3.27 4.08 -40.44
N GLU J 19 -2.08 4.63 -40.19
CA GLU J 19 -0.90 4.36 -41.02
C GLU J 19 -0.32 2.98 -40.70
N PRO J 20 -0.20 2.10 -41.71
CA PRO J 20 0.45 0.81 -41.50
C PRO J 20 1.97 0.92 -41.34
N ARG J 21 2.56 -0.06 -40.69
CA ARG J 21 4.00 -0.15 -40.49
C ARG J 21 4.70 -0.45 -41.82
N TYR J 22 5.57 0.46 -42.26
CA TYR J 22 6.35 0.28 -43.49
C TYR J 22 7.83 0.09 -43.17
N ILE J 23 8.46 -0.88 -43.83
CA ILE J 23 9.88 -1.15 -43.66
C ILE J 23 10.54 -1.50 -44.99
N SER J 24 11.61 -0.79 -45.33
CA SER J 24 12.37 -1.03 -46.55
C SER J 24 13.82 -1.32 -46.22
N VAL J 25 14.30 -2.49 -46.63
CA VAL J 25 15.69 -2.87 -46.45
C VAL J 25 16.38 -2.94 -47.81
N GLY J 26 17.56 -2.34 -47.92
CA GLY J 26 18.33 -2.33 -49.16
C GLY J 26 19.58 -3.17 -49.04
N TYR J 27 19.80 -4.07 -50.01
CA TYR J 27 20.97 -4.96 -50.01
C TYR J 27 21.87 -4.73 -51.22
N VAL J 28 23.18 -4.88 -51.02
CA VAL J 28 24.15 -4.91 -52.10
C VAL J 28 25.06 -6.12 -51.88
N ASP J 29 25.02 -7.07 -52.83
CA ASP J 29 25.72 -8.36 -52.70
C ASP J 29 25.30 -9.07 -51.40
N ASN J 30 23.98 -9.12 -51.17
CA ASN J 30 23.39 -9.75 -50.00
C ASN J 30 23.96 -9.26 -48.66
N LYS J 31 24.24 -7.97 -48.58
CA LYS J 31 24.62 -7.33 -47.33
C LYS J 31 23.84 -6.02 -47.19
N GLU J 32 23.19 -5.84 -46.04
CA GLU J 32 22.35 -4.66 -45.80
C GLU J 32 23.21 -3.40 -45.75
N PHE J 33 22.89 -2.45 -46.62
CA PHE J 33 23.61 -1.16 -46.68
C PHE J 33 22.73 0.03 -46.25
N VAL J 34 21.42 -0.06 -46.51
CA VAL J 34 20.48 0.99 -46.09
C VAL J 34 19.22 0.37 -45.48
N ARG J 35 18.48 1.17 -44.73
CA ARG J 35 17.25 0.72 -44.08
C ARG J 35 16.32 1.87 -43.69
N PHE J 36 15.02 1.66 -43.91
CA PHE J 36 13.99 2.62 -43.52
C PHE J 36 12.97 1.95 -42.61
N ASP J 37 12.43 2.71 -41.67
CA ASP J 37 11.45 2.20 -40.71
C ASP J 37 10.51 3.33 -40.26
N SER J 38 9.23 3.20 -40.61
CA SER J 38 8.23 4.24 -40.32
C SER J 38 8.03 4.49 -38.82
N ASP J 39 8.30 3.48 -37.99
CA ASP J 39 8.19 3.60 -36.54
C ASP J 39 9.50 4.02 -35.85
N ALA J 40 10.52 4.35 -36.64
CA ALA J 40 11.78 4.83 -36.08
C ALA J 40 11.60 6.20 -35.43
N GLU J 41 12.46 6.50 -34.47
CA GLU J 41 12.46 7.79 -33.76
C GLU J 41 12.35 8.94 -34.76
N ASN J 42 13.27 8.99 -35.70
CA ASN J 42 13.18 9.89 -36.85
C ASN J 42 13.13 9.02 -38.10
N PRO J 43 11.96 8.92 -38.74
CA PRO J 43 11.82 8.00 -39.89
C PRO J 43 12.57 8.50 -41.13
N ARG J 44 13.69 7.83 -41.44
CA ARG J 44 14.49 8.15 -42.62
C ARG J 44 15.39 6.97 -43.00
N TYR J 45 15.88 6.96 -44.23
CA TYR J 45 16.82 5.94 -44.68
C TYR J 45 18.16 6.06 -43.96
N GLU J 46 18.46 5.10 -43.08
CA GLU J 46 19.70 5.11 -42.31
C GLU J 46 20.78 4.28 -43.02
N PRO J 47 22.06 4.69 -42.87
CA PRO J 47 23.16 3.88 -43.38
C PRO J 47 23.46 2.69 -42.48
N ARG J 48 23.44 1.49 -43.05
CA ARG J 48 23.70 0.25 -42.31
C ARG J 48 25.03 -0.42 -42.70
N ALA J 49 25.80 0.24 -43.56
CA ALA J 49 27.13 -0.21 -43.93
C ALA J 49 28.09 0.97 -43.82
N PRO J 50 29.30 0.74 -43.30
CA PRO J 50 30.22 1.82 -42.94
C PRO J 50 30.65 2.71 -44.12
N TRP J 51 30.60 2.17 -45.33
CA TRP J 51 30.99 2.91 -46.54
C TRP J 51 29.88 3.81 -47.10
N MET J 52 28.73 3.87 -46.44
CA MET J 52 27.65 4.78 -46.83
C MET J 52 27.74 6.16 -46.15
N GLU J 53 28.62 6.29 -45.15
CA GLU J 53 28.77 7.53 -44.41
C GLU J 53 29.18 8.74 -45.27
N GLN J 54 29.93 8.47 -46.33
CA GLN J 54 30.45 9.53 -47.20
C GLN J 54 29.39 10.21 -48.08
N GLU J 55 28.19 9.63 -48.15
CA GLU J 55 27.08 10.24 -48.90
C GLU J 55 26.59 11.50 -48.19
N GLY J 56 26.33 12.56 -48.96
CA GLY J 56 25.91 13.83 -48.41
C GLY J 56 24.47 13.83 -47.92
N PRO J 57 24.05 14.90 -47.22
CA PRO J 57 22.68 15.00 -46.71
C PRO J 57 21.59 15.06 -47.78
N GLU J 58 21.92 15.58 -48.97
CA GLU J 58 20.95 15.70 -50.06
C GLU J 58 20.66 14.34 -50.71
N TYR J 59 21.59 13.39 -50.60
CA TYR J 59 21.37 12.03 -51.04
C TYR J 59 20.30 11.33 -50.20
N TRP J 60 20.39 11.52 -48.88
CA TRP J 60 19.48 10.85 -47.94
C TRP J 60 18.05 11.38 -48.01
N GLU J 61 17.88 12.67 -48.27
CA GLU J 61 16.53 13.26 -48.36
C GLU J 61 15.79 12.86 -49.64
N ARG J 62 16.54 12.59 -50.72
CA ARG J 62 15.95 12.04 -51.95
C ARG J 62 15.38 10.64 -51.66
N GLU J 63 16.18 9.81 -50.99
CA GLU J 63 15.79 8.46 -50.62
C GLU J 63 14.62 8.46 -49.65
N THR J 64 14.69 9.30 -48.63
CA THR J 64 13.64 9.39 -47.61
C THR J 64 12.30 9.79 -48.21
N GLN J 65 12.32 10.76 -49.13
CA GLN J 65 11.09 11.22 -49.77
C GLN J 65 10.47 10.14 -50.64
N LYS J 66 11.31 9.34 -51.31
CA LYS J 66 10.83 8.16 -52.04
C LYS J 66 10.20 7.15 -51.07
N ALA J 67 10.81 6.98 -49.91
CA ALA J 67 10.26 6.12 -48.85
C ALA J 67 8.88 6.61 -48.42
N LYS J 68 8.73 7.92 -48.25
CA LYS J 68 7.45 8.53 -47.90
C LYS J 68 6.41 8.31 -49.00
N GLY J 69 6.87 8.40 -50.25
CA GLY J 69 6.01 8.16 -51.40
C GLY J 69 5.57 6.71 -51.52
N GLN J 70 6.42 5.79 -51.03
CA GLN J 70 6.10 4.37 -51.02
C GLN J 70 5.01 4.06 -49.99
N GLU J 71 5.12 4.64 -48.80
CA GLU J 71 4.11 4.46 -47.75
C GLU J 71 2.72 4.75 -48.29
N GLN J 72 2.60 5.86 -49.01
CA GLN J 72 1.35 6.24 -49.69
C GLN J 72 0.89 5.13 -50.62
N TRP J 73 1.82 4.66 -51.46
CA TRP J 73 1.54 3.62 -52.45
C TRP J 73 1.08 2.32 -51.78
N PHE J 74 1.82 1.86 -50.78
CA PHE J 74 1.52 0.61 -50.08
C PHE J 74 0.18 0.63 -49.35
N ARG J 75 -0.13 1.76 -48.71
CA ARG J 75 -1.38 1.91 -47.96
C ARG J 75 -2.60 1.83 -48.86
N VAL J 76 -2.54 2.52 -50.00
CA VAL J 76 -3.64 2.52 -50.96
C VAL J 76 -3.80 1.13 -51.59
N SER J 77 -2.69 0.44 -51.80
CA SER J 77 -2.72 -0.93 -52.32
C SER J 77 -3.38 -1.89 -51.33
N LEU J 78 -3.04 -1.76 -50.04
CA LEU J 78 -3.65 -2.60 -49.00
C LEU J 78 -5.17 -2.41 -48.94
N ARG J 79 -5.62 -1.17 -49.10
CA ARG J 79 -7.06 -0.88 -49.18
C ARG J 79 -7.65 -1.54 -50.42
N ASN J 80 -7.00 -1.37 -51.56
CA ASN J 80 -7.41 -2.01 -52.80
C ASN J 80 -7.53 -3.52 -52.65
N LEU J 81 -6.46 -4.13 -52.15
CA LEU J 81 -6.39 -5.59 -51.98
C LEU J 81 -7.51 -6.15 -51.12
N LEU J 82 -7.83 -5.47 -50.02
CA LEU J 82 -8.93 -5.89 -49.15
C LEU J 82 -10.26 -5.92 -49.92
N GLY J 83 -10.46 -4.95 -50.81
CA GLY J 83 -11.65 -4.92 -51.65
C GLY J 83 -11.66 -6.00 -52.72
N TYR J 84 -10.49 -6.30 -53.27
CA TYR J 84 -10.33 -7.33 -54.30
C TYR J 84 -10.75 -8.71 -53.78
N TYR J 85 -10.27 -9.07 -52.60
CA TYR J 85 -10.55 -10.38 -52.00
C TYR J 85 -11.78 -10.39 -51.08
N ASN J 86 -12.44 -9.24 -50.95
CA ASN J 86 -13.65 -9.11 -50.12
C ASN J 86 -13.44 -9.55 -48.66
N GLN J 87 -12.37 -9.05 -48.06
CA GLN J 87 -12.05 -9.34 -46.67
C GLN J 87 -12.67 -8.28 -45.75
N SER J 88 -12.89 -8.67 -44.50
CA SER J 88 -13.48 -7.78 -43.51
C SER J 88 -12.47 -6.73 -43.04
N ALA J 89 -12.96 -5.50 -42.81
CA ALA J 89 -12.10 -4.41 -42.35
C ALA J 89 -11.68 -4.62 -40.90
N GLY J 90 -10.63 -3.92 -40.48
CA GLY J 90 -10.11 -4.03 -39.12
C GLY J 90 -9.20 -5.23 -38.88
N GLY J 91 -8.77 -5.86 -39.96
CA GLY J 91 -7.83 -6.99 -39.88
C GLY J 91 -6.39 -6.50 -39.92
N SER J 92 -5.46 -7.45 -39.96
CA SER J 92 -4.04 -7.14 -40.08
C SER J 92 -3.42 -8.01 -41.18
N HIS J 93 -3.02 -7.36 -42.27
CA HIS J 93 -2.51 -8.06 -43.46
C HIS J 93 -1.11 -7.58 -43.81
N THR J 94 -0.49 -8.25 -44.78
CA THR J 94 0.88 -7.95 -45.18
C THR J 94 1.01 -7.81 -46.69
N LEU J 95 1.70 -6.76 -47.13
CA LEU J 95 2.04 -6.55 -48.53
C LEU J 95 3.55 -6.41 -48.65
N GLN J 96 4.17 -7.28 -49.44
CA GLN J 96 5.62 -7.33 -49.59
C GLN J 96 6.06 -7.05 -51.01
N GLN J 97 7.28 -6.55 -51.18
CA GLN J 97 7.86 -6.29 -52.49
C GLN J 97 9.35 -6.63 -52.50
N MET J 98 9.81 -7.18 -53.63
CA MET J 98 11.22 -7.36 -53.91
C MET J 98 11.54 -6.66 -55.23
N SER J 99 12.58 -5.83 -55.23
CA SER J 99 13.01 -5.13 -56.44
C SER J 99 14.51 -4.97 -56.47
N GLY J 100 15.09 -5.07 -57.67
CA GLY J 100 16.54 -4.94 -57.85
C GLY J 100 17.02 -5.42 -59.20
N CYS J 101 18.33 -5.56 -59.34
CA CYS J 101 18.93 -5.97 -60.61
C CYS J 101 20.25 -6.73 -60.45
N ASP J 102 20.58 -7.53 -61.46
CA ASP J 102 21.82 -8.31 -61.50
C ASP J 102 22.83 -7.68 -62.45
N LEU J 103 24.09 -7.61 -62.01
CA LEU J 103 25.21 -7.24 -62.86
C LEU J 103 26.16 -8.43 -62.96
N GLY J 104 26.50 -8.83 -64.19
CA GLY J 104 27.33 -10.01 -64.41
C GLY J 104 28.80 -9.80 -64.10
N SER J 105 29.64 -10.66 -64.66
CA SER J 105 31.09 -10.56 -64.51
C SER J 105 31.58 -9.21 -65.03
N ASP J 106 31.17 -8.87 -66.25
CA ASP J 106 31.38 -7.52 -66.78
C ASP J 106 30.34 -6.58 -66.17
N TRP J 107 30.74 -5.34 -65.92
CA TRP J 107 29.90 -4.38 -65.21
C TRP J 107 28.74 -3.88 -66.08
N ARG J 108 27.70 -4.70 -66.19
CA ARG J 108 26.49 -4.34 -66.95
C ARG J 108 25.32 -5.27 -66.65
N LEU J 109 24.10 -4.76 -66.84
CA LEU J 109 22.86 -5.46 -66.46
C LEU J 109 22.72 -6.87 -67.08
N LEU J 110 22.29 -7.82 -66.26
CA LEU J 110 21.99 -9.18 -66.70
C LEU J 110 20.48 -9.40 -66.76
N ARG J 111 19.79 -9.09 -65.67
CA ARG J 111 18.33 -9.13 -65.63
C ARG J 111 17.76 -8.33 -64.46
N GLY J 112 16.53 -7.84 -64.63
CA GLY J 112 15.85 -7.03 -63.63
C GLY J 112 14.91 -7.84 -62.76
N TYR J 113 14.51 -7.25 -61.64
CA TYR J 113 13.63 -7.91 -60.68
C TYR J 113 12.56 -6.96 -60.14
N LEU J 114 11.31 -7.37 -60.27
CA LEU J 114 10.19 -6.70 -59.60
C LEU J 114 9.04 -7.68 -59.41
N GLN J 115 8.67 -7.92 -58.16
CA GLN J 115 7.57 -8.82 -57.85
C GLN J 115 6.97 -8.49 -56.49
N PHE J 116 5.69 -8.77 -56.32
CA PHE J 116 4.95 -8.42 -55.11
C PHE J 116 4.26 -9.63 -54.51
N ALA J 117 4.11 -9.60 -53.19
CA ALA J 117 3.43 -10.67 -52.46
C ALA J 117 2.37 -10.10 -51.54
N TYR J 118 1.27 -10.83 -51.41
CA TYR J 118 0.20 -10.49 -50.47
C TYR J 118 -0.09 -11.69 -49.58
N GLU J 119 -0.11 -11.44 -48.26
CA GLU J 119 -0.30 -12.49 -47.26
C GLU J 119 0.77 -13.59 -47.36
N GLY J 120 1.99 -13.18 -47.68
CA GLY J 120 3.10 -14.13 -47.83
C GLY J 120 3.02 -15.00 -49.07
N ARG J 121 2.07 -14.71 -49.96
CA ARG J 121 1.87 -15.47 -51.19
C ARG J 121 2.12 -14.56 -52.40
N ASP J 122 2.52 -15.17 -53.52
CA ASP J 122 2.76 -14.44 -54.76
C ASP J 122 1.49 -13.74 -55.23
N TYR J 123 1.64 -12.52 -55.74
CA TYR J 123 0.51 -11.77 -56.29
C TYR J 123 0.76 -11.39 -57.75
N ILE J 124 1.72 -10.49 -57.98
CA ILE J 124 2.08 -10.09 -59.35
C ILE J 124 3.59 -9.89 -59.48
N ALA J 125 4.13 -10.28 -60.63
CA ALA J 125 5.57 -10.19 -60.89
C ALA J 125 5.82 -9.72 -62.33
N LEU J 126 6.86 -8.91 -62.49
CA LEU J 126 7.30 -8.48 -63.83
C LEU J 126 8.19 -9.58 -64.40
N ASN J 127 7.97 -9.89 -65.69
CA ASN J 127 8.72 -10.94 -66.37
C ASN J 127 10.14 -10.49 -66.70
N GLU J 128 11.00 -11.44 -67.07
CA GLU J 128 12.42 -11.15 -67.32
C GLU J 128 12.60 -10.14 -68.46
N ASP J 129 11.70 -10.16 -69.43
CA ASP J 129 11.75 -9.21 -70.55
C ASP J 129 11.47 -7.76 -70.14
N LEU J 130 10.92 -7.56 -68.94
CA LEU J 130 10.59 -6.23 -68.40
C LEU J 130 9.47 -5.54 -69.17
N LYS J 131 8.54 -6.34 -69.72
CA LYS J 131 7.41 -5.80 -70.48
C LYS J 131 6.07 -6.39 -70.01
N THR J 132 5.98 -7.71 -69.98
CA THR J 132 4.76 -8.41 -69.59
C THR J 132 4.76 -8.76 -68.10
N TRP J 133 3.57 -9.00 -67.56
CA TRP J 133 3.38 -9.31 -66.15
C TRP J 133 2.79 -10.71 -65.96
N THR J 134 3.22 -11.39 -64.91
CA THR J 134 2.65 -12.68 -64.52
C THR J 134 1.85 -12.52 -63.22
N ALA J 135 0.54 -12.75 -63.32
CA ALA J 135 -0.35 -12.67 -62.17
C ALA J 135 -0.53 -14.05 -61.54
N ALA J 136 -0.62 -14.09 -60.21
CA ALA J 136 -0.74 -15.35 -59.47
C ALA J 136 -2.17 -15.91 -59.50
N ASP J 137 -3.15 -15.05 -59.35
CA ASP J 137 -4.56 -15.45 -59.36
C ASP J 137 -5.46 -14.36 -59.95
N MET J 138 -6.77 -14.50 -59.80
CA MET J 138 -7.72 -13.60 -60.47
C MET J 138 -7.62 -12.14 -60.02
N ALA J 139 -7.34 -11.91 -58.75
CA ALA J 139 -7.14 -10.55 -58.23
C ALA J 139 -5.98 -9.85 -58.92
N ALA J 140 -4.89 -10.58 -59.11
CA ALA J 140 -3.69 -10.05 -59.77
C ALA J 140 -3.86 -9.80 -61.27
N GLN J 141 -4.84 -10.46 -61.87
CA GLN J 141 -5.17 -10.21 -63.29
C GLN J 141 -5.82 -8.83 -63.46
N ILE J 142 -6.60 -8.40 -62.47
CA ILE J 142 -7.23 -7.08 -62.49
C ILE J 142 -6.17 -5.99 -62.45
N THR J 143 -5.13 -6.20 -61.64
CA THR J 143 -4.01 -5.27 -61.56
C THR J 143 -3.23 -5.20 -62.87
N ARG J 144 -3.11 -6.34 -63.55
CA ARG J 144 -2.37 -6.42 -64.81
C ARG J 144 -3.02 -5.59 -65.91
N ARG J 145 -4.34 -5.71 -66.05
CA ARG J 145 -5.09 -4.92 -67.03
C ARG J 145 -4.82 -3.43 -66.82
N LYS J 146 -4.95 -2.99 -65.58
CA LYS J 146 -4.70 -1.61 -65.19
C LYS J 146 -3.25 -1.18 -65.51
N TRP J 147 -2.29 -2.02 -65.17
CA TRP J 147 -0.87 -1.72 -65.34
C TRP J 147 -0.38 -1.80 -66.78
N GLU J 148 -0.99 -2.68 -67.58
CA GLU J 148 -0.70 -2.76 -69.01
C GLU J 148 -1.19 -1.51 -69.74
N GLN J 149 -2.37 -1.04 -69.37
CA GLN J 149 -2.94 0.20 -69.92
C GLN J 149 -2.05 1.40 -69.63
N SER J 150 -1.66 1.55 -68.37
CA SER J 150 -0.86 2.69 -67.93
C SER J 150 0.59 2.61 -68.42
N GLY J 151 1.09 1.39 -68.62
CA GLY J 151 2.48 1.19 -68.99
C GLY J 151 3.39 1.37 -67.79
N ALA J 152 3.09 0.63 -66.72
CA ALA J 152 3.90 0.66 -65.50
C ALA J 152 5.23 -0.03 -65.72
N ALA J 153 5.22 -1.10 -66.52
CA ALA J 153 6.43 -1.87 -66.84
C ALA J 153 7.54 -0.99 -67.44
N GLU J 154 7.14 -0.04 -68.27
CA GLU J 154 8.09 0.92 -68.88
C GLU J 154 8.83 1.74 -67.82
N HIS J 155 8.10 2.12 -66.76
CA HIS J 155 8.68 2.91 -65.67
C HIS J 155 9.72 2.12 -64.89
N TYR J 156 9.40 0.87 -64.58
CA TYR J 156 10.28 0.00 -63.81
C TYR J 156 11.51 -0.43 -64.62
N LYS J 157 11.33 -0.64 -65.93
CA LYS J 157 12.42 -0.99 -66.81
C LYS J 157 13.51 0.09 -66.81
N ALA J 158 13.08 1.34 -66.86
CA ALA J 158 14.02 2.48 -66.84
C ALA J 158 14.82 2.54 -65.55
N TYR J 159 14.18 2.19 -64.43
CA TYR J 159 14.86 2.13 -63.14
C TYR J 159 15.88 1.00 -63.12
N LEU J 160 15.43 -0.21 -63.45
CA LEU J 160 16.28 -1.40 -63.43
C LEU J 160 17.44 -1.30 -64.43
N GLU J 161 17.15 -0.72 -65.59
CA GLU J 161 18.17 -0.55 -66.64
C GLU J 161 19.07 0.66 -66.37
N GLY J 162 18.50 1.72 -65.78
CA GLY J 162 19.21 2.98 -65.61
C GLY J 162 19.77 3.22 -64.21
N GLU J 163 18.89 3.42 -63.25
CA GLU J 163 19.28 3.82 -61.89
C GLU J 163 19.85 2.66 -61.07
N CYS J 164 19.12 1.55 -61.04
CA CYS J 164 19.55 0.35 -60.32
C CYS J 164 20.98 -0.02 -60.65
N VAL J 165 21.30 0.00 -61.95
CA VAL J 165 22.64 -0.35 -62.43
C VAL J 165 23.66 0.70 -62.05
N GLU J 166 23.43 1.94 -62.46
CA GLU J 166 24.43 2.99 -62.33
C GLU J 166 24.77 3.38 -60.89
N TRP J 167 23.80 3.30 -59.99
CA TRP J 167 24.06 3.56 -58.57
C TRP J 167 24.79 2.38 -57.92
N LEU J 168 24.53 1.17 -58.40
CA LEU J 168 25.22 -0.02 -57.90
C LEU J 168 26.72 0.04 -58.18
N HIS J 169 27.10 0.62 -59.33
CA HIS J 169 28.50 0.85 -59.66
C HIS J 169 29.24 1.52 -58.51
N ARG J 170 28.68 2.64 -58.04
CA ARG J 170 29.31 3.44 -57.00
C ARG J 170 29.30 2.75 -55.64
N TYR J 171 28.20 2.07 -55.32
CA TYR J 171 28.10 1.32 -54.07
C TYR J 171 29.19 0.24 -54.00
N LEU J 172 29.49 -0.38 -55.14
CA LEU J 172 30.56 -1.35 -55.24
C LEU J 172 31.94 -0.70 -55.12
N LYS J 173 32.11 0.47 -55.74
CA LYS J 173 33.38 1.18 -55.70
C LYS J 173 33.66 1.83 -54.34
N ASN J 174 32.62 2.33 -53.68
CA ASN J 174 32.77 2.97 -52.38
C ASN J 174 33.07 1.96 -51.26
N GLY J 175 32.40 0.81 -51.30
CA GLY J 175 32.62 -0.25 -50.32
C GLY J 175 33.66 -1.28 -50.75
N ASN J 176 34.56 -0.87 -51.65
CA ASN J 176 35.60 -1.74 -52.19
C ASN J 176 36.41 -2.51 -51.14
N ALA J 177 36.59 -1.91 -49.97
CA ALA J 177 37.38 -2.52 -48.90
C ALA J 177 36.71 -3.70 -48.20
N THR J 178 35.37 -3.80 -48.30
CA THR J 178 34.62 -4.79 -47.51
C THR J 178 33.64 -5.64 -48.32
N LEU J 179 33.70 -5.58 -49.65
CA LEU J 179 32.59 -6.07 -50.50
C LEU J 179 32.60 -7.45 -51.21
N LEU J 180 33.63 -7.89 -51.94
CA LEU J 180 35.03 -7.45 -51.95
C LEU J 180 35.73 -7.72 -50.61
N ARG J 181 35.47 -8.90 -50.08
CA ARG J 181 36.09 -9.43 -48.87
C ARG J 181 35.68 -10.89 -48.75
N THR J 182 36.64 -11.81 -48.84
CA THR J 182 36.34 -13.25 -48.83
C THR J 182 36.99 -13.99 -47.66
N ASP J 183 36.22 -14.20 -46.59
CA ASP J 183 36.69 -14.96 -45.43
C ASP J 183 36.47 -16.45 -45.70
N SER J 184 37.53 -17.24 -45.56
CA SER J 184 37.46 -18.69 -45.82
C SER J 184 36.84 -19.44 -44.64
N PRO J 185 36.19 -20.58 -44.91
CA PRO J 185 35.59 -21.38 -43.85
C PRO J 185 36.59 -22.29 -43.13
N LYS J 186 36.55 -22.26 -41.80
CA LYS J 186 37.33 -23.20 -40.98
C LYS J 186 36.48 -24.44 -40.74
N ALA J 187 36.94 -25.60 -41.22
CA ALA J 187 36.13 -26.81 -41.22
C ALA J 187 36.69 -27.91 -40.33
N HIS J 188 35.80 -28.70 -39.74
CA HIS J 188 36.16 -29.89 -38.98
C HIS J 188 35.00 -30.90 -38.93
N VAL J 189 35.28 -32.10 -38.45
CA VAL J 189 34.30 -33.19 -38.43
C VAL J 189 34.08 -33.72 -37.01
N THR J 190 32.82 -33.96 -36.66
CA THR J 190 32.45 -34.51 -35.35
C THR J 190 31.82 -35.90 -35.47
N HIS J 191 31.77 -36.61 -34.34
CA HIS J 191 31.26 -37.97 -34.28
C HIS J 191 30.15 -38.09 -33.23
N HIS J 192 29.02 -38.68 -33.63
CA HIS J 192 27.86 -38.83 -32.73
C HIS J 192 27.12 -40.15 -33.00
N PRO J 193 27.09 -41.07 -32.01
CA PRO J 193 26.32 -42.31 -32.16
C PRO J 193 24.81 -42.07 -32.28
N ARG J 194 24.19 -42.70 -33.28
CA ARG J 194 22.77 -42.51 -33.57
C ARG J 194 21.93 -43.65 -33.02
N SER J 195 22.18 -44.86 -33.51
CA SER J 195 21.43 -46.04 -33.12
C SER J 195 22.33 -47.28 -33.13
N LYS J 196 21.72 -48.46 -33.01
CA LYS J 196 22.46 -49.73 -32.97
C LYS J 196 23.25 -49.97 -34.26
N GLY J 197 24.57 -49.88 -34.18
CA GLY J 197 25.46 -50.11 -35.32
C GLY J 197 25.42 -49.02 -36.37
N GLU J 198 25.05 -47.80 -35.97
CA GLU J 198 24.98 -46.66 -36.88
C GLU J 198 25.52 -45.39 -36.21
N VAL J 199 26.11 -44.51 -37.00
CA VAL J 199 26.73 -43.28 -36.50
C VAL J 199 26.51 -42.11 -37.46
N THR J 200 26.16 -40.95 -36.91
CA THR J 200 25.97 -39.74 -37.70
C THR J 200 27.26 -38.91 -37.71
N LEU J 201 27.84 -38.72 -38.90
CA LEU J 201 29.03 -37.89 -39.06
C LEU J 201 28.64 -36.52 -39.60
N ARG J 202 28.88 -35.48 -38.80
CA ARG J 202 28.52 -34.12 -39.15
C ARG J 202 29.75 -33.33 -39.60
N CYS J 203 29.57 -32.52 -40.64
CA CYS J 203 30.66 -31.77 -41.26
C CYS J 203 30.46 -30.28 -41.04
N TRP J 204 31.41 -29.63 -40.38
CA TRP J 204 31.27 -28.21 -39.99
C TRP J 204 31.99 -27.26 -40.93
N ALA J 205 31.45 -26.04 -41.04
CA ALA J 205 32.08 -24.95 -41.78
C ALA J 205 31.72 -23.65 -41.08
N LEU J 206 32.73 -22.96 -40.54
CA LEU J 206 32.51 -21.79 -39.68
C LEU J 206 33.33 -20.57 -40.09
N GLY J 207 32.79 -19.39 -39.86
CA GLY J 207 33.51 -18.13 -40.04
C GLY J 207 33.84 -17.79 -41.48
N PHE J 208 32.83 -17.81 -42.34
CA PHE J 208 33.02 -17.57 -43.77
C PHE J 208 32.07 -16.50 -44.31
N TYR J 209 32.53 -15.78 -45.33
CA TYR J 209 31.72 -14.76 -46.00
C TYR J 209 32.21 -14.63 -47.45
N PRO J 210 31.27 -14.54 -48.42
CA PRO J 210 29.80 -14.51 -48.29
C PRO J 210 29.20 -15.87 -47.92
N ALA J 211 27.86 -15.92 -47.87
CA ALA J 211 27.13 -17.12 -47.44
C ALA J 211 27.14 -18.25 -48.49
N ASP J 212 27.48 -17.92 -49.74
CA ASP J 212 27.51 -18.90 -50.82
C ASP J 212 28.53 -20.01 -50.54
N ILE J 213 28.02 -21.22 -50.31
CA ILE J 213 28.85 -22.36 -49.91
C ILE J 213 28.18 -23.66 -50.35
N THR J 214 28.98 -24.70 -50.55
CA THR J 214 28.48 -26.03 -50.87
C THR J 214 29.23 -27.10 -50.09
N LEU J 215 28.53 -27.74 -49.14
CA LEU J 215 29.08 -28.84 -48.37
C LEU J 215 28.49 -30.15 -48.88
N THR J 216 29.35 -31.14 -49.13
CA THR J 216 28.91 -32.44 -49.63
C THR J 216 29.79 -33.58 -49.14
N TRP J 217 29.14 -34.67 -48.75
CA TRP J 217 29.84 -35.91 -48.38
C TRP J 217 30.08 -36.76 -49.62
N GLN J 218 31.15 -37.54 -49.60
CA GLN J 218 31.43 -38.48 -50.68
C GLN J 218 31.89 -39.84 -50.14
N LEU J 219 31.36 -40.92 -50.71
CA LEU J 219 31.75 -42.27 -50.35
C LEU J 219 32.78 -42.76 -51.35
N ASN J 220 34.01 -42.95 -50.87
CA ASN J 220 35.12 -43.43 -51.71
C ASN J 220 35.34 -42.55 -52.94
N GLY J 221 35.32 -41.24 -52.75
CA GLY J 221 35.57 -40.28 -53.83
C GLY J 221 34.32 -39.76 -54.52
N GLU J 222 33.36 -40.66 -54.77
CA GLU J 222 32.13 -40.31 -55.48
C GLU J 222 31.17 -39.55 -54.57
N GLU J 223 30.65 -38.43 -55.07
CA GLU J 223 29.72 -37.57 -54.32
C GLU J 223 28.52 -38.37 -53.81
N LEU J 224 28.20 -38.18 -52.53
CA LEU J 224 27.11 -38.90 -51.88
C LEU J 224 26.05 -37.91 -51.37
N THR J 225 24.86 -37.97 -51.97
CA THR J 225 23.76 -37.06 -51.63
C THR J 225 22.64 -37.77 -50.86
N GLN J 226 22.41 -39.05 -51.16
CA GLN J 226 21.33 -39.83 -50.55
C GLN J 226 21.28 -39.68 -49.02
N ASP J 227 20.12 -39.25 -48.52
CA ASP J 227 19.85 -39.15 -47.08
C ASP J 227 20.81 -38.23 -46.32
N MET J 228 21.25 -37.16 -46.98
CA MET J 228 22.15 -36.18 -46.37
C MET J 228 21.35 -35.02 -45.81
N GLU J 229 21.31 -34.90 -44.49
CA GLU J 229 20.64 -33.77 -43.84
C GLU J 229 21.54 -32.55 -43.93
N LEU J 230 21.01 -31.47 -44.51
CA LEU J 230 21.77 -30.24 -44.74
C LEU J 230 21.03 -29.04 -44.14
N VAL J 231 21.57 -28.49 -43.07
CA VAL J 231 20.93 -27.40 -42.33
C VAL J 231 21.04 -26.07 -43.08
N GLU J 232 20.08 -25.18 -42.83
CA GLU J 232 20.04 -23.86 -43.44
C GLU J 232 21.21 -23.00 -42.95
N THR J 233 21.86 -22.31 -43.88
CA THR J 233 22.94 -21.38 -43.55
C THR J 233 22.43 -20.31 -42.59
N ARG J 234 23.19 -20.05 -41.53
CA ARG J 234 22.77 -19.14 -40.47
C ARG J 234 23.90 -18.19 -40.07
N PRO J 235 23.55 -16.99 -39.56
CA PRO J 235 24.55 -15.97 -39.30
C PRO J 235 25.32 -16.22 -38.00
N ALA J 236 26.62 -15.97 -38.03
CA ALA J 236 27.45 -16.04 -36.83
C ALA J 236 27.14 -14.86 -35.91
N GLY J 237 26.75 -13.73 -36.49
CA GLY J 237 26.43 -12.53 -35.74
C GLY J 237 27.50 -11.46 -35.82
N ASP J 238 28.63 -11.80 -36.43
CA ASP J 238 29.76 -10.87 -36.59
C ASP J 238 30.12 -10.67 -38.06
N GLY J 239 29.14 -10.86 -38.94
CA GLY J 239 29.34 -10.73 -40.39
C GLY J 239 29.41 -12.07 -41.09
N THR J 240 30.09 -13.03 -40.47
CA THR J 240 30.29 -14.36 -41.05
C THR J 240 29.08 -15.26 -40.86
N PHE J 241 29.09 -16.39 -41.56
CA PHE J 241 27.99 -17.37 -41.51
C PHE J 241 28.46 -18.75 -41.04
N GLN J 242 27.49 -19.62 -40.79
CA GLN J 242 27.75 -21.00 -40.37
C GLN J 242 26.87 -21.97 -41.17
N LYS J 243 27.36 -23.19 -41.34
CA LYS J 243 26.61 -24.26 -42.01
C LYS J 243 27.16 -25.63 -41.66
N TRP J 244 26.34 -26.67 -41.80
CA TRP J 244 26.81 -28.05 -41.67
C TRP J 244 25.94 -29.06 -42.44
N ALA J 245 26.58 -30.14 -42.88
CA ALA J 245 25.89 -31.27 -43.48
C ALA J 245 26.18 -32.52 -42.66
N SER J 246 25.22 -33.44 -42.58
CA SER J 246 25.39 -34.68 -41.83
C SER J 246 24.82 -35.88 -42.60
N VAL J 247 25.42 -37.04 -42.39
CA VAL J 247 24.99 -38.27 -43.05
C VAL J 247 25.14 -39.46 -42.10
N VAL J 248 24.22 -40.43 -42.23
CA VAL J 248 24.24 -41.63 -41.40
C VAL J 248 25.18 -42.68 -42.00
N VAL J 249 26.10 -43.17 -41.18
CA VAL J 249 27.12 -44.14 -41.61
C VAL J 249 27.18 -45.32 -40.61
N PRO J 250 27.35 -46.56 -41.12
CA PRO J 250 27.51 -47.72 -40.23
C PRO J 250 28.75 -47.63 -39.31
N LEU J 251 28.69 -48.33 -38.18
CA LEU J 251 29.80 -48.33 -37.22
C LEU J 251 31.00 -49.10 -37.77
N GLY J 252 32.18 -48.52 -37.62
CA GLY J 252 33.42 -49.13 -38.09
C GLY J 252 33.92 -48.60 -39.42
N LYS J 253 32.98 -48.30 -40.34
CA LYS J 253 33.32 -47.86 -41.69
C LYS J 253 33.18 -46.34 -41.83
N GLU J 254 33.87 -45.60 -40.95
CA GLU J 254 33.87 -44.13 -41.00
C GLU J 254 34.95 -43.62 -41.95
N GLN J 255 36.07 -44.34 -42.02
CA GLN J 255 37.23 -43.93 -42.84
C GLN J 255 36.91 -43.88 -44.34
N ASN J 256 35.96 -44.71 -44.78
CA ASN J 256 35.54 -44.73 -46.19
C ASN J 256 34.98 -43.39 -46.67
N TYR J 257 34.29 -42.67 -45.80
CA TYR J 257 33.64 -41.40 -46.14
C TYR J 257 34.57 -40.21 -45.91
N THR J 258 34.46 -39.21 -46.78
CA THR J 258 35.15 -37.94 -46.61
C THR J 258 34.19 -36.80 -46.97
N CYS J 259 34.52 -35.60 -46.51
CA CYS J 259 33.65 -34.44 -46.68
C CYS J 259 34.40 -33.29 -47.36
N ARG J 260 33.90 -32.84 -48.50
CA ARG J 260 34.52 -31.75 -49.25
C ARG J 260 33.77 -30.44 -49.03
N VAL J 261 34.50 -29.33 -49.00
CA VAL J 261 33.94 -28.00 -48.79
C VAL J 261 34.37 -27.05 -49.89
N TYR J 262 33.39 -26.42 -50.56
CA TYR J 262 33.64 -25.49 -51.65
C TYR J 262 33.35 -24.06 -51.21
N HIS J 263 34.32 -23.17 -51.37
CA HIS J 263 34.13 -21.74 -51.09
C HIS J 263 35.04 -20.90 -51.98
N GLU J 264 34.53 -19.73 -52.39
CA GLU J 264 35.24 -18.85 -53.33
C GLU J 264 36.46 -18.15 -52.74
N GLY J 265 36.57 -18.13 -51.41
CA GLY J 265 37.72 -17.56 -50.72
C GLY J 265 38.87 -18.54 -50.52
N LEU J 266 38.66 -19.80 -50.89
CA LEU J 266 39.68 -20.84 -50.75
C LEU J 266 40.48 -21.00 -52.04
N PRO J 267 41.79 -21.30 -51.94
CA PRO J 267 42.60 -21.57 -53.13
C PRO J 267 42.21 -22.92 -53.76
N GLU J 268 41.91 -23.90 -52.93
CA GLU J 268 41.35 -25.18 -53.37
C GLU J 268 40.37 -25.70 -52.31
N PRO J 269 39.35 -26.47 -52.74
CA PRO J 269 38.34 -26.96 -51.79
C PRO J 269 38.91 -27.92 -50.75
N LEU J 270 38.51 -27.74 -49.50
CA LEU J 270 39.04 -28.53 -48.39
C LEU J 270 38.33 -29.87 -48.29
N THR J 271 39.11 -30.95 -48.32
CA THR J 271 38.59 -32.30 -48.14
C THR J 271 39.11 -32.85 -46.81
N LEU J 272 38.19 -33.20 -45.91
CA LEU J 272 38.56 -33.68 -44.58
C LEU J 272 37.64 -34.78 -44.09
N ARG J 273 38.16 -35.59 -43.17
CA ARG J 273 37.43 -36.74 -42.61
C ARG J 273 37.55 -36.74 -41.08
N TRP J 274 37.09 -37.81 -40.44
CA TRP J 274 37.15 -37.96 -38.99
C TRP J 274 38.39 -38.74 -38.54
N GLU J 275 39.04 -38.25 -37.48
CA GLU J 275 40.09 -38.99 -36.80
C GLU J 275 39.68 -39.18 -35.34
N PRO J 276 40.27 -40.17 -34.65
CA PRO J 276 39.98 -40.33 -33.22
C PRO J 276 40.43 -39.10 -32.40
N MET K 1 -3.28 -17.22 -44.74
CA MET K 1 -2.12 -18.16 -44.76
C MET K 1 -1.30 -18.09 -43.48
N GLN K 2 -0.67 -19.20 -43.13
CA GLN K 2 0.20 -19.30 -41.97
C GLN K 2 1.37 -20.25 -42.23
N LYS K 3 2.56 -19.85 -41.80
CA LYS K 3 3.75 -20.71 -41.89
C LYS K 3 4.39 -20.87 -40.51
N THR K 4 4.68 -22.12 -40.15
CA THR K 4 5.27 -22.43 -38.85
C THR K 4 6.76 -22.07 -38.83
N PRO K 5 7.19 -21.28 -37.82
CA PRO K 5 8.61 -20.95 -37.63
C PRO K 5 9.54 -22.16 -37.51
N GLN K 6 10.77 -22.00 -38.00
CA GLN K 6 11.82 -23.00 -37.84
C GLN K 6 12.87 -22.43 -36.89
N ILE K 7 12.93 -22.98 -35.68
CA ILE K 7 13.82 -22.47 -34.62
C ILE K 7 15.14 -23.24 -34.62
N GLN K 8 16.24 -22.52 -34.42
CA GLN K 8 17.57 -23.13 -34.27
C GLN K 8 18.38 -22.40 -33.20
N VAL K 9 18.68 -23.11 -32.11
CA VAL K 9 19.46 -22.55 -31.00
C VAL K 9 20.90 -23.04 -31.08
N TYR K 10 21.85 -22.11 -31.06
CA TYR K 10 23.26 -22.44 -31.21
C TYR K 10 24.16 -21.32 -30.69
N SER K 11 25.41 -21.66 -30.39
CA SER K 11 26.41 -20.71 -29.90
C SER K 11 27.23 -20.16 -31.07
N ARG K 12 27.84 -18.99 -30.85
CA ARG K 12 28.71 -18.37 -31.86
C ARG K 12 29.98 -19.19 -32.04
N HIS K 13 30.78 -19.29 -30.97
CA HIS K 13 32.02 -20.05 -30.99
C HIS K 13 31.79 -21.45 -30.39
N PRO K 14 32.68 -22.40 -30.71
CA PRO K 14 32.60 -23.76 -30.14
C PRO K 14 32.47 -23.75 -28.61
N PRO K 15 31.60 -24.61 -28.06
CA PRO K 15 31.27 -24.55 -26.64
C PRO K 15 32.39 -25.05 -25.72
N GLU K 16 32.72 -24.24 -24.72
CA GLU K 16 33.67 -24.63 -23.67
C GLU K 16 33.12 -24.16 -22.33
N ASN K 17 33.07 -25.07 -21.36
CA ASN K 17 32.55 -24.75 -20.03
C ASN K 17 33.45 -23.76 -19.30
N GLY K 18 32.87 -22.64 -18.88
CA GLY K 18 33.61 -21.59 -18.17
C GLY K 18 33.92 -20.37 -19.03
N LYS K 19 34.10 -20.58 -20.33
CA LYS K 19 34.44 -19.50 -21.26
C LYS K 19 33.20 -18.68 -21.63
N PRO K 20 33.32 -17.34 -21.68
CA PRO K 20 32.20 -16.51 -22.05
C PRO K 20 31.92 -16.57 -23.56
N ASN K 21 30.64 -16.63 -23.93
CA ASN K 21 30.24 -16.75 -25.33
C ASN K 21 28.88 -16.07 -25.55
N ILE K 22 28.29 -16.25 -26.74
CA ILE K 22 26.96 -15.72 -27.05
C ILE K 22 26.08 -16.83 -27.61
N LEU K 23 24.83 -16.90 -27.13
CA LEU K 23 23.87 -17.91 -27.58
C LEU K 23 22.86 -17.30 -28.54
N ASN K 24 22.85 -17.79 -29.77
CA ASN K 24 21.96 -17.28 -30.82
C ASN K 24 20.70 -18.13 -30.96
N CYS K 25 19.56 -17.47 -31.12
CA CYS K 25 18.30 -18.14 -31.45
C CYS K 25 17.80 -17.56 -32.78
N TYR K 26 17.97 -18.34 -33.85
CA TYR K 26 17.70 -17.87 -35.21
C TYR K 26 16.37 -18.42 -35.71
N VAL K 27 15.30 -17.66 -35.48
CA VAL K 27 13.97 -18.04 -35.95
C VAL K 27 13.82 -17.65 -37.41
N THR K 28 13.25 -18.53 -38.22
CA THR K 28 13.14 -18.30 -39.66
C THR K 28 11.94 -19.01 -40.28
N GLN K 29 11.59 -18.57 -41.49
CA GLN K 29 10.55 -19.20 -42.30
C GLN K 29 9.17 -19.16 -41.65
N PHE K 30 8.69 -17.95 -41.36
CA PHE K 30 7.37 -17.76 -40.76
C PHE K 30 6.64 -16.54 -41.31
N HIS K 31 5.31 -16.57 -41.21
CA HIS K 31 4.44 -15.49 -41.66
C HIS K 31 3.09 -15.65 -40.96
N PRO K 32 2.52 -14.55 -40.41
CA PRO K 32 2.89 -13.14 -40.43
C PRO K 32 4.17 -12.79 -39.66
N PRO K 33 4.69 -11.56 -39.82
CA PRO K 33 5.93 -11.15 -39.15
C PRO K 33 5.80 -10.93 -37.64
N HIS K 34 4.61 -10.58 -37.17
CA HIS K 34 4.38 -10.37 -35.74
C HIS K 34 4.72 -11.63 -34.96
N ILE K 35 5.61 -11.50 -33.98
CA ILE K 35 6.12 -12.65 -33.23
C ILE K 35 6.74 -12.22 -31.90
N GLU K 36 6.69 -13.09 -30.91
CA GLU K 36 7.36 -12.86 -29.63
C GLU K 36 8.41 -13.94 -29.39
N ILE K 37 9.67 -13.53 -29.30
CA ILE K 37 10.79 -14.43 -29.02
C ILE K 37 11.27 -14.20 -27.60
N GLN K 38 11.68 -15.27 -26.93
CA GLN K 38 12.07 -15.21 -25.53
C GLN K 38 13.11 -16.28 -25.22
N MET K 39 14.26 -15.86 -24.67
CA MET K 39 15.34 -16.78 -24.31
C MET K 39 15.32 -17.08 -22.80
N LEU K 40 15.57 -18.33 -22.45
CA LEU K 40 15.41 -18.81 -21.08
C LEU K 40 16.66 -19.46 -20.51
N LYS K 41 16.91 -19.21 -19.23
CA LYS K 41 17.99 -19.87 -18.48
C LYS K 41 17.38 -20.67 -17.34
N ASN K 42 17.42 -22.00 -17.47
CA ASN K 42 16.86 -22.91 -16.48
C ASN K 42 15.37 -22.66 -16.17
N GLY K 43 14.61 -22.36 -17.22
CA GLY K 43 13.17 -22.10 -17.08
C GLY K 43 12.83 -20.72 -16.55
N LYS K 44 13.79 -19.79 -16.62
CA LYS K 44 13.57 -18.40 -16.23
C LYS K 44 14.03 -17.48 -17.36
N LYS K 45 13.28 -16.41 -17.59
CA LYS K 45 13.63 -15.43 -18.62
C LYS K 45 15.04 -14.89 -18.41
N ILE K 46 15.72 -14.59 -19.51
CA ILE K 46 17.00 -13.89 -19.45
C ILE K 46 16.72 -12.38 -19.45
N PRO K 47 17.44 -11.61 -18.61
CA PRO K 47 17.12 -10.19 -18.38
C PRO K 47 17.24 -9.32 -19.64
N LYS K 48 18.40 -9.35 -20.29
CA LYS K 48 18.62 -8.57 -21.51
C LYS K 48 18.94 -9.49 -22.68
N VAL K 49 18.17 -9.34 -23.76
CA VAL K 49 18.34 -10.13 -24.97
C VAL K 49 18.22 -9.22 -26.18
N GLU K 50 19.35 -9.01 -26.87
CA GLU K 50 19.40 -8.10 -28.01
C GLU K 50 18.94 -8.82 -29.28
N MET K 51 17.97 -8.23 -29.98
CA MET K 51 17.43 -8.81 -31.21
C MET K 51 17.74 -7.92 -32.41
N SER K 52 18.20 -8.54 -33.50
CA SER K 52 18.40 -7.84 -34.77
C SER K 52 17.03 -7.52 -35.38
N ASP K 53 16.98 -6.48 -36.20
CA ASP K 53 15.72 -6.06 -36.81
C ASP K 53 15.27 -7.07 -37.87
N MET K 54 13.96 -7.17 -38.06
CA MET K 54 13.37 -8.25 -38.85
C MET K 54 13.46 -8.01 -40.35
N SER K 55 13.89 -9.03 -41.08
CA SER K 55 13.94 -8.99 -42.54
C SER K 55 13.20 -10.20 -43.08
N PHE K 56 13.16 -10.33 -44.41
CA PHE K 56 12.56 -11.52 -45.04
C PHE K 56 13.40 -12.00 -46.23
N SER K 57 13.40 -13.31 -46.44
CA SER K 57 14.19 -13.94 -47.50
C SER K 57 13.46 -13.90 -48.83
N LYS K 58 14.08 -14.48 -49.86
CA LYS K 58 13.55 -14.47 -51.23
C LYS K 58 12.25 -15.27 -51.45
N ASP K 59 11.84 -16.05 -50.44
CA ASP K 59 10.57 -16.78 -50.49
C ASP K 59 9.46 -16.07 -49.70
N TRP K 60 9.61 -14.77 -49.48
CA TRP K 60 8.65 -13.93 -48.74
C TRP K 60 8.56 -14.22 -47.23
N SER K 61 9.35 -15.17 -46.74
CA SER K 61 9.27 -15.58 -45.34
C SER K 61 10.18 -14.73 -44.47
N PHE K 62 9.68 -14.35 -43.29
CA PHE K 62 10.42 -13.50 -42.37
C PHE K 62 11.43 -14.29 -41.54
N TYR K 63 12.46 -13.58 -41.06
CA TYR K 63 13.45 -14.17 -40.15
C TYR K 63 14.03 -13.12 -39.21
N ILE K 64 14.56 -13.59 -38.07
CA ILE K 64 15.12 -12.70 -37.05
C ILE K 64 16.12 -13.46 -36.19
N LEU K 65 17.13 -12.74 -35.68
CA LEU K 65 18.13 -13.31 -34.78
C LEU K 65 18.09 -12.64 -33.41
N ALA K 66 17.79 -13.44 -32.38
CA ALA K 66 17.89 -12.99 -30.99
C ALA K 66 19.15 -13.59 -30.40
N HIS K 67 19.88 -12.80 -29.62
CA HIS K 67 21.13 -13.26 -29.01
C HIS K 67 21.33 -12.66 -27.62
N THR K 68 22.25 -13.26 -26.86
CA THR K 68 22.53 -12.84 -25.50
C THR K 68 23.87 -13.37 -25.01
N GLU K 69 24.52 -12.62 -24.13
CA GLU K 69 25.78 -13.04 -23.51
C GLU K 69 25.52 -14.19 -22.54
N PHE K 70 26.39 -15.20 -22.55
CA PHE K 70 26.25 -16.32 -21.62
C PHE K 70 27.56 -17.11 -21.44
N THR K 71 27.67 -17.79 -20.31
CA THR K 71 28.77 -18.71 -20.03
C THR K 71 28.19 -20.11 -19.87
N PRO K 72 28.57 -21.05 -20.74
CA PRO K 72 28.01 -22.39 -20.62
C PRO K 72 28.60 -23.17 -19.46
N THR K 73 27.78 -24.04 -18.86
CA THR K 73 28.24 -24.92 -17.79
C THR K 73 27.68 -26.33 -18.03
N GLU K 74 28.05 -27.27 -17.17
CA GLU K 74 27.57 -28.65 -17.27
C GLU K 74 26.06 -28.73 -17.08
N THR K 75 25.57 -28.13 -16.00
CA THR K 75 24.18 -28.27 -15.57
C THR K 75 23.19 -27.41 -16.35
N ASP K 76 23.52 -26.14 -16.54
CA ASP K 76 22.58 -25.15 -17.09
C ASP K 76 22.04 -25.54 -18.47
N THR K 77 20.72 -25.63 -18.58
CA THR K 77 20.04 -25.88 -19.84
C THR K 77 19.40 -24.59 -20.35
N TYR K 78 19.86 -24.13 -21.51
CA TYR K 78 19.35 -22.91 -22.12
C TYR K 78 18.31 -23.23 -23.19
N ALA K 79 17.26 -22.42 -23.27
CA ALA K 79 16.18 -22.63 -24.23
C ALA K 79 15.78 -21.34 -24.93
N CYS K 80 14.93 -21.48 -25.95
CA CYS K 80 14.40 -20.33 -26.68
C CYS K 80 12.93 -20.57 -27.04
N ARG K 81 12.03 -19.90 -26.33
CA ARG K 81 10.59 -20.08 -26.50
C ARG K 81 10.04 -19.03 -27.46
N VAL K 82 9.21 -19.48 -28.41
CA VAL K 82 8.69 -18.60 -29.46
C VAL K 82 7.16 -18.72 -29.56
N LYS K 83 6.49 -17.58 -29.52
CA LYS K 83 5.03 -17.51 -29.63
C LYS K 83 4.63 -16.90 -30.98
N HIS K 84 3.79 -17.62 -31.72
CA HIS K 84 3.35 -17.19 -33.03
C HIS K 84 1.88 -17.56 -33.26
N ALA K 85 1.22 -16.85 -34.17
CA ALA K 85 -0.19 -17.10 -34.48
C ALA K 85 -0.40 -18.44 -35.21
N SER K 86 0.67 -19.00 -35.76
CA SER K 86 0.61 -20.27 -36.47
C SER K 86 0.31 -21.44 -35.54
N MET K 87 1.11 -21.57 -34.48
CA MET K 87 0.95 -22.67 -33.53
C MET K 87 -0.20 -22.41 -32.55
N ALA K 88 -0.69 -23.49 -31.94
CA ALA K 88 -1.71 -23.40 -30.90
C ALA K 88 -1.11 -22.97 -29.56
N GLU K 89 0.14 -23.38 -29.31
CA GLU K 89 0.86 -23.02 -28.09
C GLU K 89 2.30 -22.61 -28.40
N PRO K 90 2.99 -21.96 -27.45
CA PRO K 90 4.42 -21.66 -27.63
C PRO K 90 5.28 -22.93 -27.71
N LYS K 91 6.21 -22.96 -28.66
CA LYS K 91 7.09 -24.10 -28.88
C LYS K 91 8.48 -23.79 -28.34
N THR K 92 8.89 -24.50 -27.29
CA THR K 92 10.20 -24.32 -26.68
C THR K 92 11.24 -25.18 -27.39
N VAL K 93 12.42 -24.62 -27.62
CA VAL K 93 13.52 -25.35 -28.23
C VAL K 93 14.78 -25.19 -27.38
N TYR K 94 15.25 -26.31 -26.82
CA TYR K 94 16.42 -26.31 -25.95
C TYR K 94 17.71 -26.31 -26.75
N TRP K 95 18.73 -25.64 -26.21
CA TRP K 95 20.04 -25.58 -26.85
C TRP K 95 20.71 -26.95 -26.80
N ASP K 96 21.20 -27.41 -27.95
CA ASP K 96 21.95 -28.66 -28.03
C ASP K 96 23.42 -28.35 -28.30
N ARG K 97 24.21 -28.38 -27.24
CA ARG K 97 25.65 -28.09 -27.33
C ARG K 97 26.40 -29.18 -28.09
N ASP K 98 26.00 -30.43 -27.86
CA ASP K 98 26.63 -31.58 -28.50
C ASP K 98 26.33 -31.66 -30.00
N MET K 99 25.28 -30.96 -30.43
CA MET K 99 24.92 -30.87 -31.85
C MET K 99 26.17 -30.61 -32.69
N PHE L 1 19.99 3.16 -54.25
CA PHE L 1 18.94 4.02 -54.88
C PHE L 1 17.63 3.24 -55.00
N ALA L 2 16.67 3.57 -54.14
CA ALA L 2 15.40 2.85 -54.08
C ALA L 2 14.48 3.22 -55.23
N PRO L 3 13.57 2.30 -55.62
CA PRO L 3 12.63 2.57 -56.69
C PRO L 3 11.44 3.38 -56.22
N GLY L 4 10.83 4.14 -57.13
CA GLY L 4 9.58 4.85 -56.86
C GLY L 4 8.46 4.18 -57.63
N ASN L 5 7.53 3.54 -56.91
CA ASN L 5 6.44 2.82 -57.54
C ASN L 5 5.48 3.77 -58.27
N TYR L 6 4.87 3.30 -59.35
CA TYR L 6 4.06 4.16 -60.22
C TYR L 6 2.80 3.43 -60.69
O PRQ L 7 0.52 1.47 -59.44
C PRQ L 7 -0.21 2.40 -59.08
CAJ PRQ L 7 -0.58 3.52 -60.09
CA PRQ L 7 0.19 3.44 -61.43
N PRQ L 7 1.64 3.43 -61.18
CAK PRQ L 7 -0.22 4.63 -62.31
CAH PRQ L 7 0.69 5.66 -62.57
CAF PRQ L 7 0.33 6.75 -63.35
CAG PRQ L 7 -0.95 6.83 -63.90
CAI PRQ L 7 -1.86 5.81 -63.64
CAL PRQ L 7 -1.51 4.71 -62.85
NAN PRQ L 7 -2.41 3.76 -62.63
OAD PRQ L 7 -3.54 4.06 -61.92
OAC PRQ L 7 -2.22 2.51 -63.11
N ALA L 8 -0.86 2.16 -58.00
CA ALA L 8 -1.22 1.19 -56.92
C ALA L 8 -1.84 -0.07 -57.50
N LEU L 9 -1.72 -1.17 -56.76
CA LEU L 9 -2.30 -2.45 -57.18
C LEU L 9 -3.81 -2.32 -57.39
#